data_6XVF
#
_entry.id   6XVF
#
_cell.length_a   209.869
_cell.length_b   209.869
_cell.length_c   342.418
_cell.angle_alpha   90.000
_cell.angle_beta   90.000
_cell.angle_gamma   120.000
#
_symmetry.space_group_name_H-M   'P 65 2 2'
#
loop_
_entity.id
_entity.type
_entity.pdbx_description
1 polymer 'Cytochrome b-c1 complex subunit 1, mitochondrial'
2 polymer 'Cytochrome b-c1 complex subunit 2, mitochondrial'
3 polymer 'Cytochrome b'
4 polymer 'Cytochrome c1, heme protein, mitochondrial'
5 polymer 'Cytochrome b-c1 complex subunit Rieske, mitochondrial'
6 polymer 'Cytochrome b-c1 complex subunit 7'
7 polymer 'Cytochrome b-c1 complex subunit 8'
8 polymer 'Cytochrome b-c1 complex subunit 6, mitochondrial'
9 polymer 'Cytochrome b-c1 complex subunit Rieske, mitochondrial'
10 polymer 'Cytochrome b-c1 complex subunit 9'
11 non-polymer 'TETRAETHYLENE GLYCOL'
12 non-polymer 1,2-DIHEXANOYL-SN-GLYCERO-3-PHOSPHOETHANOLAMINE
13 non-polymer 'PHOSPHATE ION'
14 non-polymer CARDIOLIPIN
15 non-polymer 'PROTOPORPHYRIN IX CONTAINING FE'
16 non-polymer DODECYL-BETA-D-MALTOSIDE
17 non-polymer 1,2-dioleoyl-sn-glycero-3-phosphoethanolamine
18 non-polymer 2-methyl-3-[4-[4-(trifluoromethyloxy)phenoxy]phenyl]-5,6,7,8-tetrahydro-3~{H}-quinolin-4-one
19 non-polymer 'HEME C'
20 non-polymer 'FE2/S2 (INORGANIC) CLUSTER'
21 non-polymer 1,2-DIMYRISTOYL-SN-GLYCERO-3-PHOSPHOCHOLINE
22 water water
#
loop_
_entity_poly.entity_id
_entity_poly.type
_entity_poly.pdbx_seq_one_letter_code
_entity_poly.pdbx_strand_id
1 'polypeptide(L)'
;ATYAQALQSVPETQVSQLDNGLRVASEQSSQPTCTVGVWIDAGSRYESEKNNGAGYFVEHLAFKGTKNRPGNALEKEVES
MGAHLNAYSTREHTAYYIKALSKDLPKAVELLADIVQNCSLEDSQIEKERDVILQELQENDTSMRDVVFNYLHATAFQGT
PLAQSVEGPSENVRKLSRADLTEYLSRHYKAPRMVLAAAGGLEHRQLLDLAQKHFSGLSGTYDEDAVPTLSPCRFTGSQI
CHREDGLPLAHVAIAVEGPGWAHPDNVALQVANAIIGHYDCTYGGGAHLSSPLASIAATNKLCQSFQTFNICYADTGLLG
AHFVCDHMSIDDMMFVLQGQWMRLCTSATESEVLRGKNLLRNALVSHLDGTTPVCEDIGRSLLTYGRRIPLAEWESRIAE
VDARVVREVCSKYFYDQCPAVAGFGPIEQLPDYNRIRSGMFWLRF
;
A
2 'polypeptide(L)'
;QDLEFTRLPNGLVIASLENYAPASRIGLFIKAGSRYENSNNLGTSHLLRLASSLTTKGASSFKITRGIEAVGGKLSVTST
RENMAYTVECLRDDVDILMEFLLNVTTAPEFRRWEVAALQPQLRIDKAVALQNPQAHVIENLHAAAYRNALANSLYCPDY
RIGKVTPVELHDYVQNHFTSARMALIGLGVSHPVLKQVAEQFLNIRGGLGLSGAKAKYHGGEIREQNGDSLVHAALVAES
AAIGSAEANAFSVLQHVLGAGPHVKRGSNATSSLYQAVAKGVHQPFDVSAFNASYSDSGLFGFYTISQAASAGDVIKAAY
NQVKTIAQGNLSNPDVQAAKNKLKAGYLMSVESSEGFLDEVGSQALAAGSYTPPSTVLQQIDAVADADVINAAKKFVSGR
KSMAASGNLGHTPFIDEL
;
B
3 'polypeptide(L)'
;TNIRKSHPLMKIVNNAFIDLPAPSNISSWWNFGSLLGICLILQILTGLFLAMHYTSDTTTAFSSVTHICRDVNYGWIIRY
MHANGASMFFICLYMHVGRGLYYGSYTFLETWNIGVILLLTVMATAFMGYVLPWGQMSFWGATVITNLLSAIPYIGTNLV
EWIWGGFSVDKATLTRFFAFHFILPFIIMAIAMVHLLFLHETGSNNPTGISSDVDKIPFHPYYTIKDILGALLLILALML
LVLFAPDLLGDPDNYTPANPLNTPPHIKPEWYFLFAYAILRSIPNKLGGVLALAFSILILALIPLLHTSKQRSMMFRPLS
QCLFWALVADLLTLTWIGGQPVEHPYITIGQLASVLYFLLILVLMPTAGTIENKLLKW
;
C
4 'polypeptide(L)'
;DLELHPPSYPWSHRGLLSSLDHTSIRRGFQVYKQVCSSCHSMDYVAYRHLVGVCYTEDEAKALAEEVEVQDGPNEDGEMF
MRPGKLSDYFPKPYPNPEAARAANNGALPPDLSYIVRARHGGEDYVFSLLTGYCEPPTGVSLREGLYFNPYFPGQAIGMA
PPIYNEVLEFDDGTPATMSQVAKDVCTFLRWAAEPEHDHRKRMGLKMLLMMGLLLPLVYAMKRHKWSVLKSRKLAYRPP
;
D
5 'polypeptide(L)'
;SHTDIKVPDFSDYRRPEVLDSTKSSKESSEARKGFSYLVTATTTVGVAYAAKNVVSQFVSSMSASADVLAMSKIEIKLSD
IPEGKNMAFKWRGKPLFVRHRTKKEIDQEAAVEVSQLRDPQHDLERVKKPEWVILIGVCTHLGCVPIANAGDFGGYYCPC
HGSHYDASGRIRKGPAPLNLEVPSYEFTSDDMVIVG
;
E
6 'polypeptide(L)'
;RWLEGIRKWYYNAAGFNKLGLMRDDTIHENDDVKEAIRRLPENLYNDRVFRIKRALDLSMRQQILPKEQWTKYEEDKSYL
EPYLKEVIRERKEREEWAKK
;
F
7 'polypeptide(L)' RQFGHLTRVRHVITYSLSPFEQRAFPHYFSKGIPNVLRRTRACILRVAPPFVAFYLVYTWGTQEFEKSKRKNPA G
8 'polypeptide(L)' VDPLTTVREQCEQLEKCVKARERLELCDERVSSRSQTEEDCTEELLDFLHARDHCVAHKLFNSL H
9 'polypeptide(L)' AVPATSESPVLDLKRSVLCRESLRGQAAGRPLVASVSLNVPASVRY I
10 'polypeptide(L)' APTLTARLYSLLFRRTSTFALTIVVGALFFERAFDQGADAIYEHINEGKLWKHIKHKYE J
#
loop_
_chem_comp.id
_chem_comp.type
_chem_comp.name
_chem_comp.formula
6PE non-polymer 1,2-DIHEXANOYL-SN-GLYCERO-3-PHOSPHOETHANOLAMINE 'C17 H33 N O8 P -1'
CDL non-polymer CARDIOLIPIN 'C81 H156 O17 P2 -2'
FES non-polymer 'FE2/S2 (INORGANIC) CLUSTER' 'Fe2 S2'
HEC non-polymer 'HEME C' 'C34 H34 Fe N4 O4'
HEM non-polymer 'PROTOPORPHYRIN IX CONTAINING FE' 'C34 H32 Fe N4 O4'
JAG non-polymer 2-methyl-3-[4-[4-(trifluoromethyloxy)phenoxy]phenyl]-5,6,7,8-tetrahydro-3~{H}-quinolin-4-one 'C23 H20 F3 N O3'
LMT D-saccharide DODECYL-BETA-D-MALTOSIDE 'C24 H46 O11'
PEE non-polymer 1,2-dioleoyl-sn-glycero-3-phosphoethanolamine 'C41 H78 N O8 P'
PG4 non-polymer 'TETRAETHYLENE GLYCOL' 'C8 H18 O5'
PO4 non-polymer 'PHOSPHATE ION' 'O4 P -3'
PX4 non-polymer 1,2-DIMYRISTOYL-SN-GLYCERO-3-PHOSPHOCHOLINE 'C36 H73 N O8 P 1'
#
# COMPACT_ATOMS: atom_id res chain seq x y z
N ALA A 1 -38.48 -19.06 38.12
CA ALA A 1 -38.73 -18.11 37.00
C ALA A 1 -37.46 -17.84 36.15
N THR A 2 -37.29 -18.63 35.09
CA THR A 2 -36.09 -18.54 34.22
C THR A 2 -36.18 -17.47 33.13
N TYR A 3 -35.06 -17.22 32.45
CA TYR A 3 -34.95 -16.23 31.38
C TYR A 3 -35.77 -16.61 30.15
N ALA A 4 -35.66 -17.88 29.74
CA ALA A 4 -36.42 -18.42 28.62
C ALA A 4 -37.91 -18.21 28.85
N GLN A 5 -38.36 -18.52 30.07
CA GLN A 5 -39.73 -18.32 30.49
C GLN A 5 -40.13 -16.85 30.42
N ALA A 6 -39.29 -15.99 31.00
CA ALA A 6 -39.56 -14.55 31.12
C ALA A 6 -39.98 -13.92 29.82
N LEU A 7 -39.33 -14.34 28.74
CA LEU A 7 -39.60 -13.84 27.40
C LEU A 7 -41.00 -14.17 26.90
N GLN A 8 -41.52 -15.33 27.31
CA GLN A 8 -42.83 -15.80 26.86
C GLN A 8 -43.98 -14.94 27.42
N SER A 9 -43.79 -14.39 28.62
CA SER A 9 -44.81 -13.59 29.28
C SER A 9 -44.51 -12.08 29.32
N VAL A 10 -43.85 -11.59 28.27
CA VAL A 10 -43.69 -10.14 28.06
C VAL A 10 -44.95 -9.66 27.34
N PRO A 11 -45.49 -8.48 27.73
CA PRO A 11 -46.68 -7.93 27.05
C PRO A 11 -46.58 -7.87 25.52
N GLU A 12 -47.55 -8.50 24.84
CA GLU A 12 -47.66 -8.52 23.37
C GLU A 12 -48.00 -7.14 22.81
N THR A 13 -47.61 -6.88 21.56
CA THR A 13 -47.95 -5.62 20.93
C THR A 13 -49.19 -5.82 20.07
N GLN A 14 -50.16 -4.93 20.23
CA GLN A 14 -51.40 -4.97 19.47
C GLN A 14 -51.26 -4.25 18.13
N VAL A 15 -52.01 -4.71 17.13
CA VAL A 15 -51.91 -4.20 15.75
C VAL A 15 -53.29 -4.05 15.11
N SER A 16 -53.66 -2.80 14.85
CA SER A 16 -54.90 -2.48 14.12
C SER A 16 -54.60 -1.45 13.01
N GLN A 17 -55.43 -1.40 11.97
CA GLN A 17 -55.27 -0.41 10.88
C GLN A 17 -56.59 0.31 10.57
N LEU A 18 -56.52 1.61 10.28
CA LEU A 18 -57.70 2.43 9.94
C LEU A 18 -58.09 2.34 8.46
N ASP A 19 -59.26 2.88 8.13
CA ASP A 19 -59.80 2.86 6.77
C ASP A 19 -58.78 3.45 5.79
N ASN A 20 -58.26 4.63 6.10
CA ASN A 20 -57.27 5.29 5.25
C ASN A 20 -55.98 4.48 5.10
N GLY A 21 -55.63 3.74 6.16
CA GLY A 21 -54.47 2.87 6.15
C GLY A 21 -53.46 3.14 7.26
N LEU A 22 -53.80 4.04 8.18
CA LEU A 22 -52.97 4.33 9.35
C LEU A 22 -52.96 3.15 10.32
N ARG A 23 -51.77 2.70 10.65
CA ARG A 23 -51.62 1.62 11.61
C ARG A 23 -51.55 2.15 13.02
N VAL A 24 -52.28 1.48 13.89
CA VAL A 24 -52.32 1.79 15.30
C VAL A 24 -51.71 0.61 16.04
N ALA A 25 -50.69 0.92 16.84
CA ALA A 25 -49.95 -0.10 17.57
C ALA A 25 -49.73 0.33 19.01
N SER A 26 -49.78 -0.67 19.88
CA SER A 26 -49.91 -0.45 21.31
C SER A 26 -49.28 -1.58 22.12
N GLU A 27 -48.53 -1.21 23.16
CA GLU A 27 -48.12 -2.13 24.23
C GLU A 27 -48.60 -1.60 25.59
N GLN A 28 -49.25 -2.47 26.35
CA GLN A 28 -49.95 -2.11 27.58
C GLN A 28 -49.29 -2.68 28.84
N SER A 29 -49.30 -1.88 29.90
CA SER A 29 -48.95 -2.30 31.28
C SER A 29 -49.50 -1.27 32.25
N SER A 30 -49.81 -1.68 33.48
CA SER A 30 -50.33 -0.73 34.48
C SER A 30 -49.22 0.25 34.92
N GLN A 31 -49.19 1.37 34.20
CA GLN A 31 -48.19 2.42 34.34
C GLN A 31 -48.90 3.77 34.42
N PRO A 32 -48.45 4.68 35.32
CA PRO A 32 -49.08 6.00 35.50
C PRO A 32 -48.84 6.98 34.35
N THR A 33 -47.78 6.71 33.58
CA THR A 33 -47.32 7.56 32.50
C THR A 33 -47.34 6.78 31.20
N CYS A 34 -47.22 7.49 30.08
CA CYS A 34 -47.19 6.88 28.76
C CYS A 34 -46.35 7.69 27.77
N THR A 35 -46.09 7.07 26.62
CA THR A 35 -45.54 7.75 25.44
C THR A 35 -46.33 7.31 24.23
N VAL A 36 -46.70 8.29 23.41
CA VAL A 36 -47.46 8.08 22.19
C VAL A 36 -46.87 8.96 21.08
N GLY A 37 -46.88 8.47 19.84
CA GLY A 37 -46.40 9.25 18.74
C GLY A 37 -46.70 8.73 17.36
N VAL A 38 -46.35 9.55 16.37
CA VAL A 38 -46.53 9.26 14.96
C VAL A 38 -45.18 9.06 14.30
N TRP A 39 -45.00 7.89 13.68
CA TRP A 39 -43.82 7.59 12.90
C TRP A 39 -44.20 7.66 11.44
N ILE A 40 -43.29 8.15 10.61
CA ILE A 40 -43.60 8.37 9.19
C ILE A 40 -42.44 7.89 8.32
N ASP A 41 -42.74 7.12 7.28
CA ASP A 41 -41.75 6.84 6.22
C ASP A 41 -41.50 8.10 5.38
N ALA A 42 -40.68 8.99 5.92
CA ALA A 42 -40.33 10.27 5.31
C ALA A 42 -38.99 10.75 5.87
N GLY A 43 -38.16 11.33 5.02
CA GLY A 43 -36.81 11.76 5.43
C GLY A 43 -36.02 12.21 4.23
N SER A 44 -34.70 12.27 4.39
CA SER A 44 -33.83 12.79 3.32
C SER A 44 -33.79 11.92 2.06
N ARG A 45 -33.95 10.60 2.22
CA ARG A 45 -33.95 9.66 1.07
C ARG A 45 -35.10 9.92 0.11
N TYR A 46 -36.22 10.38 0.67
CA TYR A 46 -37.43 10.68 -0.09
C TYR A 46 -37.39 12.07 -0.73
N GLU A 47 -36.41 12.88 -0.31
CA GLU A 47 -36.22 14.23 -0.85
C GLU A 47 -35.38 14.19 -2.12
N SER A 48 -35.69 15.07 -3.05
CA SER A 48 -34.87 15.25 -4.25
C SER A 48 -33.81 16.27 -3.89
N GLU A 49 -32.98 16.62 -4.88
CA GLU A 49 -31.94 17.63 -4.71
C GLU A 49 -32.49 19.03 -4.47
N LYS A 50 -33.61 19.37 -5.11
CA LYS A 50 -34.16 20.71 -5.06
C LYS A 50 -34.92 20.98 -3.77
N ASN A 51 -35.39 19.92 -3.10
CA ASN A 51 -36.16 20.06 -1.86
C ASN A 51 -35.53 19.36 -0.66
N ASN A 52 -34.23 19.04 -0.76
CA ASN A 52 -33.48 18.41 0.32
C ASN A 52 -33.48 19.29 1.57
N GLY A 53 -33.74 18.67 2.72
CA GLY A 53 -33.83 19.34 4.03
C GLY A 53 -35.17 19.95 4.37
N ALA A 54 -36.17 19.63 3.54
CA ALA A 54 -37.55 20.09 3.75
C ALA A 54 -38.15 19.43 4.98
N GLY A 55 -37.98 18.11 5.10
CA GLY A 55 -38.47 17.33 6.24
C GLY A 55 -37.90 17.80 7.56
N TYR A 56 -36.65 18.26 7.49
CA TYR A 56 -35.96 18.89 8.61
C TYR A 56 -36.53 20.26 8.89
N PHE A 57 -36.76 21.06 7.82
CA PHE A 57 -37.36 22.38 7.93
C PHE A 57 -38.75 22.28 8.57
N VAL A 58 -39.54 21.31 8.13
CA VAL A 58 -40.86 21.02 8.68
C VAL A 58 -40.76 20.73 10.18
N GLU A 59 -39.83 19.85 10.56
CA GLU A 59 -39.62 19.49 11.97
C GLU A 59 -39.48 20.72 12.86
N HIS A 60 -38.76 21.73 12.41
CA HIS A 60 -38.66 23.03 13.11
C HIS A 60 -40.00 23.74 13.28
N LEU A 61 -40.83 23.66 12.25
CA LEU A 61 -42.14 24.31 12.24
C LEU A 61 -43.28 23.53 12.92
N ALA A 62 -43.08 22.23 13.15
CA ALA A 62 -44.11 21.34 13.68
C ALA A 62 -44.74 21.80 15.00
N PHE A 63 -43.91 22.26 15.93
CA PHE A 63 -44.40 22.63 17.25
C PHE A 63 -44.65 24.13 17.39
N LYS A 64 -44.67 24.85 16.27
CA LYS A 64 -44.75 26.32 16.30
C LYS A 64 -46.17 26.87 16.06
N GLY A 65 -47.15 26.01 16.30
CA GLY A 65 -48.55 26.39 16.18
C GLY A 65 -49.29 25.48 15.23
N THR A 66 -50.61 25.55 15.30
CA THR A 66 -51.50 24.82 14.40
C THR A 66 -52.62 25.78 13.99
N LYS A 67 -53.50 25.35 13.07
CA LYS A 67 -54.71 26.11 12.75
C LYS A 67 -55.64 26.20 13.96
N ASN A 68 -55.79 25.08 14.68
CA ASN A 68 -56.65 25.03 15.87
C ASN A 68 -56.03 25.70 17.10
N ARG A 69 -54.70 25.70 17.18
CA ARG A 69 -53.96 26.28 18.31
C ARG A 69 -52.81 27.16 17.78
N PRO A 70 -53.11 28.42 17.42
CA PRO A 70 -52.12 29.27 16.74
C PRO A 70 -50.99 29.70 17.66
N GLY A 71 -49.79 29.80 17.09
CA GLY A 71 -48.58 30.21 17.80
C GLY A 71 -48.22 29.31 18.96
N ASN A 72 -48.11 29.91 20.13
CA ASN A 72 -47.65 29.23 21.35
C ASN A 72 -48.75 28.51 22.13
N ALA A 73 -49.95 28.43 21.54
CA ALA A 73 -51.08 27.74 22.18
C ALA A 73 -50.82 26.24 22.28
N LEU A 74 -50.29 25.65 21.20
CA LEU A 74 -49.90 24.23 21.19
C LEU A 74 -48.86 23.96 22.26
N GLU A 75 -47.83 24.82 22.26
CA GLU A 75 -46.74 24.80 23.24
C GLU A 75 -47.24 24.88 24.68
N LYS A 76 -48.07 25.89 24.96
CA LYS A 76 -48.64 26.15 26.30
C LYS A 76 -49.40 24.96 26.86
N GLU A 77 -50.21 24.32 26.01
CA GLU A 77 -51.09 23.24 26.43
C GLU A 77 -50.31 21.98 26.82
N VAL A 78 -49.24 21.70 26.08
CA VAL A 78 -48.32 20.59 26.36
C VAL A 78 -47.66 20.82 27.72
N GLU A 79 -47.12 22.03 27.89
CA GLU A 79 -46.41 22.42 29.10
C GLU A 79 -47.27 22.37 30.36
N SER A 80 -48.49 22.88 30.27
CA SER A 80 -49.36 23.03 31.43
C SER A 80 -49.95 21.70 31.94
N MET A 81 -49.96 20.67 31.10
CA MET A 81 -50.40 19.34 31.53
C MET A 81 -49.23 18.41 31.88
N GLY A 82 -48.03 18.98 31.95
CA GLY A 82 -46.81 18.25 32.29
C GLY A 82 -46.30 17.32 31.21
N ALA A 83 -46.86 17.45 30.00
CA ALA A 83 -46.46 16.64 28.87
C ALA A 83 -45.12 17.11 28.30
N HIS A 84 -44.44 16.20 27.60
CA HIS A 84 -43.16 16.48 26.96
C HIS A 84 -43.24 16.12 25.49
N LEU A 85 -43.05 17.13 24.64
CA LEU A 85 -43.23 16.99 23.19
C LEU A 85 -41.90 17.02 22.47
N ASN A 86 -41.68 16.03 21.61
CA ASN A 86 -40.39 15.84 20.92
C ASN A 86 -40.47 15.26 19.50
N ALA A 87 -39.46 15.55 18.69
CA ALA A 87 -39.38 15.09 17.32
C ALA A 87 -37.97 14.73 16.88
N TYR A 88 -37.84 13.85 15.89
CA TYR A 88 -36.57 13.59 15.23
C TYR A 88 -36.75 13.20 13.75
N SER A 89 -35.68 13.32 12.97
CA SER A 89 -35.70 13.04 11.54
C SER A 89 -34.42 12.33 11.09
N THR A 90 -34.57 11.09 10.64
CA THR A 90 -33.46 10.31 10.03
C THR A 90 -33.57 10.41 8.50
N ARG A 91 -32.68 9.72 7.78
CA ARG A 91 -32.75 9.72 6.31
C ARG A 91 -34.02 9.04 5.74
N GLU A 92 -34.64 8.20 6.55
CA GLU A 92 -35.84 7.47 6.15
C GLU A 92 -37.03 7.71 7.07
N HIS A 93 -36.79 8.27 8.25
CA HIS A 93 -37.86 8.36 9.26
C HIS A 93 -37.99 9.67 9.97
N THR A 94 -39.14 10.31 9.80
CA THR A 94 -39.56 11.45 10.60
C THR A 94 -40.48 10.93 11.71
N ALA A 95 -40.34 11.44 12.94
CA ALA A 95 -41.17 10.99 14.09
C ALA A 95 -41.46 12.06 15.13
N TYR A 96 -42.74 12.24 15.47
CA TYR A 96 -43.19 13.16 16.52
C TYR A 96 -43.91 12.37 17.58
N TYR A 97 -43.56 12.62 18.83
CA TYR A 97 -44.10 11.87 19.95
C TYR A 97 -44.20 12.72 21.20
N ILE A 98 -45.08 12.29 22.10
CA ILE A 98 -45.40 13.02 23.31
C ILE A 98 -45.40 12.07 24.51
N LYS A 99 -44.70 12.48 25.57
CA LYS A 99 -44.70 11.78 26.86
C LYS A 99 -45.67 12.49 27.77
N ALA A 100 -46.70 11.77 28.21
CA ALA A 100 -47.78 12.38 29.00
C ALA A 100 -48.25 11.48 30.15
N LEU A 101 -49.05 12.05 31.04
CA LEU A 101 -49.70 11.25 32.06
C LEU A 101 -50.71 10.36 31.38
N SER A 102 -50.88 9.14 31.89
CA SER A 102 -51.73 8.13 31.24
C SER A 102 -53.16 8.60 31.03
N LYS A 103 -53.73 9.24 32.07
CA LYS A 103 -55.06 9.86 32.02
C LYS A 103 -55.21 10.91 30.91
N ASP A 104 -54.10 11.55 30.52
CA ASP A 104 -54.09 12.60 29.50
C ASP A 104 -53.89 12.10 28.06
N LEU A 105 -53.93 10.78 27.86
CA LEU A 105 -53.73 10.17 26.52
C LEU A 105 -54.69 10.67 25.42
N PRO A 106 -56.01 10.84 25.73
CA PRO A 106 -56.92 11.46 24.76
C PRO A 106 -56.42 12.79 24.20
N LYS A 107 -56.10 13.73 25.09
CA LYS A 107 -55.57 15.03 24.67
C LYS A 107 -54.20 14.89 23.98
N ALA A 108 -53.39 13.96 24.47
CA ALA A 108 -52.10 13.64 23.87
C ALA A 108 -52.25 13.25 22.39
N VAL A 109 -53.17 12.31 22.11
CA VAL A 109 -53.40 11.83 20.74
C VAL A 109 -53.96 12.96 19.87
N GLU A 110 -54.85 13.75 20.45
CA GLU A 110 -55.45 14.93 19.82
C GLU A 110 -54.40 15.96 19.36
N LEU A 111 -53.44 16.25 20.24
CA LEU A 111 -52.40 17.23 19.96
C LEU A 111 -51.43 16.80 18.87
N LEU A 112 -51.06 15.51 18.88
CA LEU A 112 -50.23 14.91 17.83
C LEU A 112 -50.89 15.06 16.48
N ALA A 113 -52.18 14.75 16.44
CA ALA A 113 -53.01 14.87 15.25
C ALA A 113 -53.06 16.30 14.74
N ASP A 114 -53.18 17.24 15.67
CA ASP A 114 -53.21 18.65 15.33
C ASP A 114 -51.87 19.15 14.76
N ILE A 115 -50.76 18.61 15.27
CA ILE A 115 -49.41 18.96 14.80
C ILE A 115 -49.20 18.50 13.36
N VAL A 116 -49.46 17.21 13.12
CA VAL A 116 -49.20 16.56 11.84
C VAL A 116 -50.05 17.24 10.76
N GLN A 117 -51.37 17.22 10.97
CA GLN A 117 -52.34 17.62 9.94
C GLN A 117 -52.50 19.12 9.75
N ASN A 118 -52.63 19.86 10.85
CA ASN A 118 -53.02 21.27 10.80
C ASN A 118 -51.87 22.25 11.12
N CYS A 119 -50.68 21.89 10.66
CA CYS A 119 -49.46 22.64 10.92
C CYS A 119 -49.47 24.03 10.28
N SER A 120 -49.42 25.07 11.12
CA SER A 120 -49.48 26.48 10.68
C SER A 120 -48.57 26.87 9.51
N LEU A 121 -47.26 26.69 9.67
CA LEU A 121 -46.25 27.09 8.68
C LEU A 121 -46.37 28.58 8.27
N GLU A 122 -46.34 29.46 9.28
CA GLU A 122 -46.52 30.92 9.14
C GLU A 122 -45.37 31.56 8.38
N ASP A 123 -45.64 32.63 7.63
CA ASP A 123 -44.62 33.33 6.85
C ASP A 123 -43.43 33.82 7.69
N SER A 124 -43.73 34.56 8.76
CA SER A 124 -42.71 35.08 9.68
C SER A 124 -42.01 33.94 10.42
N GLN A 125 -42.77 32.91 10.77
CA GLN A 125 -42.23 31.73 11.46
C GLN A 125 -41.26 30.93 10.59
N ILE A 126 -41.53 30.88 9.29
CA ILE A 126 -40.61 30.28 8.33
C ILE A 126 -39.30 31.06 8.29
N GLU A 127 -39.39 32.38 8.11
CA GLU A 127 -38.20 33.25 8.03
C GLU A 127 -37.37 33.25 9.32
N LYS A 128 -38.04 33.03 10.45
CA LYS A 128 -37.38 32.86 11.77
C LYS A 128 -36.62 31.54 11.81
N GLU A 129 -37.33 30.45 11.50
CA GLU A 129 -36.77 29.10 11.56
C GLU A 129 -35.75 28.83 10.46
N ARG A 130 -35.68 29.72 9.48
CA ARG A 130 -34.66 29.71 8.44
C ARG A 130 -33.25 29.98 9.00
N ASP A 131 -33.12 31.07 9.77
CA ASP A 131 -31.86 31.48 10.40
C ASP A 131 -31.43 30.49 11.47
N VAL A 132 -32.42 29.90 12.14
CA VAL A 132 -32.19 28.90 13.20
C VAL A 132 -31.45 27.69 12.63
N ILE A 133 -31.94 27.19 11.49
CA ILE A 133 -31.33 26.04 10.83
C ILE A 133 -29.92 26.37 10.37
N LEU A 134 -29.75 27.57 9.81
CA LEU A 134 -28.43 28.03 9.36
C LEU A 134 -27.40 28.06 10.48
N GLN A 135 -27.83 28.44 11.68
CA GLN A 135 -26.95 28.39 12.83
C GLN A 135 -26.73 26.98 13.37
N GLU A 136 -27.72 26.10 13.23
CA GLU A 136 -27.57 24.68 13.61
C GLU A 136 -26.58 24.00 12.67
N LEU A 137 -26.64 24.36 11.39
CA LEU A 137 -25.71 23.88 10.37
C LEU A 137 -24.28 24.25 10.68
N GLN A 138 -24.10 25.44 11.26
CA GLN A 138 -22.80 25.93 11.70
C GLN A 138 -22.31 25.20 12.95
N GLU A 139 -23.21 25.00 13.91
CA GLU A 139 -22.91 24.19 15.10
C GLU A 139 -22.49 22.80 14.68
N ASN A 140 -23.26 22.19 13.78
CA ASN A 140 -22.97 20.85 13.26
C ASN A 140 -21.60 20.72 12.58
N ASP A 141 -21.10 21.80 11.99
CA ASP A 141 -19.75 21.81 11.42
C ASP A 141 -18.67 21.60 12.49
N THR A 142 -18.99 21.93 13.75
CA THR A 142 -18.02 21.76 14.85
C THR A 142 -18.06 20.38 15.50
N SER A 143 -19.06 19.59 15.13
CA SER A 143 -19.16 18.22 15.59
C SER A 143 -18.54 17.30 14.57
N MET A 144 -17.31 16.89 14.84
CA MET A 144 -16.53 16.05 13.93
C MET A 144 -17.17 14.70 13.68
N ARG A 145 -17.83 14.14 14.72
CA ARG A 145 -18.59 12.91 14.61
C ARG A 145 -19.71 13.04 13.55
N ASP A 146 -20.56 14.05 13.70
CA ASP A 146 -21.62 14.35 12.74
C ASP A 146 -21.07 14.54 11.33
N VAL A 147 -19.99 15.32 11.21
CA VAL A 147 -19.36 15.64 9.93
C VAL A 147 -18.84 14.39 9.21
N VAL A 148 -18.12 13.54 9.94
CA VAL A 148 -17.51 12.34 9.35
C VAL A 148 -18.57 11.34 8.88
N PHE A 149 -19.69 11.26 9.61
CA PHE A 149 -20.77 10.34 9.25
C PHE A 149 -21.55 10.82 8.05
N ASN A 150 -21.83 12.13 8.01
CA ASN A 150 -22.39 12.75 6.82
C ASN A 150 -21.52 12.50 5.59
N TYR A 151 -20.20 12.61 5.78
CA TYR A 151 -19.24 12.30 4.73
C TYR A 151 -19.28 10.82 4.30
N LEU A 152 -19.40 9.91 5.28
CA LEU A 152 -19.48 8.47 5.01
C LEU A 152 -20.63 8.15 4.06
N HIS A 153 -21.83 8.60 4.41
CA HIS A 153 -23.02 8.46 3.57
C HIS A 153 -22.83 9.09 2.19
N ALA A 154 -22.29 10.32 2.19
CA ALA A 154 -22.10 11.12 0.97
C ALA A 154 -21.23 10.42 -0.05
N THR A 155 -20.21 9.71 0.43
CA THR A 155 -19.31 8.94 -0.43
C THR A 155 -19.82 7.53 -0.66
N ALA A 156 -20.36 6.90 0.38
CA ALA A 156 -20.86 5.52 0.30
C ALA A 156 -21.99 5.38 -0.72
N PHE A 157 -23.00 6.25 -0.58
CA PHE A 157 -24.17 6.24 -1.45
C PHE A 157 -24.18 7.39 -2.44
N GLN A 158 -23.00 7.72 -2.96
CA GLN A 158 -22.81 8.85 -3.89
C GLN A 158 -23.69 8.75 -5.13
N GLY A 159 -24.20 9.91 -5.54
CA GLY A 159 -25.08 10.01 -6.70
C GLY A 159 -26.49 9.46 -6.49
N THR A 160 -26.91 9.35 -5.23
CA THR A 160 -28.25 8.89 -4.90
C THR A 160 -28.83 9.83 -3.84
N PRO A 161 -30.11 9.63 -3.47
CA PRO A 161 -30.70 10.33 -2.32
C PRO A 161 -30.17 9.93 -0.94
N LEU A 162 -29.53 8.76 -0.81
CA LEU A 162 -28.89 8.41 0.47
C LEU A 162 -27.60 9.19 0.76
N ALA A 163 -26.91 9.67 -0.27
CA ALA A 163 -25.75 10.55 -0.10
C ALA A 163 -26.13 11.87 0.59
N GLN A 164 -27.40 12.26 0.48
CA GLN A 164 -27.91 13.52 1.02
C GLN A 164 -27.95 13.54 2.53
N SER A 165 -27.54 14.67 3.08
CA SER A 165 -27.66 14.98 4.51
C SER A 165 -29.11 15.29 4.85
N VAL A 166 -29.48 15.00 6.10
CA VAL A 166 -30.86 15.18 6.59
C VAL A 166 -31.24 16.68 6.59
N GLU A 167 -30.26 17.52 6.93
CA GLU A 167 -30.51 18.95 7.12
C GLU A 167 -30.55 19.70 5.80
N GLY A 168 -29.93 19.15 4.76
CA GLY A 168 -29.90 19.77 3.43
C GLY A 168 -28.80 20.81 3.31
N PRO A 169 -28.41 21.16 2.05
CA PRO A 169 -27.36 22.16 1.90
C PRO A 169 -27.90 23.54 2.25
N SER A 170 -27.00 24.44 2.66
CA SER A 170 -27.35 25.79 3.12
C SER A 170 -28.15 26.57 2.06
N GLU A 171 -27.77 26.34 0.80
CA GLU A 171 -28.47 26.85 -0.38
C GLU A 171 -29.97 26.60 -0.33
N ASN A 172 -30.37 25.36 -0.06
CA ASN A 172 -31.77 24.95 0.06
C ASN A 172 -32.47 25.57 1.26
N VAL A 173 -31.79 25.60 2.41
CA VAL A 173 -32.35 26.17 3.63
C VAL A 173 -32.69 27.64 3.41
N ARG A 174 -31.79 28.35 2.73
CA ARG A 174 -31.96 29.77 2.48
C ARG A 174 -33.05 30.10 1.46
N LYS A 175 -33.40 29.13 0.59
CA LYS A 175 -34.34 29.35 -0.52
C LYS A 175 -35.72 28.68 -0.43
N LEU A 176 -35.83 27.57 0.30
CA LEU A 176 -37.09 26.80 0.43
C LEU A 176 -38.29 27.67 0.86
N SER A 177 -39.25 27.82 -0.04
CA SER A 177 -40.47 28.57 0.24
C SER A 177 -41.52 27.68 0.91
N ARG A 178 -42.61 28.30 1.36
CA ARG A 178 -43.70 27.59 2.04
C ARG A 178 -44.47 26.65 1.11
N ALA A 179 -44.43 26.98 -0.19
CA ALA A 179 -44.97 26.15 -1.26
C ALA A 179 -44.28 24.79 -1.31
N ASP A 180 -42.95 24.79 -1.17
CA ASP A 180 -42.14 23.57 -1.16
C ASP A 180 -42.48 22.66 0.01
N LEU A 181 -42.68 23.28 1.18
CA LEU A 181 -42.93 22.57 2.44
C LEU A 181 -44.26 21.85 2.45
N THR A 182 -45.30 22.56 1.98
CA THR A 182 -46.67 22.03 1.93
C THR A 182 -46.82 20.96 0.85
N GLU A 183 -46.07 21.10 -0.24
CA GLU A 183 -46.07 20.11 -1.31
C GLU A 183 -45.39 18.83 -0.84
N TYR A 184 -44.25 18.99 -0.17
CA TYR A 184 -43.52 17.88 0.46
C TYR A 184 -44.43 17.11 1.42
N LEU A 185 -45.21 17.83 2.22
CA LEU A 185 -46.05 17.25 3.27
C LEU A 185 -47.14 16.35 2.72
N SER A 186 -47.93 16.90 1.80
CA SER A 186 -49.07 16.18 1.23
C SER A 186 -48.65 14.96 0.39
N ARG A 187 -47.42 15.00 -0.15
CA ARG A 187 -46.84 13.88 -0.93
C ARG A 187 -46.40 12.71 -0.05
N HIS A 188 -45.77 13.02 1.10
CA HIS A 188 -45.13 11.99 1.94
C HIS A 188 -45.87 11.60 3.21
N TYR A 189 -46.59 12.55 3.81
CA TYR A 189 -47.35 12.32 5.06
C TYR A 189 -48.71 11.72 4.73
N LYS A 190 -48.75 10.42 4.51
CA LYS A 190 -49.98 9.71 4.14
C LYS A 190 -50.20 8.56 5.10
N ALA A 191 -51.45 8.29 5.42
CA ALA A 191 -51.85 7.21 6.35
C ALA A 191 -51.13 5.85 6.17
N PRO A 192 -51.05 5.30 4.92
CA PRO A 192 -50.31 4.03 4.82
C PRO A 192 -48.78 4.12 5.06
N ARG A 193 -48.21 5.31 4.93
CA ARG A 193 -46.78 5.53 5.24
C ARG A 193 -46.60 6.06 6.68
N MET A 194 -47.62 5.88 7.53
CA MET A 194 -47.63 6.39 8.92
C MET A 194 -48.09 5.35 9.94
N VAL A 195 -47.56 5.45 11.15
CA VAL A 195 -47.92 4.55 12.28
C VAL A 195 -48.09 5.37 13.56
N LEU A 196 -49.22 5.15 14.23
CA LEU A 196 -49.45 5.71 15.56
C LEU A 196 -49.10 4.66 16.61
N ALA A 197 -48.05 4.95 17.36
CA ALA A 197 -47.54 4.03 18.37
C ALA A 197 -47.77 4.58 19.75
N ALA A 198 -48.04 3.70 20.71
CA ALA A 198 -48.18 4.11 22.10
C ALA A 198 -47.79 3.03 23.07
N ALA A 199 -47.26 3.44 24.21
CA ALA A 199 -46.85 2.54 25.28
C ALA A 199 -47.05 3.19 26.63
N GLY A 200 -47.35 2.36 27.63
CA GLY A 200 -47.69 2.80 28.98
C GLY A 200 -49.00 2.20 29.44
N GLY A 201 -49.65 2.90 30.37
CA GLY A 201 -50.94 2.50 30.90
C GLY A 201 -52.06 2.91 29.97
N LEU A 202 -52.46 1.97 29.11
CA LEU A 202 -53.55 2.21 28.18
C LEU A 202 -54.15 0.93 27.61
N GLU A 203 -55.45 1.01 27.33
CA GLU A 203 -56.19 0.00 26.61
C GLU A 203 -56.03 0.27 25.11
N HIS A 204 -55.58 -0.75 24.37
CA HIS A 204 -55.34 -0.61 22.92
C HIS A 204 -56.57 -0.10 22.16
N ARG A 205 -57.71 -0.64 22.55
CA ARG A 205 -59.02 -0.29 22.01
C ARG A 205 -59.28 1.20 22.04
N GLN A 206 -58.91 1.85 23.14
CA GLN A 206 -59.08 3.30 23.33
C GLN A 206 -58.23 4.11 22.36
N LEU A 207 -56.97 3.69 22.18
CA LEU A 207 -56.05 4.37 21.26
C LEU A 207 -56.63 4.36 19.85
N LEU A 208 -57.08 3.19 19.42
CA LEU A 208 -57.65 2.99 18.09
C LEU A 208 -58.84 3.91 17.83
N ASP A 209 -59.68 4.07 18.85
CA ASP A 209 -60.82 4.97 18.76
C ASP A 209 -60.41 6.43 18.76
N LEU A 210 -59.36 6.76 19.50
CA LEU A 210 -58.82 8.12 19.47
C LEU A 210 -58.18 8.45 18.12
N ALA A 211 -57.59 7.44 17.49
CA ALA A 211 -57.02 7.54 16.14
C ALA A 211 -58.09 7.86 15.12
N GLN A 212 -59.22 7.16 15.20
CA GLN A 212 -60.42 7.43 14.42
C GLN A 212 -60.80 8.91 14.55
N LYS A 213 -60.98 9.37 15.79
CA LYS A 213 -61.47 10.71 16.09
C LYS A 213 -60.64 11.85 15.47
N HIS A 214 -59.32 11.68 15.42
CA HIS A 214 -58.44 12.80 15.05
C HIS A 214 -57.61 12.57 13.80
N PHE A 215 -57.28 11.30 13.52
CA PHE A 215 -56.46 10.95 12.35
C PHE A 215 -57.25 10.39 11.16
N SER A 216 -58.58 10.53 11.17
CA SER A 216 -59.40 10.02 10.06
C SER A 216 -59.22 10.79 8.77
N GLY A 217 -58.91 12.08 8.90
CA GLY A 217 -58.71 12.98 7.76
C GLY A 217 -57.45 12.76 6.95
N LEU A 218 -56.50 12.06 7.55
CA LEU A 218 -55.25 11.67 6.92
C LEU A 218 -55.50 10.98 5.58
N SER A 219 -54.87 11.47 4.53
CA SER A 219 -55.01 10.97 3.15
C SER A 219 -54.52 9.56 2.96
N GLY A 220 -54.77 9.01 1.77
CA GLY A 220 -54.24 7.71 1.34
C GLY A 220 -54.03 7.63 -0.18
N PRO A 228 -44.70 7.31 -4.37
CA PRO A 228 -43.29 7.63 -4.13
C PRO A 228 -42.51 6.43 -3.58
N THR A 229 -42.11 5.52 -4.47
CA THR A 229 -41.29 4.36 -4.11
C THR A 229 -39.82 4.75 -4.11
N LEU A 230 -39.09 4.24 -3.12
CA LEU A 230 -37.64 4.38 -3.03
C LEU A 230 -36.93 3.50 -4.06
N SER A 231 -36.07 4.14 -4.85
CA SER A 231 -35.13 3.41 -5.69
C SER A 231 -34.06 2.79 -4.79
N PRO A 232 -33.48 1.63 -5.21
CA PRO A 232 -32.34 1.10 -4.46
C PRO A 232 -31.18 2.08 -4.50
N CYS A 233 -30.24 1.94 -3.56
CA CYS A 233 -29.08 2.81 -3.55
C CYS A 233 -27.77 2.08 -3.80
N ARG A 234 -27.06 2.58 -4.81
CA ARG A 234 -25.77 2.06 -5.24
C ARG A 234 -24.69 2.43 -4.23
N PHE A 235 -24.13 1.40 -3.61
CA PHE A 235 -22.97 1.58 -2.76
C PHE A 235 -21.74 1.67 -3.64
N THR A 236 -20.83 2.57 -3.25
CA THR A 236 -19.55 2.71 -3.94
C THR A 236 -18.38 2.60 -2.96
N GLY A 237 -17.41 1.75 -3.31
CA GLY A 237 -16.12 1.68 -2.63
C GLY A 237 -15.38 2.97 -2.92
N SER A 238 -15.30 3.83 -1.92
CA SER A 238 -14.82 5.20 -2.12
C SER A 238 -14.23 5.76 -0.83
N GLN A 239 -13.56 6.89 -0.96
CA GLN A 239 -12.90 7.58 0.14
C GLN A 239 -13.21 9.08 0.05
N ILE A 240 -13.51 9.69 1.19
CA ILE A 240 -13.58 11.14 1.30
C ILE A 240 -12.68 11.55 2.44
N CYS A 241 -11.67 12.38 2.11
CA CYS A 241 -10.64 12.78 3.05
C CYS A 241 -10.55 14.27 3.18
N HIS A 242 -11.22 14.78 4.21
CA HIS A 242 -11.16 16.18 4.56
C HIS A 242 -10.00 16.34 5.52
N ARG A 243 -8.89 16.82 4.97
CA ARG A 243 -7.65 17.01 5.70
C ARG A 243 -7.72 18.39 6.33
N GLU A 244 -7.65 18.40 7.65
CA GLU A 244 -7.66 19.63 8.43
C GLU A 244 -6.77 19.47 9.69
N ASP A 245 -5.47 19.73 9.48
CA ASP A 245 -4.43 19.56 10.49
C ASP A 245 -4.61 20.46 11.72
N GLY A 246 -5.38 21.53 11.55
CA GLY A 246 -5.66 22.47 12.64
C GLY A 246 -6.48 21.92 13.81
N LEU A 247 -7.23 20.85 13.55
CA LEU A 247 -8.03 20.18 14.58
C LEU A 247 -7.21 19.17 15.37
N PRO A 248 -7.50 18.99 16.67
CA PRO A 248 -6.54 18.26 17.47
C PRO A 248 -6.64 16.72 17.42
N LEU A 249 -7.84 16.18 17.15
CA LEU A 249 -7.98 14.72 16.94
C LEU A 249 -8.63 14.32 15.62
N ALA A 250 -8.24 13.16 15.10
CA ALA A 250 -8.71 12.69 13.81
C ALA A 250 -9.93 11.81 13.97
N HIS A 251 -10.93 12.04 13.13
CA HIS A 251 -12.11 11.18 13.06
C HIS A 251 -12.07 10.35 11.80
N VAL A 252 -12.21 9.05 11.94
CA VAL A 252 -12.25 8.13 10.80
C VAL A 252 -13.51 7.28 10.93
N ALA A 253 -14.26 7.18 9.83
CA ALA A 253 -15.39 6.28 9.74
C ALA A 253 -15.26 5.40 8.49
N ILE A 254 -15.32 4.08 8.70
CA ILE A 254 -15.18 3.07 7.63
C ILE A 254 -16.31 2.05 7.68
N ALA A 255 -16.87 1.72 6.51
CA ALA A 255 -17.95 0.74 6.40
C ALA A 255 -18.04 0.04 5.05
N VAL A 256 -18.50 -1.21 5.08
CA VAL A 256 -18.89 -1.97 3.89
C VAL A 256 -20.40 -1.88 3.74
N GLU A 257 -20.93 -2.29 2.58
CA GLU A 257 -22.37 -2.27 2.35
C GLU A 257 -23.08 -3.34 3.19
N GLY A 258 -23.98 -2.86 4.03
CA GLY A 258 -24.81 -3.72 4.87
C GLY A 258 -26.06 -4.18 4.15
N PRO A 259 -26.80 -5.15 4.74
CA PRO A 259 -27.93 -5.77 4.05
C PRO A 259 -29.24 -4.95 4.05
N GLY A 260 -29.45 -4.13 5.07
CA GLY A 260 -30.68 -3.38 5.17
C GLY A 260 -31.72 -4.07 6.03
N TRP A 261 -32.73 -3.30 6.44
CA TRP A 261 -33.66 -3.63 7.53
C TRP A 261 -34.11 -5.10 7.58
N ALA A 262 -34.68 -5.56 6.48
CA ALA A 262 -35.39 -6.84 6.40
C ALA A 262 -34.53 -8.08 6.71
N HIS A 263 -33.29 -8.04 6.25
CA HIS A 263 -32.45 -9.23 6.14
C HIS A 263 -32.08 -9.87 7.49
N PRO A 264 -32.26 -11.20 7.62
CA PRO A 264 -31.99 -11.96 8.87
C PRO A 264 -30.53 -11.94 9.32
N ASP A 265 -29.61 -11.90 8.35
CA ASP A 265 -28.18 -11.74 8.60
C ASP A 265 -27.83 -10.61 9.57
N ASN A 266 -28.68 -9.58 9.64
CA ASN A 266 -28.52 -8.46 10.59
C ASN A 266 -28.32 -8.92 12.03
N VAL A 267 -29.06 -9.95 12.46
CA VAL A 267 -28.92 -10.55 13.81
C VAL A 267 -27.50 -11.10 14.04
N ALA A 268 -27.00 -11.92 13.12
CA ALA A 268 -25.63 -12.46 13.18
C ALA A 268 -24.56 -11.36 13.12
N LEU A 269 -24.81 -10.33 12.31
CA LEU A 269 -23.92 -9.17 12.22
C LEU A 269 -23.87 -8.34 13.50
N GLN A 270 -25.00 -8.24 14.19
CA GLN A 270 -25.05 -7.61 15.50
C GLN A 270 -24.23 -8.39 16.52
N VAL A 271 -24.30 -9.73 16.47
CA VAL A 271 -23.49 -10.61 17.34
C VAL A 271 -22.00 -10.38 17.11
N ALA A 272 -21.62 -10.30 15.84
CA ALA A 272 -20.23 -10.04 15.46
C ALA A 272 -19.76 -8.65 15.91
N ASN A 273 -20.59 -7.64 15.68
CA ASN A 273 -20.33 -6.26 16.14
C ASN A 273 -20.24 -6.12 17.66
N ALA A 274 -21.00 -6.95 18.38
CA ALA A 274 -20.92 -7.02 19.84
C ALA A 274 -19.59 -7.60 20.30
N ILE A 275 -19.05 -8.59 19.56
CA ILE A 275 -17.74 -9.21 19.89
C ILE A 275 -16.66 -8.14 19.89
N ILE A 276 -16.55 -7.43 18.77
CA ILE A 276 -15.60 -6.34 18.60
C ILE A 276 -15.98 -5.17 19.55
N GLY A 277 -17.28 -4.86 19.60
CA GLY A 277 -17.83 -3.94 20.59
C GLY A 277 -17.49 -2.48 20.40
N HIS A 278 -17.20 -1.82 21.52
CA HIS A 278 -16.92 -0.40 21.55
C HIS A 278 -16.04 -0.07 22.76
N TYR A 279 -15.42 1.11 22.73
CA TYR A 279 -14.49 1.56 23.75
C TYR A 279 -14.36 3.06 23.75
N ASP A 280 -14.11 3.63 24.92
CA ASP A 280 -13.50 4.96 25.04
C ASP A 280 -12.61 5.05 26.29
N CYS A 281 -11.93 6.18 26.45
CA CYS A 281 -10.88 6.34 27.46
C CYS A 281 -11.35 6.32 28.92
N THR A 282 -12.65 6.40 29.13
CA THR A 282 -13.22 6.39 30.48
C THR A 282 -13.74 5.01 30.91
N TYR A 283 -13.58 4.00 30.05
CA TYR A 283 -14.03 2.64 30.34
C TYR A 283 -13.19 1.96 31.39
N GLY A 284 -13.86 1.25 32.30
CA GLY A 284 -13.24 0.60 33.44
C GLY A 284 -12.35 -0.58 33.11
N GLY A 285 -12.68 -1.28 32.03
CA GLY A 285 -12.00 -2.52 31.65
C GLY A 285 -10.50 -2.47 31.38
N GLY A 286 -10.07 -1.60 30.46
CA GLY A 286 -8.67 -1.50 30.06
C GLY A 286 -8.17 -2.77 29.40
N ALA A 287 -7.01 -3.26 29.87
CA ALA A 287 -6.30 -4.42 29.31
C ALA A 287 -7.10 -5.71 29.38
N HIS A 288 -7.88 -5.82 30.45
CA HIS A 288 -8.64 -7.03 30.77
C HIS A 288 -9.98 -7.10 30.01
N LEU A 289 -10.28 -6.08 29.20
CA LEU A 289 -11.48 -6.05 28.35
C LEU A 289 -11.49 -7.25 27.43
N SER A 290 -12.71 -7.73 27.16
CA SER A 290 -12.90 -8.98 26.47
C SER A 290 -12.60 -8.86 24.99
N SER A 291 -13.09 -7.78 24.36
CA SER A 291 -12.78 -7.44 22.97
C SER A 291 -11.27 -7.27 22.81
N PRO A 292 -10.67 -8.06 21.92
CA PRO A 292 -9.25 -7.84 21.60
C PRO A 292 -8.96 -6.43 21.05
N LEU A 293 -9.86 -5.87 20.22
CA LEU A 293 -9.67 -4.51 19.71
C LEU A 293 -9.61 -3.50 20.85
N ALA A 294 -10.51 -3.65 21.82
CA ALA A 294 -10.59 -2.73 22.93
C ALA A 294 -9.38 -2.83 23.85
N SER A 295 -8.99 -4.05 24.19
CA SER A 295 -7.85 -4.28 25.09
C SER A 295 -6.52 -3.79 24.49
N ILE A 296 -6.34 -4.01 23.19
CA ILE A 296 -5.16 -3.52 22.45
C ILE A 296 -5.17 -2.01 22.33
N ALA A 297 -6.35 -1.47 21.99
CA ALA A 297 -6.55 -0.02 21.89
C ALA A 297 -6.32 0.67 23.24
N ALA A 298 -6.77 0.05 24.33
CA ALA A 298 -6.61 0.59 25.68
C ALA A 298 -5.16 0.55 26.13
N THR A 299 -4.49 -0.60 26.00
CA THR A 299 -3.13 -0.75 26.50
C THR A 299 -2.12 0.07 25.72
N ASN A 300 -2.33 0.24 24.42
CA ASN A 300 -1.37 0.99 23.61
C ASN A 300 -1.81 2.41 23.33
N LYS A 301 -2.92 2.81 23.96
CA LYS A 301 -3.51 4.14 23.77
C LYS A 301 -3.61 4.53 22.28
N LEU A 302 -4.08 3.58 21.47
CA LEU A 302 -4.26 3.79 20.05
C LEU A 302 -5.32 4.87 19.82
N CYS A 303 -6.51 4.67 20.36
CA CYS A 303 -7.58 5.63 20.17
C CYS A 303 -8.10 6.21 21.47
N GLN A 304 -8.85 7.31 21.34
CA GLN A 304 -9.65 7.90 22.42
C GLN A 304 -11.01 7.22 22.54
N SER A 305 -11.55 6.76 21.41
CA SER A 305 -12.83 6.06 21.36
C SER A 305 -13.02 5.32 20.05
N PHE A 306 -13.87 4.30 20.06
CA PHE A 306 -14.35 3.63 18.85
C PHE A 306 -15.68 2.92 19.10
N GLN A 307 -16.49 2.79 18.04
CA GLN A 307 -17.63 1.86 18.05
C GLN A 307 -17.84 1.20 16.71
N THR A 308 -18.28 -0.06 16.74
CA THR A 308 -18.84 -0.73 15.59
C THR A 308 -20.30 -0.27 15.46
N PHE A 309 -20.87 -0.29 14.26
CA PHE A 309 -22.24 0.19 14.14
C PHE A 309 -23.35 -0.67 13.51
N ASN A 310 -23.19 -1.05 12.24
CA ASN A 310 -24.31 -1.56 11.39
C ASN A 310 -25.59 -0.68 11.29
N ILE A 311 -25.50 0.37 10.47
CA ILE A 311 -26.61 1.22 10.10
C ILE A 311 -27.46 0.55 9.01
N CYS A 312 -28.76 0.44 9.27
CA CYS A 312 -29.72 -0.17 8.34
C CYS A 312 -30.59 0.86 7.60
N TYR A 313 -30.64 0.74 6.29
CA TYR A 313 -31.63 1.46 5.47
C TYR A 313 -32.46 0.41 4.73
N ALA A 314 -33.32 0.83 3.79
CA ALA A 314 -34.26 -0.09 3.13
C ALA A 314 -33.74 -1.33 2.38
N ASP A 315 -32.89 -1.11 1.39
CA ASP A 315 -32.37 -2.21 0.63
C ASP A 315 -30.87 -2.32 0.79
N THR A 316 -30.33 -1.60 1.78
CA THR A 316 -28.88 -1.38 1.94
C THR A 316 -28.53 -0.82 3.35
N GLY A 317 -27.25 -0.55 3.59
CA GLY A 317 -26.80 0.03 4.87
C GLY A 317 -25.31 0.27 4.98
N LEU A 318 -24.86 0.68 6.17
CA LEU A 318 -23.43 0.89 6.43
C LEU A 318 -22.97 0.01 7.58
N LEU A 319 -22.12 -0.97 7.30
CA LEU A 319 -21.61 -1.86 8.34
C LEU A 319 -20.13 -1.61 8.54
N GLY A 320 -19.76 -1.14 9.73
CA GLY A 320 -18.37 -0.93 10.04
C GLY A 320 -18.10 -0.40 11.43
N ALA A 321 -17.31 0.67 11.48
CA ALA A 321 -16.79 1.25 12.71
C ALA A 321 -16.35 2.71 12.53
N HIS A 322 -16.40 3.46 13.63
CA HIS A 322 -15.90 4.82 13.69
C HIS A 322 -14.89 4.83 14.82
N PHE A 323 -13.79 5.57 14.64
CA PHE A 323 -12.86 5.81 15.74
C PHE A 323 -12.32 7.23 15.73
N VAL A 324 -11.92 7.67 16.92
CA VAL A 324 -11.32 8.99 17.16
C VAL A 324 -9.99 8.77 17.85
N CYS A 325 -8.92 9.25 17.23
CA CYS A 325 -7.60 8.97 17.76
C CYS A 325 -6.60 10.04 17.47
N ASP A 326 -5.48 9.90 18.17
CA ASP A 326 -4.27 10.66 18.01
C ASP A 326 -3.81 10.62 16.55
N HIS A 327 -3.17 11.70 16.08
CA HIS A 327 -2.84 11.79 14.65
C HIS A 327 -1.78 10.75 14.20
N MET A 328 -1.11 10.14 15.19
CA MET A 328 -0.09 9.14 14.96
C MET A 328 -0.57 7.70 15.09
N SER A 329 -1.86 7.54 15.35
CA SER A 329 -2.41 6.22 15.64
C SER A 329 -3.37 5.69 14.59
N ILE A 330 -3.65 6.49 13.55
CA ILE A 330 -4.71 6.14 12.60
C ILE A 330 -4.41 4.84 11.87
N ASP A 331 -3.16 4.70 11.39
CA ASP A 331 -2.70 3.49 10.73
C ASP A 331 -2.80 2.27 11.64
N ASP A 332 -2.37 2.40 12.89
CA ASP A 332 -2.49 1.30 13.81
C ASP A 332 -3.91 0.94 14.18
N MET A 333 -4.78 1.93 14.31
CA MET A 333 -6.17 1.66 14.61
C MET A 333 -6.79 0.84 13.51
N MET A 334 -6.57 1.29 12.26
CA MET A 334 -7.11 0.63 11.05
C MET A 334 -6.66 -0.81 10.98
N PHE A 335 -5.38 -1.03 11.28
CA PHE A 335 -4.76 -2.35 11.22
C PHE A 335 -5.40 -3.32 12.22
N VAL A 336 -5.63 -2.86 13.44
CA VAL A 336 -6.20 -3.72 14.48
C VAL A 336 -7.68 -3.98 14.20
N LEU A 337 -8.41 -2.92 13.79
CA LEU A 337 -9.84 -3.00 13.44
C LEU A 337 -10.09 -3.96 12.27
N GLN A 338 -9.40 -3.73 11.15
CA GLN A 338 -9.48 -4.61 10.00
C GLN A 338 -9.00 -6.02 10.34
N GLY A 339 -8.01 -6.11 11.22
CA GLY A 339 -7.54 -7.40 11.72
C GLY A 339 -8.63 -8.18 12.44
N GLN A 340 -9.49 -7.46 13.17
CA GLN A 340 -10.61 -8.08 13.86
C GLN A 340 -11.66 -8.60 12.91
N TRP A 341 -11.97 -7.79 11.90
CA TRP A 341 -12.91 -8.18 10.86
C TRP A 341 -12.47 -9.50 10.24
N MET A 342 -11.19 -9.58 9.88
CA MET A 342 -10.62 -10.78 9.26
C MET A 342 -10.65 -12.00 10.18
N ARG A 343 -10.37 -11.79 11.48
CA ARG A 343 -10.33 -12.88 12.45
C ARG A 343 -11.72 -13.50 12.67
N LEU A 344 -12.75 -12.65 12.70
CA LEU A 344 -14.13 -13.11 12.81
C LEU A 344 -14.59 -13.85 11.55
N CYS A 345 -14.22 -13.32 10.39
CA CYS A 345 -14.51 -13.93 9.09
C CYS A 345 -13.95 -15.35 9.01
N THR A 346 -12.66 -15.45 9.31
CA THR A 346 -11.91 -16.67 9.08
C THR A 346 -12.01 -17.67 10.24
N SER A 347 -12.01 -17.16 11.48
CA SER A 347 -11.67 -18.00 12.64
C SER A 347 -12.32 -17.64 13.99
N ALA A 348 -13.54 -17.11 13.97
CA ALA A 348 -14.31 -16.82 15.21
C ALA A 348 -14.53 -18.07 16.05
N THR A 349 -14.38 -17.95 17.38
CA THR A 349 -14.53 -19.09 18.31
C THR A 349 -15.93 -19.16 18.93
N GLU A 350 -16.30 -20.35 19.40
CA GLU A 350 -17.64 -20.58 19.97
C GLU A 350 -17.94 -19.71 21.20
N SER A 351 -16.97 -19.65 22.10
CA SER A 351 -17.09 -18.95 23.36
C SER A 351 -17.20 -17.43 23.20
N GLU A 352 -16.51 -16.88 22.20
CA GLU A 352 -16.55 -15.43 21.96
C GLU A 352 -17.82 -15.03 21.25
N VAL A 353 -18.33 -15.92 20.41
CA VAL A 353 -19.64 -15.74 19.79
C VAL A 353 -20.74 -15.84 20.87
N LEU A 354 -20.59 -16.78 21.80
CA LEU A 354 -21.48 -16.86 22.96
C LEU A 354 -21.50 -15.55 23.74
N ARG A 355 -20.32 -14.96 23.95
CA ARG A 355 -20.20 -13.64 24.58
C ARG A 355 -20.96 -12.57 23.78
N GLY A 356 -20.73 -12.53 22.47
CA GLY A 356 -21.42 -11.59 21.59
C GLY A 356 -22.92 -11.74 21.64
N LYS A 357 -23.38 -13.00 21.64
CA LYS A 357 -24.79 -13.33 21.75
C LYS A 357 -25.34 -12.73 23.03
N ASN A 358 -24.69 -13.05 24.14
CA ASN A 358 -25.06 -12.58 25.47
C ASN A 358 -25.08 -11.07 25.58
N LEU A 359 -24.13 -10.39 24.91
CA LEU A 359 -24.12 -8.93 24.85
C LEU A 359 -25.37 -8.42 24.15
N LEU A 360 -25.65 -9.00 22.99
CA LEU A 360 -26.81 -8.61 22.19
C LEU A 360 -28.15 -8.90 22.85
N ARG A 361 -28.28 -10.08 23.47
CA ARG A 361 -29.45 -10.43 24.28
C ARG A 361 -29.67 -9.33 25.31
N ASN A 362 -28.65 -9.06 26.12
CA ASN A 362 -28.67 -8.00 27.14
C ASN A 362 -28.91 -6.60 26.58
N ALA A 363 -28.30 -6.30 25.43
CA ALA A 363 -28.42 -5.01 24.76
C ALA A 363 -29.87 -4.63 24.49
N LEU A 364 -30.58 -5.48 23.76
CA LEU A 364 -31.94 -5.16 23.32
C LEU A 364 -33.04 -5.42 24.37
N VAL A 365 -32.73 -6.21 25.41
CA VAL A 365 -33.67 -6.39 26.53
C VAL A 365 -33.68 -5.18 27.49
N SER A 366 -32.52 -4.58 27.71
CA SER A 366 -32.42 -3.45 28.64
C SER A 366 -32.58 -2.10 27.95
N HIS A 367 -32.39 -2.04 26.63
CA HIS A 367 -32.68 -0.80 25.88
C HIS A 367 -34.16 -0.46 25.91
N LEU A 368 -35.00 -1.49 25.84
CA LEU A 368 -36.46 -1.34 25.86
C LEU A 368 -36.96 -1.23 27.30
N ASP A 369 -36.51 -0.18 27.99
CA ASP A 369 -36.87 0.09 29.36
C ASP A 369 -37.62 1.41 29.40
N GLY A 370 -38.80 1.37 30.00
CA GLY A 370 -39.67 2.53 30.07
C GLY A 370 -40.41 2.74 28.75
N THR A 371 -41.36 3.67 28.76
CA THR A 371 -42.33 3.74 27.67
C THR A 371 -41.83 4.34 26.37
N THR A 372 -40.97 5.36 26.45
CA THR A 372 -40.45 6.06 25.24
C THR A 372 -39.69 5.13 24.27
N PRO A 373 -38.65 4.39 24.75
CA PRO A 373 -37.96 3.46 23.85
C PRO A 373 -38.88 2.36 23.29
N VAL A 374 -39.85 1.91 24.09
CA VAL A 374 -40.81 0.88 23.70
C VAL A 374 -41.80 1.43 22.66
N CYS A 375 -42.27 2.66 22.88
CA CYS A 375 -43.12 3.36 21.93
C CYS A 375 -42.43 3.51 20.57
N GLU A 376 -41.14 3.86 20.62
CA GLU A 376 -40.33 4.07 19.42
C GLU A 376 -40.07 2.78 18.68
N ASP A 377 -39.86 1.70 19.45
CA ASP A 377 -39.66 0.37 18.89
C ASP A 377 -40.89 -0.10 18.13
N ILE A 378 -42.07 0.19 18.70
CA ILE A 378 -43.35 -0.07 18.05
C ILE A 378 -43.48 0.74 16.75
N GLY A 379 -43.28 2.05 16.87
CA GLY A 379 -43.41 2.98 15.75
C GLY A 379 -42.57 2.59 14.56
N ARG A 380 -41.28 2.38 14.81
CA ARG A 380 -40.33 2.17 13.73
C ARG A 380 -40.34 0.74 13.18
N SER A 381 -40.49 -0.26 14.05
CA SER A 381 -40.58 -1.67 13.63
C SER A 381 -41.71 -1.90 12.63
N LEU A 382 -42.85 -1.25 12.87
CA LEU A 382 -44.00 -1.31 11.96
C LEU A 382 -43.66 -0.72 10.59
N LEU A 383 -42.80 0.30 10.55
CA LEU A 383 -42.35 0.90 9.30
C LEU A 383 -41.32 0.03 8.57
N THR A 384 -40.35 -0.49 9.31
CA THR A 384 -39.21 -1.19 8.73
C THR A 384 -39.51 -2.66 8.44
N TYR A 385 -40.08 -3.36 9.41
CA TYR A 385 -40.34 -4.80 9.27
C TYR A 385 -41.77 -5.09 8.87
N GLY A 386 -42.68 -4.19 9.22
CA GLY A 386 -44.11 -4.37 8.99
C GLY A 386 -44.82 -4.96 10.19
N ARG A 387 -44.11 -5.06 11.31
CA ARG A 387 -44.58 -5.70 12.55
C ARG A 387 -43.60 -5.39 13.66
N ARG A 388 -44.04 -5.52 14.92
CA ARG A 388 -43.10 -5.57 16.05
C ARG A 388 -42.61 -7.00 16.18
N ILE A 389 -41.30 -7.18 16.26
CA ILE A 389 -40.73 -8.50 16.45
C ILE A 389 -40.60 -8.70 17.96
N PRO A 390 -41.33 -9.70 18.53
CA PRO A 390 -41.27 -9.89 19.99
C PRO A 390 -39.89 -10.36 20.47
N LEU A 391 -39.59 -10.10 21.75
CA LEU A 391 -38.30 -10.45 22.36
C LEU A 391 -38.00 -11.96 22.27
N ALA A 392 -39.03 -12.80 22.40
CA ALA A 392 -38.89 -14.26 22.25
C ALA A 392 -38.40 -14.68 20.88
N GLU A 393 -38.80 -13.92 19.83
CA GLU A 393 -38.35 -14.19 18.45
C GLU A 393 -36.90 -13.74 18.22
N TRP A 394 -36.53 -12.57 18.76
CA TRP A 394 -35.16 -12.11 18.75
C TRP A 394 -34.23 -13.14 19.38
N GLU A 395 -34.64 -13.65 20.56
CA GLU A 395 -33.91 -14.71 21.27
C GLU A 395 -33.70 -15.99 20.45
N SER A 396 -34.72 -16.39 19.68
CA SER A 396 -34.62 -17.55 18.81
C SER A 396 -33.62 -17.35 17.69
N ARG A 397 -33.58 -16.14 17.13
CA ARG A 397 -32.62 -15.78 16.10
C ARG A 397 -31.20 -15.71 16.63
N ILE A 398 -31.07 -15.27 17.88
CA ILE A 398 -29.77 -15.18 18.56
C ILE A 398 -29.20 -16.57 18.91
N ALA A 399 -30.04 -17.45 19.46
CA ALA A 399 -29.65 -18.84 19.82
C ALA A 399 -29.22 -19.64 18.59
N GLU A 400 -29.79 -19.31 17.43
CA GLU A 400 -29.43 -19.92 16.15
C GLU A 400 -28.00 -19.63 15.71
N VAL A 401 -27.46 -18.49 16.13
CA VAL A 401 -26.09 -18.07 15.77
C VAL A 401 -25.03 -18.85 16.57
N ASP A 402 -24.16 -19.56 15.86
CA ASP A 402 -22.96 -20.16 16.45
C ASP A 402 -21.71 -19.62 15.73
N ALA A 403 -20.53 -20.14 16.09
CA ALA A 403 -19.25 -19.70 15.51
C ALA A 403 -19.21 -19.80 13.98
N ARG A 404 -19.76 -20.91 13.48
CA ARG A 404 -19.87 -21.18 12.05
C ARG A 404 -20.69 -20.08 11.33
N VAL A 405 -21.79 -19.66 11.96
CA VAL A 405 -22.67 -18.62 11.41
C VAL A 405 -21.95 -17.28 11.32
N VAL A 406 -21.32 -16.86 12.43
CA VAL A 406 -20.59 -15.58 12.50
C VAL A 406 -19.53 -15.51 11.40
N ARG A 407 -18.81 -16.62 11.19
CA ARG A 407 -17.80 -16.73 10.13
C ARG A 407 -18.45 -16.47 8.77
N GLU A 408 -19.43 -17.32 8.46
CA GLU A 408 -20.09 -17.29 7.16
C GLU A 408 -20.78 -15.95 6.86
N VAL A 409 -21.46 -15.39 7.87
CA VAL A 409 -22.14 -14.09 7.72
C VAL A 409 -21.13 -12.94 7.55
N CYS A 410 -20.11 -12.88 8.41
CA CYS A 410 -19.06 -11.85 8.32
C CYS A 410 -18.30 -11.90 7.01
N SER A 411 -18.00 -13.12 6.53
CA SER A 411 -17.29 -13.29 5.26
C SER A 411 -18.06 -12.76 4.07
N LYS A 412 -19.40 -12.84 4.16
CA LYS A 412 -20.30 -12.30 3.13
C LYS A 412 -20.09 -10.79 2.96
N TYR A 413 -20.10 -10.06 4.07
CA TYR A 413 -20.12 -8.59 4.02
C TYR A 413 -18.76 -7.92 4.13
N PHE A 414 -17.88 -8.50 4.96
CA PHE A 414 -16.53 -7.96 5.22
C PHE A 414 -15.44 -8.46 4.27
N TYR A 415 -15.32 -9.78 4.11
CA TYR A 415 -14.16 -10.38 3.44
C TYR A 415 -14.10 -10.07 1.95
N ASP A 416 -12.95 -9.54 1.55
CA ASP A 416 -12.64 -9.15 0.17
C ASP A 416 -13.70 -8.24 -0.46
N GLN A 417 -14.15 -7.25 0.30
CA GLN A 417 -15.15 -6.27 -0.15
C GLN A 417 -14.64 -4.82 -0.04
N CYS A 418 -15.03 -3.96 -0.99
CA CYS A 418 -14.58 -2.57 -1.05
C CYS A 418 -15.34 -1.70 -0.03
N PRO A 419 -14.61 -1.07 0.92
CA PRO A 419 -15.32 -0.26 1.90
C PRO A 419 -15.46 1.21 1.50
N ALA A 420 -16.31 1.94 2.22
CA ALA A 420 -16.38 3.39 2.14
C ALA A 420 -15.62 3.96 3.33
N VAL A 421 -14.68 4.87 3.06
CA VAL A 421 -13.85 5.50 4.08
C VAL A 421 -14.15 7.01 4.14
N ALA A 422 -14.40 7.51 5.34
CA ALA A 422 -14.45 8.95 5.61
C ALA A 422 -13.51 9.33 6.75
N GLY A 423 -12.69 10.35 6.49
CA GLY A 423 -11.71 10.86 7.45
C GLY A 423 -11.79 12.37 7.55
N PHE A 424 -11.63 12.87 8.77
CA PHE A 424 -11.71 14.30 9.01
C PHE A 424 -10.69 14.68 10.11
N GLY A 425 -9.99 15.80 9.92
CA GLY A 425 -9.02 16.29 10.89
C GLY A 425 -7.58 16.04 10.47
N PRO A 426 -6.65 15.80 11.44
CA PRO A 426 -5.23 15.59 11.11
C PRO A 426 -5.01 14.16 10.62
N ILE A 427 -5.42 13.93 9.37
CA ILE A 427 -5.52 12.58 8.83
C ILE A 427 -4.36 12.19 7.91
N GLU A 428 -3.17 12.77 8.14
CA GLU A 428 -2.00 12.48 7.30
C GLU A 428 -1.65 11.01 7.32
N GLN A 429 -1.84 10.38 8.47
CA GLN A 429 -1.53 8.97 8.59
C GLN A 429 -2.58 8.01 8.03
N LEU A 430 -3.86 8.42 8.04
CA LEU A 430 -4.98 7.62 7.55
C LEU A 430 -4.57 6.84 6.31
N PRO A 431 -4.54 5.48 6.39
CA PRO A 431 -4.01 4.67 5.28
C PRO A 431 -4.60 4.96 3.89
N ASP A 432 -3.74 4.84 2.87
CA ASP A 432 -4.13 4.90 1.45
C ASP A 432 -5.20 3.85 1.16
N TYR A 433 -6.14 4.18 0.27
CA TYR A 433 -7.28 3.31 0.02
C TYR A 433 -6.87 1.89 -0.39
N ASN A 434 -5.82 1.79 -1.21
CA ASN A 434 -5.33 0.50 -1.67
C ASN A 434 -4.84 -0.37 -0.52
N ARG A 435 -4.18 0.26 0.43
CA ARG A 435 -3.70 -0.41 1.62
C ARG A 435 -4.87 -0.85 2.52
N ILE A 436 -5.90 0.00 2.60
CA ILE A 436 -7.13 -0.30 3.33
C ILE A 436 -7.84 -1.47 2.64
N ARG A 437 -7.94 -1.41 1.32
CA ARG A 437 -8.65 -2.42 0.55
C ARG A 437 -7.95 -3.77 0.61
N SER A 438 -6.62 -3.75 0.59
CA SER A 438 -5.82 -4.96 0.74
C SER A 438 -5.94 -5.53 2.16
N GLY A 439 -6.26 -4.65 3.12
CA GLY A 439 -6.53 -5.02 4.51
C GLY A 439 -7.87 -5.69 4.73
N MET A 440 -8.64 -5.87 3.66
CA MET A 440 -9.92 -6.59 3.65
C MET A 440 -9.83 -8.07 3.28
N PHE A 441 -8.59 -8.58 3.17
CA PHE A 441 -8.34 -10.02 3.05
C PHE A 441 -7.05 -10.46 3.73
N TRP A 442 -6.96 -11.77 4.02
CA TRP A 442 -5.75 -12.42 4.49
C TRP A 442 -5.18 -13.34 3.41
N LEU A 443 -3.85 -13.39 3.32
CA LEU A 443 -3.18 -14.38 2.46
C LEU A 443 -2.85 -15.64 3.28
N ARG A 444 -3.91 -16.38 3.60
CA ARG A 444 -3.87 -17.69 4.29
C ARG A 444 -5.19 -18.48 4.11
N PHE A 445 -6.30 -17.85 4.50
CA PHE A 445 -7.65 -18.48 4.39
C PHE A 445 -8.09 -18.49 2.93
N GLN B 1 -47.71 -6.71 40.42
CA GLN B 1 -46.68 -6.98 41.45
C GLN B 1 -46.21 -5.71 42.16
N ASP B 2 -46.10 -5.75 43.50
CA ASP B 2 -45.65 -4.60 44.28
C ASP B 2 -44.39 -4.85 45.12
N LEU B 3 -43.76 -3.77 45.56
CA LEU B 3 -42.44 -3.81 46.21
C LEU B 3 -42.46 -4.46 47.59
N GLU B 4 -41.40 -5.19 47.93
CA GLU B 4 -41.19 -5.72 49.28
C GLU B 4 -40.07 -4.96 49.99
N PHE B 5 -40.10 -4.96 51.32
CA PHE B 5 -39.18 -4.15 52.14
C PHE B 5 -38.78 -4.81 53.47
N THR B 6 -37.50 -4.72 53.79
CA THR B 6 -36.92 -5.25 55.04
C THR B 6 -35.83 -4.29 55.53
N ARG B 7 -35.81 -4.01 56.84
CA ARG B 7 -34.66 -3.37 57.50
C ARG B 7 -34.19 -4.29 58.62
N LEU B 8 -33.00 -4.87 58.43
CA LEU B 8 -32.39 -5.81 59.37
C LEU B 8 -31.97 -5.12 60.70
N PRO B 9 -31.82 -5.90 61.80
CA PRO B 9 -31.39 -5.36 63.09
C PRO B 9 -30.05 -4.60 63.05
N ASN B 10 -29.20 -4.95 62.08
CA ASN B 10 -27.90 -4.29 61.90
C ASN B 10 -27.95 -2.96 61.12
N GLY B 11 -29.16 -2.53 60.75
CA GLY B 11 -29.39 -1.24 60.07
C GLY B 11 -29.69 -1.29 58.58
N LEU B 12 -29.25 -2.37 57.94
CA LEU B 12 -29.27 -2.53 56.48
C LEU B 12 -30.67 -2.71 55.91
N VAL B 13 -30.95 -2.02 54.81
CA VAL B 13 -32.24 -2.09 54.13
C VAL B 13 -32.17 -3.03 52.92
N ILE B 14 -33.14 -3.93 52.80
CA ILE B 14 -33.38 -4.70 51.58
C ILE B 14 -34.73 -4.30 51.02
N ALA B 15 -34.77 -3.90 49.76
CA ALA B 15 -36.03 -3.65 49.05
C ALA B 15 -35.98 -4.28 47.67
N SER B 16 -37.02 -5.02 47.30
CA SER B 16 -37.06 -5.72 46.02
C SER B 16 -38.44 -6.03 45.48
N LEU B 17 -38.65 -5.61 44.24
CA LEU B 17 -39.83 -5.96 43.49
C LEU B 17 -39.46 -7.09 42.54
N GLU B 18 -40.04 -8.26 42.77
CA GLU B 18 -39.94 -9.35 41.82
C GLU B 18 -41.03 -9.13 40.74
N ASN B 19 -40.60 -8.70 39.54
CA ASN B 19 -41.55 -8.38 38.46
C ASN B 19 -41.52 -9.36 37.27
N TYR B 20 -40.67 -10.38 37.36
CA TYR B 20 -40.52 -11.43 36.36
C TYR B 20 -40.19 -10.92 34.93
N ALA B 21 -39.44 -9.81 34.87
CA ALA B 21 -38.86 -9.33 33.61
C ALA B 21 -37.65 -10.22 33.22
N PRO B 22 -37.23 -10.17 31.94
CA PRO B 22 -36.03 -10.96 31.59
C PRO B 22 -34.74 -10.39 32.16
N ALA B 23 -34.64 -9.07 32.28
CA ALA B 23 -33.47 -8.40 32.87
C ALA B 23 -33.61 -8.18 34.41
N SER B 24 -32.48 -8.18 35.12
CA SER B 24 -32.45 -7.96 36.56
C SER B 24 -31.40 -6.91 36.99
N ARG B 25 -31.88 -5.81 37.57
CA ARG B 25 -31.00 -4.75 38.10
C ARG B 25 -30.89 -4.93 39.61
N ILE B 26 -29.66 -4.90 40.12
CA ILE B 26 -29.39 -4.92 41.58
C ILE B 26 -28.48 -3.74 41.92
N GLY B 27 -28.85 -2.99 42.96
CA GLY B 27 -28.07 -1.83 43.39
C GLY B 27 -27.75 -1.84 44.87
N LEU B 28 -26.46 -1.69 45.19
CA LEU B 28 -26.05 -1.47 46.57
C LEU B 28 -25.72 0.00 46.81
N PHE B 29 -26.61 0.65 47.57
CA PHE B 29 -26.52 2.07 47.86
C PHE B 29 -25.85 2.26 49.20
N ILE B 30 -24.86 3.14 49.23
CA ILE B 30 -24.03 3.37 50.41
C ILE B 30 -23.95 4.88 50.69
N LYS B 31 -24.14 5.26 51.95
CA LYS B 31 -23.87 6.63 52.39
C LYS B 31 -22.35 6.83 52.40
N ALA B 32 -21.80 7.16 51.24
CA ALA B 32 -20.35 7.29 51.06
C ALA B 32 -20.01 8.29 49.95
N GLY B 33 -20.82 9.33 49.82
CA GLY B 33 -20.64 10.37 48.81
C GLY B 33 -19.49 11.29 49.15
N SER B 34 -19.24 12.27 48.28
CA SER B 34 -18.09 13.19 48.42
C SER B 34 -18.08 13.93 49.75
N ARG B 35 -19.28 14.15 50.33
CA ARG B 35 -19.45 14.85 51.60
C ARG B 35 -18.68 14.24 52.76
N TYR B 36 -18.42 12.93 52.70
CA TYR B 36 -17.73 12.23 53.78
C TYR B 36 -16.22 12.21 53.64
N GLU B 37 -15.70 12.98 52.71
CA GLU B 37 -14.28 13.29 52.67
C GLU B 37 -14.05 14.46 53.62
N ASN B 38 -12.85 14.53 54.18
CA ASN B 38 -12.40 15.74 54.89
C ASN B 38 -11.24 16.33 54.09
N SER B 39 -10.65 17.41 54.60
CA SER B 39 -9.59 18.11 53.87
C SER B 39 -8.29 17.30 53.66
N ASN B 40 -8.16 16.17 54.37
CA ASN B 40 -6.98 15.29 54.24
C ASN B 40 -7.08 14.23 53.16
N ASN B 41 -8.30 13.80 52.86
CA ASN B 41 -8.50 12.71 51.90
C ASN B 41 -9.39 13.11 50.72
N LEU B 42 -9.31 14.38 50.34
CA LEU B 42 -10.12 14.92 49.23
C LEU B 42 -9.88 14.16 47.94
N GLY B 43 -10.97 13.88 47.25
CA GLY B 43 -10.93 13.11 46.02
C GLY B 43 -10.79 11.60 46.19
N THR B 44 -10.84 11.11 47.42
CA THR B 44 -10.72 9.65 47.68
C THR B 44 -11.92 8.89 47.09
N SER B 45 -13.12 9.41 47.32
CA SER B 45 -14.34 8.81 46.78
C SER B 45 -14.39 8.85 45.26
N HIS B 46 -13.70 9.82 44.65
CA HIS B 46 -13.59 9.89 43.21
C HIS B 46 -12.76 8.71 42.71
N LEU B 47 -11.60 8.46 43.33
CA LEU B 47 -10.77 7.32 42.96
C LEU B 47 -11.51 6.00 43.20
N LEU B 48 -12.17 5.93 44.36
CA LEU B 48 -12.98 4.76 44.74
C LEU B 48 -14.09 4.41 43.74
N ARG B 49 -14.67 5.46 43.14
CA ARG B 49 -15.65 5.32 42.06
C ARG B 49 -15.00 4.72 40.78
N LEU B 50 -13.75 5.08 40.53
CA LEU B 50 -13.00 4.54 39.40
C LEU B 50 -12.48 3.12 39.69
N ALA B 51 -12.48 2.74 40.96
CA ALA B 51 -11.69 1.60 41.44
C ALA B 51 -12.35 0.21 41.54
N SER B 52 -13.67 0.12 41.29
CA SER B 52 -14.33 -1.19 41.11
C SER B 52 -13.70 -1.82 39.89
N SER B 53 -13.55 -3.15 39.90
CA SER B 53 -12.78 -3.90 38.85
C SER B 53 -11.26 -3.99 39.08
N LEU B 54 -10.74 -3.30 40.10
CA LEU B 54 -9.44 -3.66 40.68
C LEU B 54 -9.64 -4.96 41.44
N THR B 55 -8.55 -5.69 41.64
CA THR B 55 -8.58 -7.01 42.29
C THR B 55 -9.29 -6.98 43.66
N THR B 56 -10.13 -7.98 43.88
CA THR B 56 -10.77 -8.25 45.16
C THR B 56 -10.22 -9.56 45.75
N LYS B 57 -10.70 -9.94 46.93
CA LYS B 57 -10.24 -11.17 47.58
C LYS B 57 -10.75 -12.44 46.87
N GLY B 58 -12.03 -12.45 46.54
CA GLY B 58 -12.62 -13.60 45.88
C GLY B 58 -12.54 -13.59 44.37
N ALA B 59 -12.11 -12.48 43.78
CA ALA B 59 -11.99 -12.37 42.31
C ALA B 59 -10.90 -11.41 41.86
N SER B 60 -10.16 -11.81 40.83
CA SER B 60 -9.11 -10.96 40.26
C SER B 60 -9.66 -9.78 39.47
N SER B 61 -8.81 -8.79 39.19
CA SER B 61 -9.12 -7.64 38.33
C SER B 61 -9.57 -8.10 36.95
N PHE B 62 -8.86 -9.12 36.45
CA PHE B 62 -9.14 -9.78 35.18
C PHE B 62 -10.51 -10.50 35.16
N LYS B 63 -10.79 -11.25 36.22
CA LYS B 63 -12.04 -12.03 36.34
C LYS B 63 -13.29 -11.15 36.45
N ILE B 64 -13.18 -10.02 37.15
CA ILE B 64 -14.29 -9.08 37.25
C ILE B 64 -14.69 -8.58 35.87
N THR B 65 -13.71 -8.19 35.05
CA THR B 65 -13.99 -7.69 33.70
C THR B 65 -14.50 -8.80 32.78
N ARG B 66 -13.73 -9.88 32.67
CA ARG B 66 -14.05 -11.01 31.78
C ARG B 66 -15.35 -11.72 32.15
N GLY B 67 -15.53 -12.00 33.44
CA GLY B 67 -16.71 -12.72 33.93
C GLY B 67 -18.02 -11.99 33.71
N ILE B 68 -18.00 -10.68 33.93
CA ILE B 68 -19.18 -9.81 33.74
C ILE B 68 -19.46 -9.64 32.26
N GLU B 69 -18.42 -9.36 31.48
CA GLU B 69 -18.57 -9.23 30.04
C GLU B 69 -19.03 -10.53 29.40
N ALA B 70 -18.58 -11.66 29.95
CA ALA B 70 -18.93 -13.00 29.46
C ALA B 70 -20.44 -13.21 29.36
N VAL B 71 -21.17 -12.67 30.34
CA VAL B 71 -22.62 -12.82 30.40
C VAL B 71 -23.35 -11.56 29.90
N GLY B 72 -22.61 -10.69 29.20
CA GLY B 72 -23.15 -9.47 28.58
C GLY B 72 -23.58 -8.39 29.54
N GLY B 73 -23.10 -8.49 30.77
CA GLY B 73 -23.53 -7.63 31.88
C GLY B 73 -22.87 -6.26 31.97
N LYS B 74 -23.24 -5.52 33.01
CA LYS B 74 -22.74 -4.17 33.25
C LYS B 74 -22.51 -4.00 34.76
N LEU B 75 -21.40 -3.34 35.11
CA LEU B 75 -21.20 -2.85 36.49
C LEU B 75 -20.86 -1.35 36.50
N SER B 76 -21.72 -0.57 37.16
CA SER B 76 -21.61 0.90 37.23
C SER B 76 -21.50 1.37 38.67
N VAL B 77 -20.78 2.47 38.85
CA VAL B 77 -20.64 3.12 40.16
C VAL B 77 -21.01 4.59 39.97
N THR B 78 -21.99 5.02 40.77
CA THR B 78 -22.57 6.35 40.67
C THR B 78 -22.53 7.11 42.00
N SER B 79 -21.97 8.32 41.95
CA SER B 79 -21.77 9.13 43.13
C SER B 79 -22.56 10.44 43.06
N THR B 80 -23.25 10.75 44.15
CA THR B 80 -23.74 12.09 44.42
C THR B 80 -22.85 12.66 45.51
N ARG B 81 -23.21 13.84 45.99
CA ARG B 81 -22.55 14.38 47.17
C ARG B 81 -22.76 13.54 48.44
N GLU B 82 -23.90 12.85 48.55
CA GLU B 82 -24.25 12.13 49.77
C GLU B 82 -24.16 10.59 49.71
N ASN B 83 -24.37 10.03 48.52
CA ASN B 83 -24.36 8.58 48.36
C ASN B 83 -23.40 8.10 47.27
N MET B 84 -23.00 6.84 47.37
CA MET B 84 -22.41 6.08 46.27
C MET B 84 -23.31 4.88 45.94
N ALA B 85 -23.48 4.60 44.66
CA ALA B 85 -24.41 3.54 44.21
C ALA B 85 -23.72 2.56 43.24
N TYR B 86 -23.57 1.32 43.69
CA TYR B 86 -22.95 0.26 42.90
C TYR B 86 -24.06 -0.59 42.29
N THR B 87 -24.14 -0.59 40.95
CA THR B 87 -25.27 -1.17 40.21
C THR B 87 -24.81 -2.25 39.23
N VAL B 88 -25.50 -3.40 39.25
CA VAL B 88 -25.26 -4.46 38.26
C VAL B 88 -26.51 -4.81 37.48
N GLU B 89 -26.38 -4.97 36.16
CA GLU B 89 -27.47 -5.44 35.28
C GLU B 89 -27.05 -6.76 34.59
N CYS B 90 -28.03 -7.60 34.27
CA CYS B 90 -27.83 -8.79 33.41
C CYS B 90 -29.15 -9.46 33.09
N LEU B 91 -29.07 -10.51 32.26
CA LEU B 91 -30.18 -11.42 32.02
C LEU B 91 -30.36 -12.27 33.31
N ARG B 92 -31.62 -12.45 33.73
CA ARG B 92 -32.01 -13.02 35.04
C ARG B 92 -31.24 -14.26 35.50
N ASP B 93 -30.85 -15.13 34.58
CA ASP B 93 -30.15 -16.39 34.91
C ASP B 93 -28.75 -16.21 35.50
N ASP B 94 -28.16 -15.02 35.32
CA ASP B 94 -26.80 -14.74 35.75
C ASP B 94 -26.71 -13.74 36.92
N VAL B 95 -27.81 -13.55 37.65
CA VAL B 95 -27.85 -12.56 38.74
C VAL B 95 -26.90 -12.85 39.88
N ASP B 96 -26.84 -14.12 40.27
CA ASP B 96 -25.98 -14.54 41.39
C ASP B 96 -24.49 -14.60 40.99
N ILE B 97 -24.19 -14.62 39.70
CA ILE B 97 -22.82 -14.42 39.22
C ILE B 97 -22.41 -12.95 39.37
N LEU B 98 -23.23 -12.03 38.87
CA LEU B 98 -23.04 -10.57 39.05
C LEU B 98 -23.07 -10.13 40.51
N MET B 99 -23.92 -10.78 41.30
CA MET B 99 -24.04 -10.50 42.74
C MET B 99 -22.74 -10.85 43.45
N GLU B 100 -22.17 -12.00 43.11
CA GLU B 100 -20.89 -12.42 43.66
C GLU B 100 -19.81 -11.38 43.39
N PHE B 101 -19.78 -10.87 42.15
CA PHE B 101 -18.86 -9.81 41.77
C PHE B 101 -19.13 -8.50 42.52
N LEU B 102 -20.41 -8.12 42.62
CA LEU B 102 -20.80 -6.90 43.32
C LEU B 102 -20.37 -6.92 44.78
N LEU B 103 -20.55 -8.07 45.45
CA LEU B 103 -20.18 -8.26 46.86
C LEU B 103 -18.68 -8.15 47.06
N ASN B 104 -17.93 -8.84 46.20
CA ASN B 104 -16.48 -8.74 46.17
C ASN B 104 -15.97 -7.29 46.05
N VAL B 105 -16.54 -6.56 45.08
CA VAL B 105 -16.19 -5.17 44.77
C VAL B 105 -16.43 -4.24 45.95
N THR B 106 -17.57 -4.42 46.62
CA THR B 106 -17.96 -3.53 47.70
C THR B 106 -17.47 -3.98 49.08
N THR B 107 -17.47 -5.28 49.36
CA THR B 107 -17.13 -5.75 50.72
C THR B 107 -15.68 -6.16 50.95
N ALA B 108 -14.99 -6.60 49.90
CA ALA B 108 -13.55 -6.96 50.05
C ALA B 108 -12.60 -6.57 48.89
N PRO B 109 -12.49 -5.25 48.58
CA PRO B 109 -11.51 -4.82 47.56
C PRO B 109 -10.12 -4.79 48.16
N GLU B 110 -9.12 -5.19 47.38
CA GLU B 110 -7.77 -5.33 47.92
C GLU B 110 -6.94 -4.06 47.84
N PHE B 111 -7.25 -3.25 46.83
CA PHE B 111 -6.58 -1.96 46.57
C PHE B 111 -5.06 -2.14 46.62
N ARG B 112 -4.56 -2.97 45.71
CA ARG B 112 -3.15 -3.31 45.64
C ARG B 112 -2.32 -2.10 45.23
N ARG B 113 -1.17 -1.91 45.87
CA ARG B 113 -0.34 -0.71 45.66
C ARG B 113 -0.06 -0.40 44.18
N TRP B 114 0.34 -1.41 43.42
CA TRP B 114 0.64 -1.27 41.98
C TRP B 114 -0.59 -0.98 41.12
N GLU B 115 -1.73 -1.60 41.46
CA GLU B 115 -3.02 -1.36 40.79
C GLU B 115 -3.58 0.02 41.07
N VAL B 116 -3.50 0.43 42.33
CA VAL B 116 -4.01 1.72 42.80
C VAL B 116 -3.18 2.83 42.17
N ALA B 117 -1.87 2.64 42.11
CA ALA B 117 -0.99 3.62 41.48
C ALA B 117 -1.19 3.70 39.96
N ALA B 118 -1.39 2.54 39.33
CA ALA B 118 -1.69 2.49 37.90
C ALA B 118 -2.99 3.23 37.54
N LEU B 119 -3.91 3.26 38.48
CA LEU B 119 -5.20 3.92 38.27
C LEU B 119 -5.15 5.45 38.42
N GLN B 120 -4.10 5.98 39.05
CA GLN B 120 -4.00 7.42 39.33
C GLN B 120 -4.27 8.33 38.12
N PRO B 121 -3.67 8.05 36.93
CA PRO B 121 -3.90 8.96 35.80
C PRO B 121 -5.35 9.00 35.34
N GLN B 122 -6.11 7.94 35.61
CA GLN B 122 -7.53 7.87 35.29
C GLN B 122 -8.33 8.99 35.96
N LEU B 123 -7.85 9.49 37.10
CA LEU B 123 -8.46 10.64 37.78
C LEU B 123 -8.41 11.88 36.90
N ARG B 124 -7.29 12.08 36.21
CA ARG B 124 -7.16 13.23 35.33
C ARG B 124 -8.02 13.09 34.08
N ILE B 125 -8.05 11.88 33.48
CA ILE B 125 -8.88 11.57 32.30
C ILE B 125 -10.37 11.80 32.61
N ASP B 126 -10.84 11.16 33.68
CA ASP B 126 -12.23 11.25 34.09
C ASP B 126 -12.66 12.68 34.42
N LYS B 127 -11.82 13.40 35.16
CA LYS B 127 -12.07 14.81 35.53
C LYS B 127 -12.10 15.69 34.29
N ALA B 128 -11.05 15.57 33.47
CA ALA B 128 -10.91 16.34 32.25
C ALA B 128 -12.15 16.26 31.38
N VAL B 129 -12.64 15.03 31.21
CA VAL B 129 -13.85 14.76 30.43
C VAL B 129 -15.04 15.46 31.05
N ALA B 130 -15.30 15.20 32.33
CA ALA B 130 -16.44 15.79 33.04
C ALA B 130 -16.45 17.33 32.98
N LEU B 131 -15.28 17.93 33.16
CA LEU B 131 -15.12 19.39 33.12
C LEU B 131 -15.15 20.01 31.72
N GLN B 132 -15.38 19.18 30.70
CA GLN B 132 -15.78 19.71 29.41
C GLN B 132 -17.17 20.36 29.49
N ASN B 133 -18.06 19.86 30.35
CA ASN B 133 -19.36 20.50 30.60
C ASN B 133 -19.17 21.70 31.48
N PRO B 134 -19.55 22.90 31.02
CA PRO B 134 -19.40 24.09 31.88
C PRO B 134 -20.35 24.08 33.08
N GLN B 135 -21.43 23.30 33.02
CA GLN B 135 -22.31 23.06 34.18
C GLN B 135 -21.52 22.43 35.32
N ALA B 136 -20.61 21.53 34.99
CA ALA B 136 -19.77 20.89 36.00
C ALA B 136 -18.87 21.89 36.74
N HIS B 137 -18.23 22.82 36.01
CA HIS B 137 -17.46 23.93 36.62
C HIS B 137 -18.29 24.69 37.66
N VAL B 138 -19.43 25.21 37.22
CA VAL B 138 -20.29 26.11 37.98
C VAL B 138 -20.92 25.42 39.19
N ILE B 139 -21.50 24.23 39.00
CA ILE B 139 -22.17 23.51 40.09
C ILE B 139 -21.18 23.09 41.17
N GLU B 140 -19.99 22.66 40.74
CA GLU B 140 -18.95 22.28 41.68
C GLU B 140 -18.43 23.49 42.48
N ASN B 141 -18.26 24.62 41.79
CA ASN B 141 -17.90 25.88 42.44
C ASN B 141 -19.01 26.40 43.34
N LEU B 142 -20.26 26.31 42.85
CA LEU B 142 -21.41 26.80 43.59
C LEU B 142 -21.45 26.19 44.99
N HIS B 143 -21.31 24.87 45.07
CA HIS B 143 -21.29 24.15 46.33
C HIS B 143 -20.11 24.57 47.20
N ALA B 144 -18.93 24.66 46.59
CA ALA B 144 -17.71 25.09 47.29
C ALA B 144 -17.85 26.50 47.87
N ALA B 145 -18.56 27.36 47.14
CA ALA B 145 -18.92 28.71 47.61
C ALA B 145 -19.96 28.70 48.75
N ALA B 146 -21.01 27.89 48.58
CA ALA B 146 -22.16 27.82 49.48
C ALA B 146 -21.91 27.15 50.82
N TYR B 147 -20.92 26.27 50.90
CA TYR B 147 -20.68 25.49 52.13
C TYR B 147 -19.29 25.67 52.73
N ARG B 148 -19.21 25.35 54.02
CA ARG B 148 -17.96 25.37 54.76
C ARG B 148 -17.29 24.01 54.64
N ASN B 149 -18.06 22.91 54.64
CA ASN B 149 -17.41 21.59 54.71
C ASN B 149 -17.90 20.35 53.94
N ALA B 150 -19.07 19.79 54.27
CA ALA B 150 -19.40 18.48 53.73
C ALA B 150 -19.80 18.59 52.25
N LEU B 151 -20.89 19.31 52.01
CA LEU B 151 -21.45 19.46 50.69
C LEU B 151 -20.59 20.35 49.77
N ALA B 152 -19.69 21.13 50.36
CA ALA B 152 -18.69 21.92 49.62
C ALA B 152 -17.74 21.06 48.81
N ASN B 153 -17.51 19.83 49.25
CA ASN B 153 -16.67 18.88 48.54
C ASN B 153 -17.14 18.66 47.11
N SER B 154 -16.18 18.64 46.20
CA SER B 154 -16.43 18.33 44.81
C SER B 154 -16.46 16.83 44.63
N LEU B 155 -17.25 16.37 43.66
CA LEU B 155 -17.29 14.96 43.28
C LEU B 155 -16.03 14.50 42.56
N TYR B 156 -15.32 15.45 41.95
CA TYR B 156 -14.07 15.21 41.25
C TYR B 156 -12.87 15.67 42.06
N CYS B 157 -11.87 14.79 42.08
CA CYS B 157 -10.66 14.92 42.85
C CYS B 157 -9.91 16.19 42.49
N PRO B 158 -9.55 17.02 43.48
CA PRO B 158 -8.77 18.24 43.23
C PRO B 158 -7.39 17.91 42.64
N ASP B 159 -6.94 18.75 41.72
CA ASP B 159 -5.71 18.53 40.95
C ASP B 159 -4.51 18.07 41.80
N TYR B 160 -4.32 18.74 42.93
CA TYR B 160 -3.19 18.51 43.81
C TYR B 160 -3.18 17.09 44.40
N ARG B 161 -4.37 16.50 44.53
CA ARG B 161 -4.50 15.14 45.06
C ARG B 161 -4.36 14.02 44.02
N ILE B 162 -4.43 14.38 42.73
CA ILE B 162 -4.32 13.38 41.65
C ILE B 162 -2.89 12.83 41.64
N GLY B 163 -2.79 11.50 41.78
CA GLY B 163 -1.51 10.82 41.89
C GLY B 163 -1.13 10.54 43.33
N LYS B 164 -1.96 11.03 44.25
CA LYS B 164 -1.62 11.03 45.68
C LYS B 164 -2.67 10.39 46.59
N VAL B 165 -3.74 9.85 46.01
CA VAL B 165 -4.69 9.08 46.79
C VAL B 165 -4.09 7.70 47.07
N THR B 166 -3.81 7.41 48.35
CA THR B 166 -3.06 6.20 48.81
C THR B 166 -3.96 4.95 48.93
N PRO B 167 -3.37 3.73 48.89
CA PRO B 167 -4.15 2.52 49.20
C PRO B 167 -4.80 2.55 50.58
N VAL B 168 -4.07 3.03 51.58
CA VAL B 168 -4.59 3.21 52.95
C VAL B 168 -5.89 4.02 52.95
N GLU B 169 -5.89 5.14 52.22
CA GLU B 169 -7.04 6.03 52.14
C GLU B 169 -8.25 5.37 51.55
N LEU B 170 -8.02 4.55 50.54
CA LEU B 170 -9.09 3.79 49.91
C LEU B 170 -9.65 2.75 50.86
N HIS B 171 -8.77 2.02 51.53
CA HIS B 171 -9.17 1.05 52.56
C HIS B 171 -9.96 1.72 53.68
N ASP B 172 -9.40 2.80 54.23
CA ASP B 172 -10.04 3.61 55.28
C ASP B 172 -11.44 4.08 54.88
N TYR B 173 -11.58 4.61 53.67
CA TYR B 173 -12.86 5.12 53.20
C TYR B 173 -13.92 4.02 53.12
N VAL B 174 -13.52 2.83 52.67
CA VAL B 174 -14.42 1.67 52.55
C VAL B 174 -14.77 1.15 53.94
N GLN B 175 -13.75 0.91 54.75
CA GLN B 175 -13.89 0.41 56.12
C GLN B 175 -14.77 1.30 57.00
N ASN B 176 -14.69 2.61 56.79
CA ASN B 176 -15.41 3.62 57.59
C ASN B 176 -16.81 3.98 57.07
N HIS B 177 -17.07 3.73 55.79
CA HIS B 177 -18.33 4.13 55.17
C HIS B 177 -19.17 3.01 54.60
N PHE B 178 -18.53 1.94 54.11
CA PHE B 178 -19.24 0.79 53.53
C PHE B 178 -19.62 -0.18 54.66
N THR B 179 -20.73 0.15 55.34
CA THR B 179 -21.18 -0.61 56.53
C THR B 179 -22.68 -0.85 56.51
N SER B 180 -23.12 -1.90 57.22
CA SER B 180 -24.53 -2.32 57.24
C SER B 180 -25.46 -1.18 57.60
N ALA B 181 -25.08 -0.38 58.59
CA ALA B 181 -25.83 0.78 59.04
C ALA B 181 -26.02 1.89 58.00
N ARG B 182 -25.25 1.82 56.91
CA ARG B 182 -25.19 2.87 55.88
C ARG B 182 -25.57 2.37 54.49
N MET B 183 -26.04 1.13 54.43
CA MET B 183 -26.25 0.42 53.17
C MET B 183 -27.70 0.00 52.92
N ALA B 184 -28.13 0.15 51.67
CA ALA B 184 -29.41 -0.38 51.19
C ALA B 184 -29.22 -1.20 49.91
N LEU B 185 -29.63 -2.47 49.96
CA LEU B 185 -29.50 -3.40 48.82
C LEU B 185 -30.84 -3.55 48.08
N ILE B 186 -30.91 -2.95 46.91
CA ILE B 186 -32.15 -2.83 46.12
C ILE B 186 -32.13 -3.75 44.92
N GLY B 187 -33.29 -4.25 44.50
CA GLY B 187 -33.36 -5.12 43.34
C GLY B 187 -34.65 -5.30 42.57
N LEU B 188 -34.50 -5.62 41.29
CA LEU B 188 -35.61 -5.95 40.43
C LEU B 188 -35.36 -7.34 39.87
N GLY B 189 -36.40 -7.97 39.33
CA GLY B 189 -36.31 -9.33 38.78
C GLY B 189 -35.50 -10.35 39.58
N VAL B 190 -35.67 -10.33 40.92
CA VAL B 190 -35.05 -11.27 41.86
C VAL B 190 -35.95 -11.35 43.11
N SER B 191 -36.05 -12.55 43.69
CA SER B 191 -36.91 -12.78 44.86
C SER B 191 -36.34 -12.10 46.10
N HIS B 192 -37.24 -11.55 46.91
CA HIS B 192 -36.87 -10.88 48.16
C HIS B 192 -36.19 -11.80 49.17
N PRO B 193 -36.71 -13.05 49.37
CA PRO B 193 -36.07 -13.91 50.35
C PRO B 193 -34.60 -14.21 50.07
N VAL B 194 -34.23 -14.42 48.81
CA VAL B 194 -32.83 -14.72 48.47
C VAL B 194 -31.90 -13.49 48.59
N LEU B 195 -32.45 -12.29 48.35
CA LEU B 195 -31.73 -11.04 48.60
C LEU B 195 -31.43 -10.85 50.09
N LYS B 196 -32.47 -11.02 50.91
CA LYS B 196 -32.37 -10.94 52.38
C LYS B 196 -31.25 -11.85 52.92
N GLN B 197 -31.24 -13.10 52.45
CA GLN B 197 -30.28 -14.12 52.88
C GLN B 197 -28.84 -13.80 52.49
N VAL B 198 -28.68 -13.19 51.31
CA VAL B 198 -27.38 -12.70 50.86
C VAL B 198 -26.92 -11.54 51.74
N ALA B 199 -27.85 -10.64 52.07
CA ALA B 199 -27.57 -9.47 52.90
C ALA B 199 -27.22 -9.81 54.34
N GLU B 200 -27.82 -10.89 54.85
CA GLU B 200 -27.53 -11.42 56.18
C GLU B 200 -26.15 -12.10 56.24
N GLN B 201 -25.79 -12.82 55.16
CA GLN B 201 -24.57 -13.66 55.15
C GLN B 201 -23.33 -12.98 54.61
N PHE B 202 -23.51 -12.00 53.73
CA PHE B 202 -22.38 -11.35 53.04
C PHE B 202 -22.31 -9.84 53.18
N LEU B 203 -23.33 -9.25 53.78
CA LEU B 203 -23.39 -7.81 53.88
C LEU B 203 -23.58 -7.36 55.32
N ASN B 204 -23.51 -8.32 56.23
CA ASN B 204 -23.43 -8.01 57.65
C ASN B 204 -21.96 -7.67 57.93
N ILE B 205 -21.67 -6.37 57.91
CA ILE B 205 -20.34 -5.82 58.17
C ILE B 205 -20.48 -4.69 59.16
N ARG B 206 -19.70 -4.70 60.24
CA ARG B 206 -19.93 -3.77 61.37
C ARG B 206 -19.59 -2.29 61.07
N GLY B 207 -20.25 -1.39 61.80
CA GLY B 207 -20.26 0.06 61.56
C GLY B 207 -18.93 0.78 61.68
N GLY B 208 -18.88 2.02 61.20
CA GLY B 208 -17.65 2.80 61.16
C GLY B 208 -17.89 4.30 61.09
N ALA B 214 -19.74 15.44 60.44
CA ALA B 214 -20.50 16.57 61.00
C ALA B 214 -21.56 17.09 60.02
N LYS B 215 -22.42 17.97 60.53
CA LYS B 215 -23.51 18.57 59.75
C LYS B 215 -22.98 19.65 58.80
N ALA B 216 -23.60 19.75 57.63
CA ALA B 216 -23.20 20.70 56.61
C ALA B 216 -23.52 22.13 57.02
N LYS B 217 -22.46 22.92 57.22
CA LYS B 217 -22.60 24.33 57.54
C LYS B 217 -22.67 25.18 56.26
N TYR B 218 -23.81 25.81 56.00
CA TYR B 218 -23.95 26.79 54.91
C TYR B 218 -23.12 28.02 55.23
N HIS B 219 -22.52 28.59 54.21
CA HIS B 219 -21.62 29.72 54.40
C HIS B 219 -22.13 30.96 53.66
N GLY B 220 -22.31 30.82 52.35
CA GLY B 220 -22.62 31.95 51.48
C GLY B 220 -21.33 32.60 51.04
N GLY B 221 -20.94 32.34 49.79
CA GLY B 221 -19.75 32.91 49.19
C GLY B 221 -19.97 33.03 47.69
N GLU B 222 -18.91 33.39 46.96
CA GLU B 222 -18.93 33.42 45.51
C GLU B 222 -17.59 33.04 44.91
N ILE B 223 -17.63 32.29 43.82
CA ILE B 223 -16.44 31.84 43.11
C ILE B 223 -16.59 32.21 41.64
N ARG B 224 -15.54 32.79 41.07
CA ARG B 224 -15.63 33.36 39.73
C ARG B 224 -14.53 32.82 38.81
N GLU B 225 -14.90 31.94 37.88
CA GLU B 225 -13.94 31.47 36.90
C GLU B 225 -13.88 32.41 35.69
N GLN B 226 -12.84 33.23 35.64
CA GLN B 226 -12.59 34.07 34.47
C GLN B 226 -11.89 33.22 33.40
N ASN B 227 -12.52 33.06 32.24
CA ASN B 227 -11.95 32.21 31.19
C ASN B 227 -12.15 32.66 29.74
N GLY B 228 -12.75 33.83 29.51
CA GLY B 228 -12.93 34.37 28.16
C GLY B 228 -13.80 33.63 27.14
N ASP B 229 -14.77 32.82 27.58
CA ASP B 229 -15.83 32.31 26.69
C ASP B 229 -16.73 33.47 26.30
N SER B 230 -17.34 33.38 25.12
CA SER B 230 -18.36 34.38 24.74
C SER B 230 -19.69 34.17 25.48
N LEU B 231 -19.86 33.01 26.12
CA LEU B 231 -21.00 32.76 27.00
C LEU B 231 -20.60 32.70 28.46
N VAL B 232 -21.46 33.27 29.31
CA VAL B 232 -21.28 33.20 30.75
C VAL B 232 -22.32 32.30 31.41
N HIS B 233 -21.87 31.17 31.93
CA HIS B 233 -22.66 30.34 32.83
C HIS B 233 -22.58 30.94 34.23
N ALA B 234 -23.71 30.99 34.93
CA ALA B 234 -23.81 31.59 36.27
C ALA B 234 -24.97 31.00 37.06
N ALA B 235 -24.76 30.79 38.35
CA ALA B 235 -25.80 30.25 39.24
C ALA B 235 -25.83 31.06 40.54
N LEU B 236 -27.04 31.42 40.98
CA LEU B 236 -27.24 32.15 42.23
C LEU B 236 -28.32 31.47 43.06
N VAL B 237 -27.91 31.03 44.24
CA VAL B 237 -28.76 30.24 45.13
C VAL B 237 -28.72 30.79 46.57
N ALA B 238 -29.76 30.45 47.32
CA ALA B 238 -29.81 30.68 48.76
C ALA B 238 -30.11 29.34 49.41
N GLU B 239 -29.90 29.25 50.73
CA GLU B 239 -30.17 28.02 51.46
C GLU B 239 -31.66 27.69 51.39
N SER B 240 -31.95 26.45 51.00
CA SER B 240 -33.32 25.98 50.81
C SER B 240 -33.87 25.21 52.02
N ALA B 241 -34.11 23.92 51.84
CA ALA B 241 -34.70 23.07 52.87
C ALA B 241 -34.27 21.64 52.70
N ALA B 242 -34.11 20.95 53.82
CA ALA B 242 -33.65 19.56 53.86
C ALA B 242 -34.68 18.62 53.22
N ILE B 243 -34.20 17.68 52.40
CA ILE B 243 -35.06 16.65 51.80
C ILE B 243 -35.68 15.78 52.90
N GLY B 244 -36.96 15.47 52.76
CA GLY B 244 -37.70 14.83 53.83
C GLY B 244 -38.63 15.79 54.56
N SER B 245 -38.21 17.04 54.74
CA SER B 245 -39.08 18.08 55.31
C SER B 245 -40.14 18.54 54.31
N ALA B 246 -41.29 18.97 54.84
CA ALA B 246 -42.41 19.40 54.02
C ALA B 246 -42.09 20.66 53.20
N GLU B 247 -41.24 21.53 53.76
CA GLU B 247 -40.86 22.79 53.10
C GLU B 247 -40.17 22.55 51.77
N ALA B 248 -39.41 21.46 51.70
CA ALA B 248 -38.68 21.07 50.48
C ALA B 248 -39.62 20.92 49.28
N ASN B 249 -40.80 20.34 49.54
CA ASN B 249 -41.84 20.16 48.53
C ASN B 249 -42.27 21.50 47.95
N ALA B 250 -42.34 22.53 48.81
CA ALA B 250 -42.70 23.89 48.38
C ALA B 250 -41.68 24.48 47.39
N PHE B 251 -40.40 24.25 47.66
CA PHE B 251 -39.34 24.69 46.76
C PHE B 251 -39.41 24.00 45.41
N SER B 252 -39.69 22.69 45.43
CA SER B 252 -39.85 21.89 44.22
C SER B 252 -40.98 22.44 43.33
N VAL B 253 -42.07 22.89 43.95
CA VAL B 253 -43.20 23.52 43.25
C VAL B 253 -42.79 24.90 42.71
N LEU B 254 -42.14 25.70 43.56
CA LEU B 254 -41.57 26.99 43.15
C LEU B 254 -40.61 26.89 41.98
N GLN B 255 -39.81 25.83 41.94
CA GLN B 255 -38.89 25.54 40.85
C GLN B 255 -39.66 25.44 39.53
N HIS B 256 -40.79 24.72 39.56
CA HIS B 256 -41.61 24.47 38.38
C HIS B 256 -42.53 25.64 38.02
N VAL B 257 -42.81 26.52 38.99
CA VAL B 257 -43.49 27.80 38.72
C VAL B 257 -42.57 28.68 37.89
N LEU B 258 -41.32 28.78 38.33
CA LEU B 258 -40.33 29.65 37.70
C LEU B 258 -39.87 29.09 36.36
N GLY B 259 -39.69 27.78 36.30
CA GLY B 259 -39.30 27.12 35.05
C GLY B 259 -38.07 26.30 35.29
N ALA B 260 -38.22 25.00 35.09
CA ALA B 260 -37.18 24.05 35.40
C ALA B 260 -36.86 23.21 34.17
N GLY B 261 -36.46 23.87 33.09
CA GLY B 261 -36.08 23.15 31.88
C GLY B 261 -37.23 22.84 30.95
N PRO B 262 -36.89 22.47 29.70
CA PRO B 262 -37.82 22.57 28.57
C PRO B 262 -38.78 21.38 28.43
N HIS B 263 -39.95 21.64 27.85
CA HIS B 263 -40.93 20.59 27.59
C HIS B 263 -41.13 20.30 26.08
N VAL B 264 -40.97 21.33 25.25
CA VAL B 264 -41.12 21.20 23.80
C VAL B 264 -39.76 21.33 23.11
N LYS B 265 -39.51 20.51 22.09
CA LYS B 265 -38.29 20.62 21.28
C LYS B 265 -38.29 21.93 20.50
N ARG B 266 -37.17 22.66 20.62
CA ARG B 266 -36.94 23.96 19.96
C ARG B 266 -37.98 25.02 20.37
N GLY B 267 -38.68 24.74 21.47
CA GLY B 267 -39.77 25.57 21.97
C GLY B 267 -39.31 26.81 22.69
N SER B 268 -40.22 27.78 22.81
CA SER B 268 -39.93 29.10 23.39
C SER B 268 -40.34 29.23 24.85
N ASN B 269 -40.87 28.16 25.42
CA ASN B 269 -41.23 28.06 26.85
C ASN B 269 -42.18 29.14 27.31
N ALA B 270 -43.42 29.07 26.81
CA ALA B 270 -44.43 30.08 27.08
C ALA B 270 -44.96 30.06 28.51
N THR B 271 -44.88 28.91 29.18
CA THR B 271 -45.31 28.80 30.59
C THR B 271 -44.19 29.01 31.62
N SER B 272 -42.93 28.96 31.18
CA SER B 272 -41.78 29.23 32.07
C SER B 272 -41.67 30.71 32.45
N SER B 273 -41.89 30.98 33.73
CA SER B 273 -41.93 32.34 34.30
C SER B 273 -40.59 33.07 34.15
N LEU B 274 -39.49 32.37 34.40
CA LEU B 274 -38.14 32.91 34.27
C LEU B 274 -37.78 33.22 32.82
N TYR B 275 -38.01 32.25 31.94
CA TYR B 275 -37.61 32.35 30.53
C TYR B 275 -38.26 33.54 29.85
N GLN B 276 -39.53 33.75 30.15
CA GLN B 276 -40.29 34.88 29.62
C GLN B 276 -39.85 36.21 30.25
N ALA B 277 -39.51 36.17 31.54
CA ALA B 277 -39.03 37.35 32.26
C ALA B 277 -37.73 37.85 31.66
N VAL B 278 -36.84 36.90 31.35
CA VAL B 278 -35.55 37.22 30.74
C VAL B 278 -35.71 37.59 29.26
N ALA B 279 -36.52 36.83 28.53
CA ALA B 279 -36.75 37.05 27.09
C ALA B 279 -37.41 38.40 26.76
N LYS B 280 -38.10 38.99 27.74
CA LYS B 280 -38.71 40.33 27.63
C LYS B 280 -37.65 41.39 27.37
N GLY B 281 -36.61 41.41 28.20
CA GLY B 281 -35.50 42.36 28.10
C GLY B 281 -34.45 42.09 27.03
N VAL B 282 -34.02 40.83 26.91
CA VAL B 282 -32.88 40.45 26.04
C VAL B 282 -33.19 39.28 25.06
N HIS B 283 -33.01 39.52 23.76
CA HIS B 283 -33.45 38.58 22.70
C HIS B 283 -32.37 37.66 22.09
N GLN B 284 -31.08 37.95 22.35
CA GLN B 284 -29.93 37.16 21.83
C GLN B 284 -29.91 35.75 22.46
N PRO B 285 -29.06 34.82 21.97
CA PRO B 285 -29.05 33.46 22.56
C PRO B 285 -28.87 33.43 24.09
N PHE B 286 -29.75 32.71 24.78
CA PHE B 286 -29.71 32.53 26.25
C PHE B 286 -30.54 31.31 26.73
N ASP B 287 -30.27 30.92 27.97
CA ASP B 287 -31.05 29.91 28.70
C ASP B 287 -31.05 30.25 30.19
N VAL B 288 -32.21 30.06 30.82
CA VAL B 288 -32.36 30.27 32.26
C VAL B 288 -33.28 29.19 32.86
N SER B 289 -32.89 28.69 34.03
CA SER B 289 -33.64 27.67 34.73
C SER B 289 -33.56 27.84 36.22
N ALA B 290 -34.60 27.45 36.92
CA ALA B 290 -34.56 27.37 38.37
C ALA B 290 -33.70 26.17 38.74
N PHE B 291 -32.87 26.37 39.77
CA PHE B 291 -32.00 25.33 40.30
C PHE B 291 -32.51 24.92 41.66
N ASN B 292 -32.73 23.62 41.86
CA ASN B 292 -33.13 23.07 43.16
C ASN B 292 -32.43 21.75 43.53
N ALA B 293 -31.43 21.88 44.40
CA ALA B 293 -30.78 20.76 45.09
C ALA B 293 -31.37 20.63 46.49
N SER B 294 -31.50 19.39 46.96
CA SER B 294 -32.06 19.14 48.28
C SER B 294 -31.38 17.92 48.89
N TYR B 295 -30.83 18.11 50.09
CA TYR B 295 -29.99 17.11 50.74
C TYR B 295 -30.50 16.73 52.13
N SER B 296 -29.83 15.80 52.80
CA SER B 296 -30.21 15.41 54.15
C SER B 296 -30.11 16.56 55.17
N ASP B 297 -28.99 17.29 55.13
CA ASP B 297 -28.72 18.38 56.08
C ASP B 297 -29.28 19.71 55.62
N SER B 298 -29.24 19.96 54.32
CA SER B 298 -29.44 21.29 53.79
C SER B 298 -30.03 21.24 52.39
N GLY B 299 -30.05 22.38 51.70
CA GLY B 299 -30.50 22.46 50.31
C GLY B 299 -30.08 23.78 49.69
N LEU B 300 -30.07 23.81 48.36
CA LEU B 300 -29.83 25.04 47.62
C LEU B 300 -30.96 25.25 46.63
N PHE B 301 -31.56 26.44 46.68
CA PHE B 301 -32.51 26.85 45.67
C PHE B 301 -32.12 28.18 45.03
N GLY B 302 -32.27 28.26 43.72
CA GLY B 302 -32.02 29.50 42.99
C GLY B 302 -32.32 29.39 41.51
N PHE B 303 -31.40 29.89 40.70
CA PHE B 303 -31.50 29.80 39.26
C PHE B 303 -30.12 29.81 38.61
N TYR B 304 -30.07 29.28 37.39
CA TYR B 304 -28.84 29.20 36.61
C TYR B 304 -29.08 29.96 35.30
N THR B 305 -28.18 30.86 34.97
CA THR B 305 -28.24 31.56 33.69
C THR B 305 -27.14 31.10 32.76
N ILE B 306 -27.44 31.09 31.47
CA ILE B 306 -26.45 31.03 30.40
C ILE B 306 -26.81 32.18 29.48
N SER B 307 -25.87 33.10 29.35
CA SER B 307 -26.08 34.36 28.66
C SER B 307 -24.83 34.77 27.89
N GLN B 308 -24.97 35.73 26.98
CA GLN B 308 -23.81 36.36 26.35
C GLN B 308 -23.01 37.14 27.40
N ALA B 309 -21.70 37.26 27.22
CA ALA B 309 -20.84 37.89 28.21
C ALA B 309 -21.31 39.27 28.64
N ALA B 310 -21.70 40.10 27.66
CA ALA B 310 -22.13 41.49 27.88
C ALA B 310 -23.49 41.60 28.56
N SER B 311 -24.34 40.60 28.32
CA SER B 311 -25.73 40.56 28.79
C SER B 311 -25.94 39.85 30.14
N ALA B 312 -24.86 39.31 30.71
CA ALA B 312 -24.92 38.53 31.96
C ALA B 312 -25.56 39.29 33.12
N GLY B 313 -25.18 40.56 33.27
CA GLY B 313 -25.78 41.45 34.26
C GLY B 313 -27.29 41.53 34.11
N ASP B 314 -27.75 41.82 32.90
CA ASP B 314 -29.17 42.00 32.57
C ASP B 314 -29.99 40.73 32.79
N VAL B 315 -29.44 39.58 32.38
CA VAL B 315 -30.11 38.27 32.50
C VAL B 315 -30.30 37.82 33.95
N ILE B 316 -29.24 37.95 34.75
CA ILE B 316 -29.25 37.52 36.16
C ILE B 316 -30.21 38.38 36.96
N LYS B 317 -30.12 39.70 36.76
CA LYS B 317 -31.00 40.66 37.44
C LYS B 317 -32.45 40.47 37.05
N ALA B 318 -32.72 40.25 35.76
CA ALA B 318 -34.06 39.95 35.26
C ALA B 318 -34.65 38.69 35.91
N ALA B 319 -33.84 37.63 35.99
CA ALA B 319 -34.23 36.36 36.62
C ALA B 319 -34.49 36.50 38.12
N TYR B 320 -33.62 37.25 38.80
CA TYR B 320 -33.72 37.53 40.24
C TYR B 320 -34.99 38.33 40.57
N ASN B 321 -35.30 39.30 39.71
CA ASN B 321 -36.51 40.11 39.79
C ASN B 321 -37.77 39.29 39.68
N GLN B 322 -37.73 38.24 38.85
CA GLN B 322 -38.89 37.37 38.67
C GLN B 322 -39.22 36.61 39.94
N VAL B 323 -38.20 36.20 40.69
CA VAL B 323 -38.40 35.48 41.95
C VAL B 323 -38.96 36.42 43.02
N LYS B 324 -38.50 37.68 42.99
CA LYS B 324 -38.97 38.75 43.88
C LYS B 324 -40.47 39.03 43.77
N THR B 325 -40.99 39.07 42.55
CA THR B 325 -42.42 39.27 42.35
C THR B 325 -43.24 38.03 42.76
N ILE B 326 -42.68 36.83 42.64
CA ILE B 326 -43.30 35.61 43.18
C ILE B 326 -43.30 35.67 44.70
N ALA B 327 -42.21 36.17 45.28
CA ALA B 327 -42.10 36.39 46.73
C ALA B 327 -43.01 37.49 47.25
N GLN B 328 -43.23 38.52 46.44
CA GLN B 328 -44.14 39.62 46.77
C GLN B 328 -45.62 39.22 46.71
N GLY B 329 -45.92 38.15 45.98
CA GLY B 329 -47.26 37.56 45.97
C GLY B 329 -47.94 37.44 44.62
N ASN B 330 -47.24 37.80 43.55
CA ASN B 330 -47.80 37.72 42.18
C ASN B 330 -47.73 36.30 41.64
N LEU B 331 -48.77 35.53 41.94
CA LEU B 331 -48.81 34.08 41.70
C LEU B 331 -50.25 33.55 41.79
N SER B 332 -50.81 33.12 40.67
CA SER B 332 -52.19 32.62 40.63
C SER B 332 -52.24 31.10 40.69
N ASN B 333 -53.38 30.55 41.12
CA ASN B 333 -53.65 29.10 41.08
C ASN B 333 -53.30 28.40 39.75
N PRO B 334 -53.76 28.92 38.58
CA PRO B 334 -53.36 28.27 37.31
C PRO B 334 -51.85 28.06 37.11
N ASP B 335 -51.02 28.94 37.68
CA ASP B 335 -49.57 28.78 37.65
C ASP B 335 -49.13 27.65 38.57
N VAL B 336 -49.63 27.67 39.80
CA VAL B 336 -49.28 26.67 40.82
C VAL B 336 -49.84 25.30 40.47
N GLN B 337 -50.96 25.28 39.76
CA GLN B 337 -51.56 24.04 39.27
C GLN B 337 -50.70 23.45 38.14
N ALA B 338 -50.31 24.31 37.19
CA ALA B 338 -49.43 23.92 36.07
C ALA B 338 -48.10 23.39 36.59
N ALA B 339 -47.51 24.12 37.54
CA ALA B 339 -46.26 23.73 38.18
C ALA B 339 -46.35 22.36 38.87
N LYS B 340 -47.46 22.11 39.55
CA LYS B 340 -47.71 20.82 40.20
C LYS B 340 -47.84 19.71 39.17
N ASN B 341 -48.60 19.97 38.11
CA ASN B 341 -48.78 19.02 37.01
C ASN B 341 -47.45 18.64 36.38
N LYS B 342 -46.53 19.60 36.28
CA LYS B 342 -45.19 19.35 35.75
C LYS B 342 -44.42 18.42 36.67
N LEU B 343 -44.30 18.83 37.94
CA LEU B 343 -43.61 18.06 38.99
C LEU B 343 -44.20 16.67 39.20
N LYS B 344 -45.53 16.57 39.25
CA LYS B 344 -46.24 15.28 39.36
C LYS B 344 -45.90 14.35 38.20
N ALA B 345 -45.94 14.90 36.98
CA ALA B 345 -45.60 14.18 35.76
C ALA B 345 -44.12 13.83 35.72
N GLY B 346 -43.28 14.80 36.06
CA GLY B 346 -41.83 14.63 36.14
C GLY B 346 -41.38 13.51 37.05
N TYR B 347 -42.00 13.42 38.23
CA TYR B 347 -41.69 12.35 39.18
C TYR B 347 -42.06 10.96 38.65
N LEU B 348 -43.29 10.82 38.16
CA LEU B 348 -43.77 9.53 37.65
C LEU B 348 -43.02 9.09 36.40
N MET B 349 -42.63 10.07 35.59
CA MET B 349 -41.79 9.84 34.42
C MET B 349 -40.36 9.45 34.81
N SER B 350 -39.86 9.98 35.93
CA SER B 350 -38.50 9.63 36.38
C SER B 350 -38.42 8.18 36.89
N VAL B 351 -39.51 7.66 37.43
CA VAL B 351 -39.61 6.25 37.88
C VAL B 351 -40.23 5.32 36.83
N GLU B 352 -40.38 5.84 35.61
CA GLU B 352 -40.95 5.12 34.46
C GLU B 352 -40.04 3.99 33.98
N SER B 353 -38.75 4.29 33.84
CA SER B 353 -37.71 3.30 33.55
C SER B 353 -37.40 2.49 34.80
N SER B 354 -37.03 1.22 34.64
CA SER B 354 -36.60 0.41 35.77
C SER B 354 -35.21 0.82 36.29
N GLU B 355 -34.48 1.61 35.51
CA GLU B 355 -33.23 2.22 35.98
C GLU B 355 -33.51 3.32 37.04
N GLY B 356 -34.35 4.30 36.67
CA GLY B 356 -34.72 5.41 37.55
C GLY B 356 -35.52 5.00 38.76
N PHE B 357 -36.36 3.97 38.59
CA PHE B 357 -37.13 3.38 39.69
C PHE B 357 -36.19 2.81 40.75
N LEU B 358 -35.19 2.03 40.34
CA LEU B 358 -34.19 1.47 41.25
C LEU B 358 -33.49 2.59 42.01
N ASP B 359 -33.20 3.68 41.30
CA ASP B 359 -32.51 4.83 41.88
C ASP B 359 -33.32 5.53 42.96
N GLU B 360 -34.63 5.62 42.76
CA GLU B 360 -35.55 6.24 43.73
C GLU B 360 -35.83 5.34 44.93
N VAL B 361 -35.91 4.03 44.70
CA VAL B 361 -36.10 3.08 45.79
C VAL B 361 -34.90 3.11 46.74
N GLY B 362 -33.69 3.02 46.18
CA GLY B 362 -32.43 3.11 46.91
C GLY B 362 -32.19 4.47 47.54
N SER B 363 -32.44 5.52 46.77
CA SER B 363 -32.29 6.90 47.21
C SER B 363 -33.13 7.20 48.47
N GLN B 364 -34.42 6.85 48.43
CA GLN B 364 -35.33 6.99 49.56
C GLN B 364 -34.88 6.17 50.77
N ALA B 365 -34.51 4.92 50.52
CA ALA B 365 -34.06 4.00 51.56
C ALA B 365 -32.89 4.51 52.41
N LEU B 366 -32.04 5.35 51.84
CA LEU B 366 -30.91 5.94 52.59
C LEU B 366 -31.31 7.20 53.36
N ALA B 367 -31.91 8.16 52.66
CA ALA B 367 -32.28 9.46 53.23
C ALA B 367 -33.48 9.39 54.19
N ALA B 368 -34.31 8.35 54.03
CA ALA B 368 -35.49 8.14 54.88
C ALA B 368 -35.62 6.67 55.28
N GLY B 369 -36.63 6.36 56.09
CA GLY B 369 -36.81 5.01 56.65
C GLY B 369 -37.19 3.93 55.64
N SER B 370 -38.20 4.23 54.82
CA SER B 370 -38.73 3.24 53.89
C SER B 370 -39.24 3.84 52.58
N TYR B 371 -39.94 3.02 51.81
CA TYR B 371 -40.49 3.36 50.51
C TYR B 371 -41.81 4.15 50.59
N THR B 372 -41.83 5.35 50.01
CA THR B 372 -43.07 6.12 49.80
C THR B 372 -43.58 5.80 48.39
N PRO B 373 -44.81 5.24 48.27
CA PRO B 373 -45.37 4.94 46.94
C PRO B 373 -45.64 6.21 46.10
N PRO B 374 -45.59 6.11 44.74
CA PRO B 374 -45.84 7.25 43.86
C PRO B 374 -47.15 8.02 44.13
N SER B 375 -48.22 7.30 44.43
CA SER B 375 -49.53 7.89 44.75
C SER B 375 -49.51 8.81 45.98
N THR B 376 -48.74 8.41 47.00
CA THR B 376 -48.56 9.20 48.23
C THR B 376 -47.71 10.48 47.99
N VAL B 377 -46.74 10.36 47.08
CA VAL B 377 -45.86 11.48 46.67
C VAL B 377 -46.66 12.57 45.96
N LEU B 378 -47.55 12.16 45.06
CA LEU B 378 -48.43 13.08 44.31
C LEU B 378 -49.39 13.84 45.22
N GLN B 379 -49.88 13.14 46.25
CA GLN B 379 -50.75 13.70 47.27
C GLN B 379 -50.01 14.76 48.09
N GLN B 380 -48.72 14.51 48.34
CA GLN B 380 -47.86 15.45 49.05
C GLN B 380 -47.48 16.68 48.24
N ILE B 381 -47.43 16.53 46.91
CA ILE B 381 -47.26 17.68 46.01
C ILE B 381 -48.50 18.57 46.05
N ASP B 382 -49.68 17.95 45.98
CA ASP B 382 -50.96 18.65 46.09
C ASP B 382 -51.14 19.38 47.42
N ALA B 383 -50.52 18.83 48.48
CA ALA B 383 -50.54 19.42 49.83
C ALA B 383 -49.82 20.77 49.93
N VAL B 384 -49.00 21.11 48.95
CA VAL B 384 -48.34 22.40 48.91
C VAL B 384 -49.35 23.48 48.51
N ALA B 385 -49.63 24.40 49.43
CA ALA B 385 -50.54 25.53 49.21
C ALA B 385 -49.80 26.68 48.54
N ASP B 386 -50.55 27.59 47.91
CA ASP B 386 -49.99 28.77 47.24
C ASP B 386 -49.11 29.58 48.17
N ALA B 387 -49.54 29.64 49.44
CA ALA B 387 -48.83 30.34 50.49
C ALA B 387 -47.43 29.75 50.74
N ASP B 388 -47.30 28.42 50.68
CA ASP B 388 -46.01 27.75 50.87
C ASP B 388 -44.99 28.10 49.78
N VAL B 389 -45.49 28.26 48.55
CA VAL B 389 -44.68 28.65 47.39
C VAL B 389 -44.15 30.07 47.56
N ILE B 390 -45.03 30.99 47.99
CA ILE B 390 -44.65 32.38 48.25
C ILE B 390 -43.60 32.50 49.37
N ASN B 391 -43.72 31.66 50.41
CA ASN B 391 -42.73 31.56 51.50
C ASN B 391 -41.36 31.06 51.05
N ALA B 392 -41.34 30.05 50.18
CA ALA B 392 -40.10 29.54 49.61
C ALA B 392 -39.38 30.65 48.85
N ALA B 393 -40.13 31.40 48.03
CA ALA B 393 -39.61 32.53 47.27
C ALA B 393 -39.10 33.65 48.16
N LYS B 394 -39.89 33.99 49.19
CA LYS B 394 -39.51 34.95 50.22
C LYS B 394 -38.22 34.54 50.92
N LYS B 395 -38.10 33.24 51.23
CA LYS B 395 -36.89 32.70 51.86
C LYS B 395 -35.66 32.93 50.99
N PHE B 396 -35.80 32.64 49.69
CA PHE B 396 -34.73 32.87 48.71
C PHE B 396 -34.29 34.32 48.61
N VAL B 397 -35.26 35.24 48.59
CA VAL B 397 -34.96 36.68 48.42
C VAL B 397 -34.18 37.23 49.62
N SER B 398 -34.64 36.92 50.82
CA SER B 398 -33.98 37.40 52.04
C SER B 398 -32.82 36.52 52.51
N GLY B 399 -32.69 35.30 51.98
CA GLY B 399 -31.57 34.41 52.33
C GLY B 399 -30.18 34.89 51.90
N ARG B 400 -29.17 34.57 52.71
CA ARG B 400 -27.75 34.82 52.39
C ARG B 400 -27.43 34.08 51.09
N LYS B 401 -26.81 34.76 50.15
CA LYS B 401 -26.66 34.22 48.80
C LYS B 401 -25.33 33.50 48.60
N SER B 402 -25.36 32.48 47.73
CA SER B 402 -24.15 31.88 47.16
C SER B 402 -24.23 31.96 45.63
N MET B 403 -23.09 32.26 45.02
CA MET B 403 -23.01 32.46 43.57
C MET B 403 -21.77 31.78 43.00
N ALA B 404 -21.89 31.37 41.74
CA ALA B 404 -20.75 30.87 40.98
C ALA B 404 -20.93 31.26 39.53
N ALA B 405 -19.81 31.57 38.88
CA ALA B 405 -19.82 31.89 37.44
C ALA B 405 -18.59 31.34 36.76
N SER B 406 -18.75 31.13 35.45
CA SER B 406 -17.66 30.81 34.52
C SER B 406 -17.92 31.53 33.20
N GLY B 407 -16.85 32.09 32.64
CA GLY B 407 -16.96 32.84 31.38
C GLY B 407 -16.09 34.09 31.38
N ASN B 408 -16.32 34.97 30.40
CA ASN B 408 -15.80 36.32 30.44
C ASN B 408 -16.73 37.17 31.31
N LEU B 409 -16.32 37.36 32.56
CA LEU B 409 -17.19 37.87 33.63
C LEU B 409 -17.19 39.39 33.75
N GLY B 410 -16.68 40.10 32.75
CA GLY B 410 -16.59 41.57 32.77
C GLY B 410 -17.88 42.30 33.13
N HIS B 411 -19.01 41.70 32.74
CA HIS B 411 -20.33 42.27 32.98
C HIS B 411 -21.21 41.37 33.88
N THR B 412 -20.63 40.30 34.40
CA THR B 412 -21.24 39.47 35.46
C THR B 412 -21.12 40.20 36.81
N PRO B 413 -22.26 40.50 37.47
CA PRO B 413 -22.14 41.22 38.74
C PRO B 413 -21.68 40.30 39.87
N PHE B 414 -21.23 40.93 40.96
CA PHE B 414 -20.97 40.25 42.22
C PHE B 414 -22.29 40.07 42.98
N ILE B 415 -22.28 39.28 44.06
CA ILE B 415 -23.48 39.10 44.90
C ILE B 415 -23.97 40.44 45.43
N ASP B 416 -23.04 41.24 45.94
CA ASP B 416 -23.32 42.55 46.51
C ASP B 416 -23.53 43.66 45.46
N GLU B 417 -23.69 43.28 44.20
CA GLU B 417 -24.03 44.23 43.12
C GLU B 417 -25.47 44.07 42.60
N LEU B 418 -26.27 43.23 43.25
CA LEU B 418 -27.41 42.58 42.58
C LEU B 418 -28.80 43.26 42.67
N THR C 1 -0.55 -2.80 17.28
CA THR C 1 0.71 -2.66 16.49
C THR C 1 1.13 -3.96 15.76
N ASN C 2 1.75 -3.80 14.59
CA ASN C 2 2.19 -4.89 13.68
C ASN C 2 3.66 -5.31 13.86
N ILE C 3 4.01 -6.49 13.33
CA ILE C 3 5.38 -7.02 13.37
C ILE C 3 6.18 -6.70 12.10
N ARG C 4 5.78 -5.61 11.44
CA ARG C 4 6.53 -5.02 10.33
C ARG C 4 7.31 -3.82 10.87
N LYS C 5 6.71 -3.11 11.83
CA LYS C 5 7.30 -1.95 12.51
C LYS C 5 8.10 -2.34 13.76
N SER C 6 7.85 -3.55 14.28
CA SER C 6 8.43 -4.06 15.53
C SER C 6 9.76 -4.81 15.35
N HIS C 7 9.75 -5.86 14.52
CA HIS C 7 10.90 -6.75 14.29
C HIS C 7 12.09 -5.96 13.71
N PRO C 8 13.27 -6.02 14.37
CA PRO C 8 14.50 -5.27 13.98
C PRO C 8 14.90 -5.36 12.50
N LEU C 9 14.71 -6.52 11.86
CA LEU C 9 14.98 -6.68 10.42
C LEU C 9 13.84 -6.14 9.54
N MET C 10 12.61 -6.46 9.90
CA MET C 10 11.42 -6.00 9.17
C MET C 10 11.22 -4.49 9.22
N LYS C 11 11.58 -3.89 10.36
CA LYS C 11 11.57 -2.44 10.62
C LYS C 11 12.30 -1.67 9.51
N ILE C 12 13.54 -2.10 9.20
CA ILE C 12 14.34 -1.49 8.12
C ILE C 12 13.66 -1.65 6.76
N VAL C 13 13.15 -2.87 6.50
CA VAL C 13 12.39 -3.19 5.28
C VAL C 13 11.08 -2.39 5.20
N ASN C 14 10.38 -2.24 6.31
CA ASN C 14 9.09 -1.56 6.31
C ASN C 14 9.24 -0.08 6.03
N ASN C 15 10.31 0.52 6.57
CA ASN C 15 10.58 1.95 6.44
C ASN C 15 11.24 2.38 5.14
N ALA C 16 12.06 1.49 4.58
CA ALA C 16 12.84 1.83 3.39
C ALA C 16 12.28 1.24 2.09
N PHE C 17 11.13 0.58 2.20
CA PHE C 17 10.63 -0.27 1.12
C PHE C 17 9.08 -0.18 0.98
N ILE C 18 8.34 -0.32 2.09
CA ILE C 18 6.85 -0.45 2.06
C ILE C 18 6.04 0.82 2.41
N ASP C 19 6.33 1.38 3.57
CA ASP C 19 5.63 2.55 4.09
C ASP C 19 6.40 3.83 3.78
N LEU C 20 7.51 3.67 3.08
CA LEU C 20 8.27 4.81 2.58
C LEU C 20 7.33 5.86 1.95
N PRO C 21 7.33 7.11 2.47
CA PRO C 21 6.59 8.16 1.80
C PRO C 21 7.30 8.60 0.54
N ALA C 22 6.62 8.41 -0.59
CA ALA C 22 7.16 8.77 -1.90
C ALA C 22 6.30 9.86 -2.55
N PRO C 23 6.91 10.80 -3.30
CA PRO C 23 6.09 11.84 -3.97
C PRO C 23 5.08 11.16 -4.89
N SER C 24 3.89 11.73 -4.99
CA SER C 24 2.83 11.21 -5.84
C SER C 24 3.24 11.17 -7.32
N ASN C 25 4.06 12.13 -7.73
CA ASN C 25 4.23 12.49 -9.13
C ASN C 25 5.52 12.05 -9.81
N ILE C 26 6.31 11.19 -9.18
CA ILE C 26 7.59 10.81 -9.77
C ILE C 26 7.39 10.00 -11.05
N SER C 27 8.18 10.34 -12.07
CA SER C 27 8.06 9.82 -13.44
C SER C 27 8.87 8.53 -13.69
N SER C 28 9.04 8.16 -14.95
CA SER C 28 9.78 6.95 -15.34
C SER C 28 11.25 7.05 -15.06
N TRP C 29 11.73 8.28 -14.93
CA TRP C 29 13.14 8.52 -14.69
C TRP C 29 13.56 8.14 -13.26
N TRP C 30 12.57 7.91 -12.40
CA TRP C 30 12.80 7.43 -11.02
C TRP C 30 12.91 5.90 -10.89
N ASN C 31 12.54 5.19 -11.97
CA ASN C 31 12.68 3.74 -12.04
C ASN C 31 14.12 3.26 -12.14
N PHE C 32 15.03 4.14 -12.56
CA PHE C 32 16.39 3.70 -12.89
C PHE C 32 17.22 3.27 -11.71
N GLY C 33 16.90 3.81 -10.53
CA GLY C 33 17.52 3.35 -9.28
C GLY C 33 17.29 1.87 -9.01
N SER C 34 16.02 1.47 -9.08
CA SER C 34 15.56 0.08 -8.89
C SER C 34 16.19 -0.84 -9.93
N LEU C 35 16.25 -0.33 -11.16
CA LEU C 35 16.81 -1.04 -12.27
C LEU C 35 18.32 -1.22 -12.14
N LEU C 36 19.00 -0.23 -11.53
CA LEU C 36 20.43 -0.34 -11.24
C LEU C 36 20.70 -1.44 -10.22
N GLY C 37 19.86 -1.49 -9.20
CA GLY C 37 19.85 -2.59 -8.25
C GLY C 37 19.66 -3.96 -8.88
N ILE C 38 18.65 -4.09 -9.75
CA ILE C 38 18.43 -5.33 -10.49
C ILE C 38 19.64 -5.69 -11.35
N CYS C 39 20.18 -4.71 -12.08
CA CYS C 39 21.41 -4.91 -12.83
C CYS C 39 22.53 -5.47 -11.98
N LEU C 40 22.76 -4.83 -10.83
CA LEU C 40 23.84 -5.25 -9.94
C LEU C 40 23.66 -6.69 -9.47
N ILE C 41 22.43 -7.03 -9.08
CA ILE C 41 22.13 -8.38 -8.59
C ILE C 41 22.25 -9.37 -9.75
N LEU C 42 21.78 -8.95 -10.92
CA LEU C 42 21.87 -9.76 -12.14
C LEU C 42 23.34 -10.08 -12.49
N GLN C 43 24.19 -9.05 -12.48
CA GLN C 43 25.62 -9.24 -12.69
C GLN C 43 26.23 -10.19 -11.67
N ILE C 44 25.91 -10.00 -10.38
CA ILE C 44 26.47 -10.85 -9.32
C ILE C 44 26.11 -12.34 -9.51
N LEU C 45 24.86 -12.63 -9.84
CA LEU C 45 24.44 -14.04 -10.00
C LEU C 45 25.07 -14.67 -11.23
N THR C 46 24.82 -14.07 -12.39
CA THR C 46 25.41 -14.51 -13.66
C THR C 46 26.93 -14.60 -13.54
N GLY C 47 27.51 -13.58 -12.92
CA GLY C 47 28.95 -13.52 -12.70
C GLY C 47 29.45 -14.66 -11.87
N LEU C 48 28.79 -14.93 -10.75
CA LEU C 48 29.17 -16.02 -9.85
C LEU C 48 29.09 -17.36 -10.57
N PHE C 49 28.03 -17.56 -11.33
CA PHE C 49 27.87 -18.78 -12.12
C PHE C 49 28.92 -18.96 -13.20
N LEU C 50 29.35 -17.85 -13.81
CA LEU C 50 30.46 -17.86 -14.75
C LEU C 50 31.77 -18.18 -14.06
N ALA C 51 31.98 -17.63 -12.86
CA ALA C 51 33.21 -17.86 -12.10
C ALA C 51 33.40 -19.33 -11.65
N MET C 52 32.31 -20.09 -11.66
CA MET C 52 32.36 -21.53 -11.40
C MET C 52 33.00 -22.30 -12.54
N HIS C 53 33.18 -21.65 -13.69
CA HIS C 53 33.70 -22.29 -14.91
C HIS C 53 34.92 -21.59 -15.52
N TYR C 54 35.19 -20.36 -15.12
CA TYR C 54 36.28 -19.56 -15.71
C TYR C 54 37.60 -19.83 -15.00
N THR C 55 38.72 -19.58 -15.70
CA THR C 55 40.06 -19.56 -15.06
C THR C 55 40.87 -18.34 -15.50
N SER C 56 41.59 -17.74 -14.54
CA SER C 56 42.34 -16.49 -14.73
C SER C 56 43.78 -16.66 -15.24
N ASP C 57 44.18 -17.91 -15.49
CA ASP C 57 45.47 -18.24 -16.11
C ASP C 57 45.44 -17.84 -17.59
N THR C 58 46.45 -17.10 -18.04
CA THR C 58 46.49 -16.51 -19.40
C THR C 58 46.32 -17.48 -20.55
N THR C 59 46.86 -18.69 -20.38
CA THR C 59 46.77 -19.74 -21.40
C THR C 59 45.35 -20.33 -21.54
N THR C 60 44.70 -20.57 -20.40
CA THR C 60 43.38 -21.23 -20.39
C THR C 60 42.19 -20.25 -20.43
N ALA C 61 42.45 -18.95 -20.24
CA ALA C 61 41.40 -17.94 -20.03
C ALA C 61 40.40 -17.79 -21.15
N PHE C 62 40.89 -17.49 -22.35
CA PHE C 62 40.07 -17.39 -23.53
C PHE C 62 39.28 -18.69 -23.77
N SER C 63 39.97 -19.82 -23.60
CA SER C 63 39.40 -21.15 -23.77
C SER C 63 38.27 -21.42 -22.79
N SER C 64 38.44 -20.99 -21.54
CA SER C 64 37.43 -21.23 -20.50
C SER C 64 36.13 -20.48 -20.82
N VAL C 65 36.25 -19.25 -21.31
CA VAL C 65 35.10 -18.41 -21.66
C VAL C 65 34.31 -19.03 -22.80
N THR C 66 35.03 -19.60 -23.76
CA THR C 66 34.40 -20.27 -24.91
C THR C 66 33.84 -21.64 -24.50
N HIS C 67 34.55 -22.33 -23.60
CA HIS C 67 34.11 -23.60 -23.01
C HIS C 67 32.78 -23.42 -22.28
N ILE C 68 32.61 -22.25 -21.66
CA ILE C 68 31.34 -21.85 -21.04
C ILE C 68 30.23 -21.80 -22.10
N CYS C 69 30.50 -21.11 -23.20
CA CYS C 69 29.53 -20.90 -24.27
C CYS C 69 29.19 -22.16 -25.08
N ARG C 70 30.08 -23.15 -25.10
CA ARG C 70 29.86 -24.36 -25.91
C ARG C 70 29.55 -25.67 -25.15
N ASP C 71 30.22 -25.88 -24.01
CA ASP C 71 30.07 -27.14 -23.26
C ASP C 71 29.25 -27.03 -21.99
N VAL C 72 29.40 -25.94 -21.24
CA VAL C 72 28.60 -25.68 -20.03
C VAL C 72 27.13 -25.47 -20.40
N ASN C 73 26.25 -26.16 -19.66
CA ASN C 73 24.80 -26.10 -19.88
C ASN C 73 24.28 -24.70 -19.67
N TYR C 74 23.65 -24.15 -20.71
CA TYR C 74 23.12 -22.78 -20.71
C TYR C 74 24.18 -21.77 -20.30
N GLY C 75 25.44 -22.11 -20.56
CA GLY C 75 26.56 -21.25 -20.20
C GLY C 75 26.60 -20.04 -21.11
N TRP C 76 26.19 -20.27 -22.36
CA TRP C 76 26.06 -19.21 -23.36
C TRP C 76 25.06 -18.12 -22.93
N ILE C 77 23.88 -18.53 -22.50
CA ILE C 77 22.84 -17.58 -22.14
C ILE C 77 23.26 -16.79 -20.89
N ILE C 78 23.95 -17.46 -19.98
CA ILE C 78 24.54 -16.81 -18.80
C ILE C 78 25.64 -15.81 -19.22
N ARG C 79 26.58 -16.26 -20.03
CA ARG C 79 27.70 -15.42 -20.52
C ARG C 79 27.23 -14.14 -21.22
N TYR C 80 26.28 -14.28 -22.16
CA TYR C 80 25.80 -13.13 -22.93
C TYR C 80 24.82 -12.25 -22.17
N MET C 81 24.13 -12.84 -21.19
CA MET C 81 23.37 -12.05 -20.23
C MET C 81 24.27 -11.14 -19.42
N HIS C 82 25.43 -11.67 -19.04
CA HIS C 82 26.39 -10.94 -18.22
C HIS C 82 27.07 -9.82 -18.99
N ALA C 83 27.33 -10.07 -20.27
CA ALA C 83 27.99 -9.08 -21.13
C ALA C 83 27.02 -7.98 -21.54
N ASN C 84 25.81 -8.37 -21.96
CA ASN C 84 24.80 -7.38 -22.27
C ASN C 84 24.23 -6.73 -21.00
N GLY C 85 24.27 -7.48 -19.88
CA GLY C 85 23.87 -6.95 -18.58
C GLY C 85 24.75 -5.81 -18.13
N ALA C 86 26.01 -5.85 -18.53
CA ALA C 86 26.95 -4.76 -18.25
C ALA C 86 26.59 -3.51 -19.03
N SER C 87 26.18 -3.69 -20.29
CA SER C 87 25.65 -2.61 -21.11
C SER C 87 24.37 -2.04 -20.51
N MET C 88 23.45 -2.93 -20.13
CA MET C 88 22.20 -2.52 -19.53
C MET C 88 22.43 -1.73 -18.27
N PHE C 89 23.49 -2.09 -17.52
CA PHE C 89 23.89 -1.37 -16.32
C PHE C 89 24.23 0.07 -16.66
N PHE C 90 25.08 0.26 -17.66
CA PHE C 90 25.54 1.60 -18.04
C PHE C 90 24.47 2.44 -18.69
N ILE C 91 23.58 1.81 -19.46
CA ILE C 91 22.41 2.51 -19.97
C ILE C 91 21.68 3.05 -18.74
N CYS C 92 21.32 2.15 -17.83
CA CYS C 92 20.64 2.55 -16.60
C CYS C 92 21.35 3.65 -15.82
N LEU C 93 22.68 3.58 -15.75
CA LEU C 93 23.49 4.58 -15.02
C LEU C 93 23.41 5.99 -15.60
N TYR C 94 23.56 6.12 -16.92
CA TYR C 94 23.56 7.43 -17.56
C TYR C 94 22.19 8.05 -17.59
N MET C 95 21.16 7.21 -17.69
CA MET C 95 19.77 7.66 -17.61
C MET C 95 19.48 8.20 -16.21
N HIS C 96 19.97 7.46 -15.20
CA HIS C 96 19.83 7.76 -13.78
C HIS C 96 20.50 9.07 -13.39
N VAL C 97 21.70 9.31 -13.97
CA VAL C 97 22.49 10.55 -13.78
C VAL C 97 21.81 11.72 -14.48
N GLY C 98 21.40 11.50 -15.73
CA GLY C 98 20.64 12.48 -16.52
C GLY C 98 19.42 13.01 -15.78
N ARG C 99 18.66 12.09 -15.18
CA ARG C 99 17.53 12.45 -14.33
C ARG C 99 18.00 13.41 -13.25
N GLY C 100 19.04 13.02 -12.53
CA GLY C 100 19.62 13.82 -11.46
C GLY C 100 19.99 15.20 -11.91
N LEU C 101 20.58 15.31 -13.11
CA LEU C 101 21.02 16.58 -13.64
C LEU C 101 19.86 17.48 -14.00
N TYR C 102 18.93 16.92 -14.77
CA TYR C 102 17.77 17.65 -15.30
C TYR C 102 16.85 18.15 -14.18
N TYR C 103 16.54 17.27 -13.23
CA TYR C 103 15.64 17.60 -12.15
C TYR C 103 16.33 18.15 -10.90
N GLY C 104 17.64 18.35 -10.99
CA GLY C 104 18.43 18.90 -9.88
C GLY C 104 18.48 18.09 -8.60
N SER C 105 18.34 16.77 -8.70
CA SER C 105 18.42 15.86 -7.54
C SER C 105 19.79 15.91 -6.84
N TYR C 106 20.81 16.36 -7.58
CA TYR C 106 22.17 16.56 -7.07
C TYR C 106 22.32 17.50 -5.88
N THR C 107 21.30 18.31 -5.62
CA THR C 107 21.28 19.13 -4.41
C THR C 107 21.35 18.27 -3.16
N PHE C 108 20.83 17.03 -3.21
CA PHE C 108 21.04 16.03 -2.16
C PHE C 108 22.52 15.60 -2.17
N LEU C 109 23.38 16.45 -1.60
CA LEU C 109 24.82 16.37 -1.81
C LEU C 109 25.47 15.02 -1.54
N GLU C 110 25.14 14.44 -0.38
CA GLU C 110 25.72 13.18 0.07
C GLU C 110 25.28 12.05 -0.84
N THR C 111 23.96 11.96 -1.05
CA THR C 111 23.39 11.01 -2.00
C THR C 111 24.12 11.12 -3.35
N TRP C 112 24.24 12.34 -3.86
CA TRP C 112 24.89 12.63 -5.14
C TRP C 112 26.36 12.19 -5.21
N ASN C 113 27.14 12.58 -4.20
CA ASN C 113 28.56 12.26 -4.18
C ASN C 113 28.85 10.77 -4.03
N ILE C 114 28.04 10.09 -3.22
CA ILE C 114 28.08 8.63 -3.11
C ILE C 114 27.80 8.02 -4.49
N GLY C 115 26.85 8.63 -5.21
CA GLY C 115 26.58 8.31 -6.59
C GLY C 115 27.83 8.36 -7.43
N VAL C 116 28.52 9.49 -7.42
CA VAL C 116 29.79 9.64 -8.16
C VAL C 116 30.77 8.47 -7.89
N ILE C 117 30.92 8.15 -6.60
CA ILE C 117 31.72 7.01 -6.15
C ILE C 117 31.20 5.68 -6.75
N LEU C 118 29.89 5.46 -6.65
CA LEU C 118 29.29 4.28 -7.24
C LEU C 118 29.61 4.19 -8.73
N LEU C 119 29.47 5.32 -9.44
CA LEU C 119 29.72 5.38 -10.89
C LEU C 119 31.14 4.93 -11.18
N LEU C 120 32.08 5.57 -10.49
CA LEU C 120 33.49 5.25 -10.61
C LEU C 120 33.80 3.79 -10.28
N THR C 121 33.10 3.21 -9.32
CA THR C 121 33.29 1.79 -8.96
C THR C 121 32.79 0.81 -10.02
N VAL C 122 31.60 1.10 -10.56
CA VAL C 122 31.03 0.31 -11.65
C VAL C 122 31.92 0.39 -12.90
N MET C 123 32.47 1.57 -13.15
CA MET C 123 33.44 1.78 -14.24
C MET C 123 34.68 0.90 -14.05
N ALA C 124 35.31 1.00 -12.89
CA ALA C 124 36.46 0.17 -12.54
C ALA C 124 36.15 -1.32 -12.72
N THR C 125 34.97 -1.74 -12.23
CA THR C 125 34.52 -3.14 -12.36
C THR C 125 34.43 -3.55 -13.83
N ALA C 126 33.71 -2.77 -14.62
CA ALA C 126 33.44 -3.09 -16.05
C ALA C 126 34.66 -3.01 -16.94
N PHE C 127 35.61 -2.15 -16.58
CA PHE C 127 36.88 -2.07 -17.30
C PHE C 127 37.65 -3.38 -17.13
N MET C 128 37.74 -3.86 -15.89
CA MET C 128 38.47 -5.09 -15.55
C MET C 128 37.73 -6.35 -15.98
N GLY C 129 36.41 -6.25 -16.11
CA GLY C 129 35.57 -7.35 -16.59
C GLY C 129 35.88 -7.67 -18.03
N TYR C 130 35.88 -6.63 -18.86
CA TYR C 130 36.17 -6.75 -20.29
C TYR C 130 37.56 -7.35 -20.62
N VAL C 131 38.48 -7.30 -19.67
CA VAL C 131 39.82 -7.87 -19.81
C VAL C 131 39.78 -9.40 -19.67
N LEU C 132 38.92 -9.89 -18.78
CA LEU C 132 38.84 -11.32 -18.42
C LEU C 132 38.74 -12.35 -19.55
N PRO C 133 37.98 -12.07 -20.64
CA PRO C 133 37.96 -13.01 -21.77
C PRO C 133 39.32 -13.19 -22.44
N TRP C 134 40.18 -12.18 -22.32
CA TRP C 134 41.56 -12.21 -22.84
C TRP C 134 41.62 -12.33 -24.36
N GLY C 135 40.73 -11.58 -25.00
CA GLY C 135 40.73 -11.40 -26.45
C GLY C 135 41.63 -10.23 -26.80
N GLN C 136 41.60 -9.83 -28.07
CA GLN C 136 42.43 -8.74 -28.55
C GLN C 136 42.06 -7.41 -27.92
N MET C 137 40.82 -6.99 -28.09
CA MET C 137 40.33 -5.74 -27.54
C MET C 137 40.47 -5.68 -26.02
N SER C 138 40.27 -6.82 -25.37
CA SER C 138 40.53 -6.98 -23.94
C SER C 138 41.94 -6.56 -23.61
N PHE C 139 42.90 -7.25 -24.23
CA PHE C 139 44.31 -7.10 -23.91
C PHE C 139 44.85 -5.74 -24.31
N TRP C 140 44.54 -5.32 -25.53
CA TRP C 140 45.02 -4.06 -26.07
C TRP C 140 44.34 -2.84 -25.47
N GLY C 141 43.06 -2.99 -25.12
CA GLY C 141 42.31 -1.97 -24.40
C GLY C 141 42.94 -1.71 -23.05
N ALA C 142 43.15 -2.79 -22.29
CA ALA C 142 43.79 -2.75 -20.98
C ALA C 142 45.18 -2.14 -21.03
N THR C 143 45.95 -2.49 -22.06
CA THR C 143 47.32 -2.01 -22.22
C THR C 143 47.37 -0.48 -22.39
N VAL C 144 46.60 0.05 -23.34
CA VAL C 144 46.60 1.48 -23.67
C VAL C 144 46.08 2.33 -22.51
N ILE C 145 44.93 1.92 -21.96
CA ILE C 145 44.25 2.65 -20.89
C ILE C 145 45.07 2.68 -19.58
N THR C 146 45.58 1.53 -19.16
CA THR C 146 46.43 1.45 -17.97
C THR C 146 47.65 2.35 -18.15
N ASN C 147 48.31 2.19 -19.30
CA ASN C 147 49.58 2.88 -19.60
C ASN C 147 49.48 4.41 -19.72
N LEU C 148 48.26 4.92 -19.75
CA LEU C 148 48.04 6.36 -19.62
C LEU C 148 48.63 6.92 -18.31
N LEU C 149 48.60 6.14 -17.23
CA LEU C 149 49.11 6.56 -15.92
C LEU C 149 50.61 6.83 -15.86
N SER C 150 51.33 6.35 -16.88
CA SER C 150 52.76 6.61 -17.02
C SER C 150 53.03 8.08 -17.29
N ALA C 151 52.00 8.79 -17.77
CA ALA C 151 52.08 10.24 -18.02
C ALA C 151 52.24 11.11 -16.78
N ILE C 152 51.94 10.56 -15.60
CA ILE C 152 52.24 11.22 -14.30
C ILE C 152 53.76 11.38 -14.15
N PRO C 153 54.25 12.62 -13.83
CA PRO C 153 55.69 12.81 -13.60
C PRO C 153 56.22 12.06 -12.38
N TYR C 154 57.53 11.80 -12.39
CA TYR C 154 58.24 11.02 -11.34
C TYR C 154 57.74 9.57 -11.15
N ILE C 155 56.52 9.39 -10.63
CA ILE C 155 56.00 8.06 -10.21
C ILE C 155 55.30 7.21 -11.28
N GLY C 156 54.68 7.89 -12.26
CA GLY C 156 53.77 7.27 -13.23
C GLY C 156 54.20 5.95 -13.82
N THR C 157 55.45 5.89 -14.27
CA THR C 157 56.01 4.71 -14.88
C THR C 157 56.10 3.49 -13.93
N ASN C 158 56.44 3.74 -12.66
CA ASN C 158 56.45 2.68 -11.64
C ASN C 158 55.05 2.19 -11.38
N LEU C 159 54.15 3.14 -11.17
CA LEU C 159 52.73 2.90 -10.86
C LEU C 159 52.12 1.91 -11.83
N VAL C 160 52.34 2.14 -13.12
CA VAL C 160 51.79 1.31 -14.19
C VAL C 160 52.27 -0.14 -14.07
N GLU C 161 53.58 -0.31 -13.85
CA GLU C 161 54.21 -1.63 -13.73
C GLU C 161 53.83 -2.34 -12.45
N TRP C 162 53.42 -1.57 -11.44
CA TRP C 162 52.97 -2.11 -10.17
C TRP C 162 51.53 -2.64 -10.26
N ILE C 163 50.67 -1.93 -11.01
CA ILE C 163 49.32 -2.41 -11.32
C ILE C 163 49.47 -3.72 -12.09
N TRP C 164 50.32 -3.70 -13.12
CA TRP C 164 50.54 -4.84 -13.99
C TRP C 164 51.14 -6.05 -13.26
N GLY C 165 52.06 -5.79 -12.34
CA GLY C 165 52.81 -6.86 -11.67
C GLY C 165 53.81 -7.49 -12.61
N GLY C 166 54.42 -6.64 -13.42
CA GLY C 166 55.32 -7.04 -14.50
C GLY C 166 55.58 -5.85 -15.42
N PHE C 167 56.13 -6.14 -16.60
CA PHE C 167 56.54 -5.11 -17.55
C PHE C 167 55.56 -4.93 -18.72
N SER C 168 54.57 -5.82 -18.78
CA SER C 168 53.39 -5.68 -19.65
C SER C 168 52.14 -6.22 -18.95
N VAL C 169 50.98 -6.07 -19.60
CA VAL C 169 49.74 -6.70 -19.14
C VAL C 169 49.87 -8.20 -19.42
N ASP C 170 50.15 -8.97 -18.37
CA ASP C 170 50.41 -10.41 -18.50
C ASP C 170 49.86 -11.16 -17.30
N LYS C 171 50.44 -12.32 -17.01
CA LYS C 171 49.88 -13.37 -16.15
C LYS C 171 49.33 -12.85 -14.82
N ALA C 172 50.15 -12.04 -14.15
CA ALA C 172 49.81 -11.46 -12.85
C ALA C 172 48.72 -10.40 -12.94
N THR C 173 48.61 -9.72 -14.10
CA THR C 173 47.59 -8.70 -14.31
C THR C 173 46.23 -9.34 -14.47
N LEU C 174 46.13 -10.39 -15.29
CA LEU C 174 44.86 -11.06 -15.50
C LEU C 174 44.31 -11.70 -14.24
N THR C 175 45.18 -12.36 -13.48
CA THR C 175 44.80 -13.03 -12.23
C THR C 175 44.27 -12.02 -11.19
N ARG C 176 44.96 -10.89 -11.02
CA ARG C 176 44.52 -9.86 -10.08
C ARG C 176 43.28 -9.13 -10.56
N PHE C 177 43.16 -8.95 -11.87
CA PHE C 177 41.96 -8.34 -12.43
C PHE C 177 40.74 -9.21 -12.19
N PHE C 178 40.92 -10.53 -12.15
CA PHE C 178 39.84 -11.44 -11.79
C PHE C 178 39.45 -11.30 -10.32
N ALA C 179 40.45 -11.17 -9.44
CA ALA C 179 40.22 -11.03 -8.00
C ALA C 179 39.54 -9.70 -7.65
N PHE C 180 40.04 -8.59 -8.20
CA PHE C 180 39.43 -7.26 -8.01
C PHE C 180 38.03 -7.18 -8.60
N HIS C 181 37.84 -7.79 -9.76
CA HIS C 181 36.57 -7.79 -10.46
C HIS C 181 35.51 -8.59 -9.72
N PHE C 182 35.95 -9.57 -8.93
CA PHE C 182 35.05 -10.39 -8.14
C PHE C 182 34.60 -9.61 -6.89
N ILE C 183 35.57 -9.03 -6.18
CA ILE C 183 35.31 -8.31 -4.93
C ILE C 183 34.53 -7.00 -5.10
N LEU C 184 34.82 -6.23 -6.16
CA LEU C 184 34.27 -4.86 -6.32
C LEU C 184 32.75 -4.74 -6.33
N PRO C 185 32.04 -5.63 -7.06
CA PRO C 185 30.57 -5.59 -7.01
C PRO C 185 30.01 -5.66 -5.60
N PHE C 186 30.66 -6.44 -4.74
CA PHE C 186 30.25 -6.52 -3.35
C PHE C 186 30.51 -5.22 -2.64
N ILE C 187 31.62 -4.54 -2.94
CA ILE C 187 31.88 -3.20 -2.40
C ILE C 187 30.81 -2.23 -2.90
N ILE C 188 30.46 -2.33 -4.19
CA ILE C 188 29.35 -1.55 -4.79
C ILE C 188 28.04 -1.71 -4.01
N MET C 189 27.68 -2.96 -3.72
CA MET C 189 26.46 -3.24 -2.99
C MET C 189 26.42 -2.53 -1.64
N ALA C 190 27.56 -2.50 -0.95
CA ALA C 190 27.68 -1.79 0.32
C ALA C 190 27.47 -0.30 0.15
N ILE C 191 28.23 0.29 -0.77
CA ILE C 191 28.15 1.74 -1.04
C ILE C 191 26.76 2.14 -1.54
N ALA C 192 26.12 1.27 -2.32
CA ALA C 192 24.73 1.47 -2.77
C ALA C 192 23.75 1.52 -1.60
N MET C 193 24.01 0.74 -0.55
CA MET C 193 23.17 0.78 0.62
C MET C 193 23.35 2.07 1.40
N VAL C 194 24.58 2.57 1.46
CA VAL C 194 24.85 3.88 2.07
C VAL C 194 24.20 5.00 1.26
N HIS C 195 24.25 4.86 -0.07
CA HIS C 195 23.59 5.73 -1.05
C HIS C 195 22.11 5.94 -0.71
N LEU C 196 21.40 4.85 -0.46
CA LEU C 196 19.99 4.90 -0.11
C LEU C 196 19.78 5.39 1.30
N LEU C 197 20.67 4.99 2.21
CA LEU C 197 20.65 5.45 3.60
C LEU C 197 20.60 6.98 3.69
N PHE C 198 21.32 7.65 2.78
CA PHE C 198 21.28 9.10 2.72
C PHE C 198 20.10 9.63 1.97
N LEU C 199 19.65 8.90 0.96
CA LEU C 199 18.44 9.29 0.26
C LEU C 199 17.22 9.31 1.20
N HIS C 200 17.15 8.34 2.12
CA HIS C 200 16.00 8.21 3.04
C HIS C 200 16.05 9.18 4.21
N GLU C 201 17.09 10.01 4.22
CA GLU C 201 17.19 11.17 5.10
C GLU C 201 16.28 12.30 4.64
N THR C 202 16.15 12.43 3.32
CA THR C 202 15.42 13.55 2.73
C THR C 202 14.15 13.08 2.03
N GLY C 203 14.15 11.83 1.61
CA GLY C 203 13.12 11.33 0.69
C GLY C 203 13.41 11.79 -0.72
N SER C 204 12.54 11.41 -1.64
CA SER C 204 12.79 11.68 -3.04
C SER C 204 12.46 13.08 -3.53
N ASN C 205 13.27 13.58 -4.46
CA ASN C 205 12.93 14.73 -5.30
C ASN C 205 11.81 14.27 -6.28
N ASN C 206 11.21 15.22 -7.00
CA ASN C 206 10.21 14.90 -8.02
C ASN C 206 10.38 15.80 -9.26
N PRO C 207 9.63 15.52 -10.37
CA PRO C 207 9.78 16.33 -11.60
C PRO C 207 9.62 17.84 -11.50
N THR C 208 8.74 18.33 -10.63
CA THR C 208 8.52 19.79 -10.45
C THR C 208 9.72 20.51 -9.80
N GLY C 209 10.51 19.78 -9.02
CA GLY C 209 11.57 20.38 -8.19
C GLY C 209 11.02 21.22 -7.04
N ILE C 210 9.73 21.05 -6.78
CA ILE C 210 9.02 21.67 -5.66
C ILE C 210 8.75 20.56 -4.63
N SER C 211 8.87 20.91 -3.35
CA SER C 211 8.68 19.95 -2.26
C SER C 211 7.33 19.23 -2.33
N SER C 212 7.36 17.92 -2.08
CA SER C 212 6.19 17.06 -2.25
C SER C 212 5.58 16.51 -0.95
N ASP C 213 5.97 17.08 0.18
CA ASP C 213 5.49 16.67 1.51
C ASP C 213 3.97 16.75 1.64
N VAL C 214 3.38 17.71 0.93
CA VAL C 214 1.93 17.93 0.91
C VAL C 214 1.12 16.82 0.18
N ASP C 215 1.82 15.98 -0.59
CA ASP C 215 1.20 14.93 -1.43
C ASP C 215 2.11 13.69 -1.59
N LYS C 216 2.36 13.00 -0.48
CA LYS C 216 3.12 11.76 -0.49
C LYS C 216 2.16 10.58 -0.56
N ILE C 217 2.58 9.54 -1.28
CA ILE C 217 1.85 8.28 -1.34
C ILE C 217 2.74 7.17 -0.80
N PRO C 218 2.17 6.11 -0.18
CA PRO C 218 3.06 5.06 0.31
C PRO C 218 3.68 4.29 -0.85
N PHE C 219 4.93 3.85 -0.67
CA PHE C 219 5.69 3.17 -1.73
C PHE C 219 4.97 1.92 -2.26
N HIS C 220 4.44 1.17 -1.32
CA HIS C 220 3.57 0.05 -1.62
C HIS C 220 2.12 0.54 -1.51
N PRO C 221 1.26 0.27 -2.52
CA PRO C 221 1.61 -0.56 -3.67
C PRO C 221 2.12 0.21 -4.87
N TYR C 222 1.95 1.53 -4.85
CA TYR C 222 2.12 2.38 -6.03
C TYR C 222 3.40 2.21 -6.81
N TYR C 223 4.52 2.26 -6.09
CA TYR C 223 5.82 2.13 -6.72
C TYR C 223 6.37 0.72 -6.71
N THR C 224 5.84 -0.17 -5.85
CA THR C 224 6.20 -1.60 -5.96
C THR C 224 5.68 -2.11 -7.31
N ILE C 225 4.44 -1.78 -7.65
CA ILE C 225 3.87 -2.18 -8.94
C ILE C 225 4.54 -1.52 -10.15
N LYS C 226 4.95 -0.26 -10.04
CA LYS C 226 5.69 0.42 -11.12
C LYS C 226 7.05 -0.16 -11.33
N ASP C 227 7.73 -0.45 -10.22
CA ASP C 227 9.07 -1.02 -10.28
C ASP C 227 9.08 -2.42 -10.91
N ILE C 228 8.04 -3.20 -10.64
CA ILE C 228 7.84 -4.50 -11.28
C ILE C 228 7.71 -4.33 -12.79
N LEU C 229 6.92 -3.33 -13.21
CA LEU C 229 6.72 -3.03 -14.62
C LEU C 229 8.04 -2.60 -15.28
N GLY C 230 8.78 -1.76 -14.58
CA GLY C 230 10.12 -1.33 -14.99
C GLY C 230 11.07 -2.50 -15.16
N ALA C 231 11.15 -3.34 -14.12
CA ALA C 231 11.95 -4.57 -14.13
C ALA C 231 11.63 -5.43 -15.35
N LEU C 232 10.33 -5.56 -15.62
CA LEU C 232 9.87 -6.34 -16.76
C LEU C 232 10.42 -5.77 -18.07
N LEU C 233 10.36 -4.45 -18.22
CA LEU C 233 10.89 -3.76 -19.39
C LEU C 233 12.42 -3.84 -19.51
N LEU C 234 13.11 -3.87 -18.37
CA LEU C 234 14.56 -4.06 -18.35
C LEU C 234 14.94 -5.45 -18.84
N ILE C 235 14.19 -6.46 -18.37
CA ILE C 235 14.41 -7.84 -18.78
C ILE C 235 14.18 -7.98 -20.27
N LEU C 236 13.15 -7.31 -20.79
CA LEU C 236 12.87 -7.32 -22.24
C LEU C 236 14.05 -6.78 -23.06
N ALA C 237 14.54 -5.61 -22.68
CA ALA C 237 15.66 -4.98 -23.36
C ALA C 237 16.88 -5.91 -23.34
N LEU C 238 17.19 -6.45 -22.15
CA LEU C 238 18.31 -7.35 -21.96
C LEU C 238 18.18 -8.57 -22.85
N MET C 239 17.05 -9.28 -22.73
CA MET C 239 16.81 -10.50 -23.49
C MET C 239 16.64 -10.30 -25.00
N LEU C 240 16.21 -9.11 -25.42
CA LEU C 240 16.19 -8.75 -26.85
C LEU C 240 17.60 -8.73 -27.40
N LEU C 241 18.54 -8.15 -26.65
CA LEU C 241 19.95 -8.25 -26.98
C LEU C 241 20.45 -9.71 -26.93
N VAL C 242 20.26 -10.39 -25.80
CA VAL C 242 20.82 -11.74 -25.54
C VAL C 242 20.37 -12.81 -26.57
N LEU C 243 19.09 -12.74 -26.94
CA LEU C 243 18.49 -13.76 -27.79
C LEU C 243 18.38 -13.36 -29.26
N PHE C 244 18.46 -12.06 -29.56
CA PHE C 244 18.38 -11.61 -30.96
C PHE C 244 19.61 -10.91 -31.51
N ALA C 245 20.38 -10.22 -30.68
CA ALA C 245 21.63 -9.61 -31.13
C ALA C 245 22.68 -9.55 -30.02
N PRO C 246 23.20 -10.73 -29.59
CA PRO C 246 24.11 -10.70 -28.44
C PRO C 246 25.45 -10.02 -28.72
N ASP C 247 25.86 -9.93 -29.99
CA ASP C 247 27.14 -9.30 -30.36
C ASP C 247 27.07 -7.81 -30.70
N LEU C 248 25.84 -7.27 -30.75
CA LEU C 248 25.60 -5.91 -31.24
C LEU C 248 26.40 -4.81 -30.53
N LEU C 249 26.50 -4.89 -29.20
CA LEU C 249 27.15 -3.84 -28.41
C LEU C 249 28.62 -4.10 -28.04
N GLY C 250 29.13 -5.23 -28.50
CA GLY C 250 30.54 -5.57 -28.31
C GLY C 250 31.36 -5.28 -29.55
N ASP C 251 32.50 -5.95 -29.63
CA ASP C 251 33.41 -5.85 -30.76
C ASP C 251 33.83 -7.25 -31.22
N PRO C 252 33.93 -7.44 -32.56
CA PRO C 252 34.39 -8.72 -33.12
C PRO C 252 35.80 -9.14 -32.72
N ASP C 253 36.75 -8.20 -32.71
CA ASP C 253 38.16 -8.49 -32.41
C ASP C 253 38.39 -9.17 -31.06
N ASN C 254 37.37 -9.15 -30.20
CA ASN C 254 37.44 -9.88 -28.94
C ASN C 254 36.98 -11.35 -29.07
N TYR C 255 36.91 -11.83 -30.32
CA TYR C 255 36.69 -13.24 -30.59
C TYR C 255 37.95 -13.96 -31.12
N THR C 256 39.03 -13.21 -31.33
CA THR C 256 40.36 -13.77 -31.56
C THR C 256 41.17 -13.60 -30.27
N PRO C 257 41.91 -14.66 -29.81
CA PRO C 257 42.71 -14.58 -28.57
C PRO C 257 43.73 -13.44 -28.53
N ALA C 258 44.14 -13.05 -27.34
CA ALA C 258 45.07 -11.93 -27.17
C ALA C 258 46.47 -12.22 -27.71
N ASN C 259 46.95 -11.33 -28.60
CA ASN C 259 48.28 -11.46 -29.22
C ASN C 259 49.12 -10.22 -28.92
N PRO C 260 50.21 -10.37 -28.13
CA PRO C 260 51.04 -9.21 -27.75
C PRO C 260 51.81 -8.57 -28.91
N LEU C 261 51.89 -9.24 -30.06
CA LEU C 261 52.49 -8.68 -31.26
C LEU C 261 51.43 -8.02 -32.13
N ASN C 262 50.52 -8.84 -32.65
CA ASN C 262 49.48 -8.44 -33.61
C ASN C 262 48.47 -7.41 -33.04
N THR C 263 48.64 -6.13 -33.37
CA THR C 263 47.75 -5.04 -32.92
C THR C 263 46.47 -4.97 -33.79
N PRO C 264 45.27 -4.88 -33.16
CA PRO C 264 44.01 -4.65 -33.89
C PRO C 264 43.96 -3.29 -34.56
N PRO C 265 43.14 -3.16 -35.64
CA PRO C 265 43.09 -1.96 -36.46
C PRO C 265 42.78 -0.68 -35.66
N HIS C 266 41.62 -0.62 -35.04
CA HIS C 266 41.22 0.57 -34.30
C HIS C 266 40.83 0.15 -32.88
N ILE C 267 41.85 0.12 -32.03
CA ILE C 267 41.72 -0.24 -30.62
C ILE C 267 40.90 0.80 -29.85
N LYS C 268 39.90 0.31 -29.10
CA LYS C 268 38.89 1.15 -28.44
C LYS C 268 38.26 0.45 -27.22
N PRO C 269 37.78 1.21 -26.22
CA PRO C 269 37.14 0.51 -25.10
C PRO C 269 35.70 0.18 -25.46
N GLU C 270 34.96 -0.44 -24.54
CA GLU C 270 33.54 -0.72 -24.76
C GLU C 270 32.72 0.60 -24.83
N TRP C 271 31.60 0.57 -25.55
CA TRP C 271 30.81 1.78 -25.91
C TRP C 271 30.59 2.85 -24.81
N TYR C 272 30.42 2.39 -23.57
CA TYR C 272 30.10 3.27 -22.44
C TYR C 272 31.30 4.06 -21.90
N PHE C 273 32.48 3.83 -22.47
CA PHE C 273 33.63 4.67 -22.17
C PHE C 273 33.99 5.61 -23.31
N LEU C 274 33.37 5.39 -24.47
CA LEU C 274 33.76 6.07 -25.71
C LEU C 274 33.74 7.59 -25.64
N PHE C 275 32.76 8.14 -24.91
CA PHE C 275 32.65 9.60 -24.75
C PHE C 275 33.91 10.19 -24.11
N ALA C 276 34.41 9.53 -23.07
CA ALA C 276 35.56 10.00 -22.31
C ALA C 276 36.86 9.65 -23.03
N TYR C 277 36.82 8.58 -23.83
CA TYR C 277 37.93 8.19 -24.70
C TYR C 277 38.16 9.26 -25.78
N ALA C 278 37.07 9.79 -26.34
CA ALA C 278 37.13 10.90 -27.29
C ALA C 278 37.73 12.17 -26.69
N ILE C 279 37.35 12.50 -25.45
CA ILE C 279 37.89 13.66 -24.70
C ILE C 279 39.41 13.55 -24.51
N LEU C 280 39.88 12.34 -24.18
CA LEU C 280 41.30 12.03 -24.03
C LEU C 280 42.08 12.36 -25.31
N ARG C 281 41.53 11.95 -26.45
CA ARG C 281 42.17 12.12 -27.77
C ARG C 281 42.10 13.54 -28.31
N SER C 282 41.24 14.38 -27.73
CA SER C 282 41.12 15.79 -28.10
C SER C 282 42.36 16.59 -27.76
N ILE C 283 42.85 16.42 -26.53
CA ILE C 283 44.05 17.11 -26.09
C ILE C 283 45.27 16.45 -26.75
N PRO C 284 46.14 17.26 -27.43
CA PRO C 284 47.39 16.74 -28.04
C PRO C 284 48.43 16.17 -27.05
N ASN C 285 48.61 16.83 -25.89
CA ASN C 285 49.52 16.36 -24.84
C ASN C 285 48.93 15.20 -24.04
N LYS C 286 49.76 14.19 -23.74
CA LYS C 286 49.30 12.96 -23.09
C LYS C 286 48.83 13.12 -21.64
N LEU C 287 49.62 13.79 -20.80
CA LEU C 287 49.22 14.05 -19.40
C LEU C 287 47.99 14.94 -19.32
N GLY C 288 47.94 15.94 -20.22
CA GLY C 288 46.76 16.80 -20.39
C GLY C 288 45.53 16.00 -20.71
N GLY C 289 45.66 15.09 -21.68
CA GLY C 289 44.60 14.18 -22.09
C GLY C 289 44.08 13.28 -20.97
N VAL C 290 44.99 12.81 -20.12
CA VAL C 290 44.65 11.97 -18.96
C VAL C 290 43.87 12.79 -17.90
N LEU C 291 44.36 13.99 -17.62
CA LEU C 291 43.73 14.89 -16.68
C LEU C 291 42.37 15.38 -17.16
N ALA C 292 42.19 15.49 -18.48
CA ALA C 292 40.89 15.80 -19.07
C ALA C 292 39.90 14.62 -18.99
N LEU C 293 40.40 13.40 -19.27
CA LEU C 293 39.61 12.16 -19.17
C LEU C 293 39.15 11.95 -17.73
N ALA C 294 40.05 12.21 -16.78
CA ALA C 294 39.71 12.14 -15.37
C ALA C 294 38.70 13.21 -14.96
N PHE C 295 38.89 14.45 -15.43
CA PHE C 295 37.99 15.57 -15.12
C PHE C 295 36.65 15.44 -15.84
N SER C 296 36.59 14.68 -16.95
CA SER C 296 35.32 14.44 -17.65
C SER C 296 34.29 13.65 -16.82
N ILE C 297 34.79 12.89 -15.84
CA ILE C 297 33.95 12.11 -14.91
C ILE C 297 33.79 12.87 -13.58
N LEU C 298 34.93 13.30 -13.00
CA LEU C 298 34.98 13.97 -11.70
C LEU C 298 34.19 15.28 -11.65
N ILE C 299 34.04 15.92 -12.81
CA ILE C 299 33.23 17.14 -12.93
C ILE C 299 31.80 16.94 -12.39
N LEU C 300 31.33 15.69 -12.34
CA LEU C 300 30.04 15.37 -11.73
C LEU C 300 29.97 15.83 -10.30
N ALA C 301 31.09 15.73 -9.58
CA ALA C 301 31.19 16.18 -8.19
C ALA C 301 31.08 17.69 -8.10
N LEU C 302 31.44 18.36 -9.19
CA LEU C 302 31.39 19.82 -9.22
C LEU C 302 30.03 20.43 -9.56
N ILE C 303 29.17 19.67 -10.26
CA ILE C 303 27.81 20.10 -10.70
C ILE C 303 27.00 20.87 -9.63
N PRO C 304 26.87 20.33 -8.38
CA PRO C 304 26.08 21.02 -7.35
C PRO C 304 26.57 22.43 -7.02
N LEU C 305 27.87 22.62 -7.05
CA LEU C 305 28.47 23.92 -6.80
C LEU C 305 28.19 24.91 -7.93
N LEU C 306 28.05 24.40 -9.15
CA LEU C 306 27.76 25.21 -10.34
C LEU C 306 26.30 25.65 -10.51
N HIS C 307 25.43 25.18 -9.61
CA HIS C 307 23.98 25.47 -9.67
C HIS C 307 23.68 26.94 -9.35
N THR C 308 23.01 27.61 -10.29
CA THR C 308 22.75 29.04 -10.18
C THR C 308 21.27 29.38 -10.10
N SER C 309 20.43 28.54 -10.70
CA SER C 309 19.00 28.84 -10.82
C SER C 309 18.29 28.80 -9.46
N LYS C 310 17.35 29.73 -9.28
CA LYS C 310 16.51 29.81 -8.06
C LYS C 310 15.43 28.72 -8.05
N GLN C 311 15.16 28.14 -9.21
CA GLN C 311 14.33 26.95 -9.31
C GLN C 311 15.23 25.73 -9.35
N ARG C 312 14.74 24.63 -8.77
CA ARG C 312 15.54 23.40 -8.64
C ARG C 312 15.55 22.54 -9.90
N SER C 313 14.35 22.24 -10.41
CA SER C 313 14.18 21.44 -11.63
C SER C 313 14.31 22.27 -12.91
N MET C 314 14.63 21.60 -14.02
CA MET C 314 14.61 22.23 -15.34
C MET C 314 13.23 22.28 -15.98
N MET C 315 12.24 21.69 -15.33
CA MET C 315 10.86 21.66 -15.81
C MET C 315 10.39 23.05 -16.24
N PHE C 316 10.66 24.05 -15.40
CA PHE C 316 10.19 25.40 -15.64
C PHE C 316 11.28 26.33 -16.17
N ARG C 317 12.18 25.76 -16.97
CA ARG C 317 13.40 26.44 -17.38
C ARG C 317 13.78 26.07 -18.82
N PRO C 318 13.21 26.80 -19.81
CA PRO C 318 13.37 26.52 -21.26
C PRO C 318 14.83 26.54 -21.77
N LEU C 319 15.58 27.56 -21.37
CA LEU C 319 16.96 27.75 -21.78
C LEU C 319 17.85 26.61 -21.32
N SER C 320 17.70 26.23 -20.05
CA SER C 320 18.44 25.14 -19.44
C SER C 320 18.10 23.82 -20.11
N GLN C 321 16.81 23.62 -20.35
CA GLN C 321 16.31 22.45 -21.07
C GLN C 321 17.05 22.21 -22.39
N CYS C 322 17.18 23.26 -23.20
CA CYS C 322 17.86 23.18 -24.48
C CYS C 322 19.33 22.87 -24.30
N LEU C 323 19.96 23.60 -23.39
CA LEU C 323 21.36 23.39 -23.08
C LEU C 323 21.64 21.98 -22.54
N PHE C 324 20.69 21.45 -21.77
CA PHE C 324 20.77 20.07 -21.28
C PHE C 324 20.74 19.08 -22.44
N TRP C 325 19.75 19.23 -23.32
CA TRP C 325 19.60 18.36 -24.47
C TRP C 325 20.75 18.50 -25.45
N ALA C 326 21.35 19.69 -25.50
CA ALA C 326 22.59 19.92 -26.23
C ALA C 326 23.71 19.10 -25.62
N LEU C 327 23.82 19.14 -24.29
CA LEU C 327 24.83 18.36 -23.56
C LEU C 327 24.69 16.85 -23.79
N VAL C 328 23.44 16.37 -23.91
CA VAL C 328 23.15 14.96 -24.21
C VAL C 328 23.60 14.65 -25.65
N ALA C 329 23.13 15.45 -26.59
CA ALA C 329 23.51 15.29 -27.99
C ALA C 329 25.02 15.36 -28.18
N ASP C 330 25.70 16.20 -27.40
CA ASP C 330 27.15 16.33 -27.46
C ASP C 330 27.83 15.04 -27.00
N LEU C 331 27.29 14.44 -25.93
CA LEU C 331 27.78 13.17 -25.40
C LEU C 331 27.58 12.01 -26.39
N LEU C 332 26.45 12.06 -27.11
CA LEU C 332 26.20 11.11 -28.20
C LEU C 332 27.21 11.30 -29.34
N THR C 333 27.60 12.56 -29.60
CA THR C 333 28.64 12.89 -30.56
C THR C 333 30.02 12.39 -30.12
N LEU C 334 30.34 12.58 -28.84
CA LEU C 334 31.60 12.09 -28.29
C LEU C 334 31.72 10.56 -28.32
N THR C 335 30.59 9.88 -28.15
CA THR C 335 30.54 8.41 -28.25
C THR C 335 30.80 7.94 -29.69
N TRP C 336 30.16 8.62 -30.64
CA TRP C 336 30.39 8.36 -32.06
C TRP C 336 31.86 8.61 -32.39
N ILE C 337 32.35 9.81 -32.07
CA ILE C 337 33.74 10.22 -32.31
C ILE C 337 34.76 9.30 -31.64
N GLY C 338 34.45 8.86 -30.42
CA GLY C 338 35.28 7.89 -29.70
C GLY C 338 35.49 6.58 -30.46
N GLY C 339 34.45 6.15 -31.17
CA GLY C 339 34.48 4.94 -31.99
C GLY C 339 35.22 5.05 -33.31
N GLN C 340 35.58 6.27 -33.70
CA GLN C 340 36.21 6.55 -35.02
C GLN C 340 37.75 6.48 -35.02
N PRO C 341 38.38 6.30 -36.21
CA PRO C 341 39.85 6.43 -36.29
C PRO C 341 40.30 7.89 -36.14
N VAL C 342 41.54 8.10 -35.70
CA VAL C 342 42.08 9.46 -35.49
C VAL C 342 42.50 10.04 -36.84
N GLU C 343 41.58 10.77 -37.48
CA GLU C 343 41.75 11.40 -38.80
C GLU C 343 40.76 12.55 -39.01
N HIS C 344 40.95 13.33 -40.08
CA HIS C 344 39.97 14.34 -40.52
C HIS C 344 38.70 13.63 -41.10
N PRO C 345 37.49 14.03 -40.71
CA PRO C 345 37.21 15.20 -39.85
C PRO C 345 37.00 14.89 -38.36
N TYR C 346 37.28 13.66 -37.94
CA TYR C 346 36.95 13.18 -36.59
C TYR C 346 37.81 13.78 -35.47
N ILE C 347 38.99 14.29 -35.83
CA ILE C 347 39.86 14.97 -34.88
C ILE C 347 39.20 16.29 -34.50
N THR C 348 38.89 17.10 -35.51
CA THR C 348 38.32 18.45 -35.33
C THR C 348 36.94 18.39 -34.67
N ILE C 349 36.07 17.50 -35.14
CA ILE C 349 34.75 17.27 -34.53
C ILE C 349 34.93 16.91 -33.05
N GLY C 350 35.84 15.95 -32.78
CA GLY C 350 36.19 15.52 -31.43
C GLY C 350 36.67 16.63 -30.50
N GLN C 351 37.57 17.47 -31.02
CA GLN C 351 38.03 18.68 -30.31
C GLN C 351 36.86 19.60 -30.00
N LEU C 352 36.09 19.94 -31.03
CA LEU C 352 34.92 20.79 -30.91
C LEU C 352 33.84 20.25 -29.96
N ALA C 353 33.64 18.94 -29.96
CA ALA C 353 32.68 18.31 -29.03
C ALA C 353 33.18 18.36 -27.57
N SER C 354 34.48 18.11 -27.38
CA SER C 354 35.09 18.13 -26.04
C SER C 354 35.12 19.52 -25.44
N VAL C 355 35.38 20.53 -26.26
CA VAL C 355 35.27 21.95 -25.87
C VAL C 355 33.84 22.23 -25.39
N LEU C 356 32.86 21.82 -26.19
CA LEU C 356 31.44 22.06 -25.90
C LEU C 356 30.94 21.36 -24.64
N TYR C 357 31.48 20.17 -24.35
CA TYR C 357 31.14 19.44 -23.12
C TYR C 357 31.44 20.25 -21.87
N PHE C 358 32.70 20.67 -21.71
CA PHE C 358 33.14 21.45 -20.56
C PHE C 358 32.58 22.87 -20.56
N LEU C 359 32.40 23.42 -21.75
CA LEU C 359 31.78 24.73 -21.94
C LEU C 359 30.33 24.73 -21.46
N LEU C 360 29.56 23.71 -21.84
CA LEU C 360 28.18 23.54 -21.39
C LEU C 360 28.02 23.44 -19.86
N ILE C 361 28.86 22.61 -19.24
CA ILE C 361 28.80 22.39 -17.79
C ILE C 361 29.35 23.57 -16.97
N LEU C 362 30.52 24.07 -17.33
CA LEU C 362 31.19 25.11 -16.54
C LEU C 362 30.82 26.56 -16.84
N VAL C 363 30.23 26.84 -18.00
CA VAL C 363 29.95 28.24 -18.36
C VAL C 363 28.51 28.48 -18.80
N LEU C 364 28.07 27.76 -19.83
CA LEU C 364 26.78 28.04 -20.49
C LEU C 364 25.57 27.75 -19.62
N MET C 365 25.52 26.57 -19.00
CA MET C 365 24.38 26.20 -18.15
C MET C 365 24.26 26.97 -16.85
N PRO C 366 25.40 27.33 -16.23
CA PRO C 366 25.37 28.31 -15.13
C PRO C 366 24.86 29.70 -15.55
N THR C 367 25.34 30.20 -16.69
CA THR C 367 24.90 31.50 -17.23
C THR C 367 23.41 31.48 -17.52
N ALA C 368 22.97 30.39 -18.17
CA ALA C 368 21.57 30.20 -18.53
C ALA C 368 20.66 30.25 -17.30
N GLY C 369 21.10 29.65 -16.19
CA GLY C 369 20.38 29.70 -14.91
C GLY C 369 20.16 31.12 -14.43
N THR C 370 21.23 31.92 -14.46
CA THR C 370 21.20 33.31 -14.01
C THR C 370 20.41 34.21 -14.95
N ILE C 371 20.46 33.93 -16.25
CA ILE C 371 19.61 34.63 -17.24
C ILE C 371 18.13 34.36 -16.98
N GLU C 372 17.79 33.09 -16.76
CA GLU C 372 16.43 32.66 -16.40
C GLU C 372 15.91 33.36 -15.16
N ASN C 373 16.78 33.48 -14.14
CA ASN C 373 16.44 34.18 -12.90
C ASN C 373 16.06 35.64 -13.17
N LYS C 374 16.95 36.37 -13.88
CA LYS C 374 16.73 37.78 -14.21
C LYS C 374 15.52 38.00 -15.13
N LEU C 375 15.12 36.96 -15.87
CA LEU C 375 13.86 36.97 -16.64
C LEU C 375 12.60 36.84 -15.78
N LEU C 376 12.77 36.27 -14.59
CA LEU C 376 11.69 36.11 -13.61
C LEU C 376 11.72 37.15 -12.47
N LYS C 377 12.57 38.17 -12.62
CA LYS C 377 12.86 39.20 -11.58
C LYS C 377 13.32 38.55 -10.27
N TRP C 378 14.44 37.83 -10.34
CA TRP C 378 14.94 37.01 -9.23
C TRP C 378 16.43 37.22 -8.97
N ASP D 1 44.63 2.26 -49.36
CA ASP D 1 43.77 1.76 -48.24
C ASP D 1 42.33 2.33 -48.28
N LEU D 2 41.68 2.13 -49.42
CA LEU D 2 40.24 2.37 -49.57
C LEU D 2 39.51 1.14 -49.02
N GLU D 3 38.19 1.19 -48.86
CA GLU D 3 37.47 0.03 -48.31
C GLU D 3 36.13 -0.31 -48.97
N LEU D 4 35.98 -1.58 -49.36
CA LEU D 4 34.74 -2.11 -49.92
C LEU D 4 34.16 -3.13 -48.95
N HIS D 5 33.08 -2.73 -48.28
CA HIS D 5 32.38 -3.57 -47.31
C HIS D 5 31.41 -4.51 -48.04
N PRO D 6 31.14 -5.72 -47.47
CA PRO D 6 30.32 -6.72 -48.17
C PRO D 6 28.84 -6.36 -48.22
N PRO D 7 28.10 -6.85 -49.25
CA PRO D 7 26.64 -6.68 -49.24
C PRO D 7 25.96 -7.71 -48.34
N SER D 8 24.69 -7.46 -47.99
CA SER D 8 23.95 -8.32 -47.08
C SER D 8 23.13 -9.35 -47.85
N TYR D 9 23.67 -10.56 -47.94
CA TYR D 9 23.07 -11.66 -48.68
C TYR D 9 21.85 -12.24 -47.92
N PRO D 10 20.79 -12.66 -48.65
CA PRO D 10 19.63 -13.19 -47.96
C PRO D 10 19.86 -14.66 -47.57
N TRP D 11 20.49 -14.83 -46.41
CA TRP D 11 20.74 -16.14 -45.81
C TRP D 11 19.44 -16.76 -45.35
N SER D 12 19.40 -18.09 -45.32
CA SER D 12 18.23 -18.81 -44.82
C SER D 12 18.01 -18.64 -43.30
N HIS D 13 19.03 -18.10 -42.62
CA HIS D 13 18.98 -17.78 -41.19
C HIS D 13 19.06 -16.27 -40.88
N ARG D 14 18.82 -15.44 -41.91
CA ARG D 14 18.91 -13.97 -41.81
C ARG D 14 17.93 -13.38 -40.78
N GLY D 15 16.67 -13.85 -40.82
CA GLY D 15 15.56 -13.31 -39.99
C GLY D 15 15.67 -13.55 -38.50
N LEU D 16 14.82 -12.87 -37.72
CA LEU D 16 14.87 -12.99 -36.26
C LEU D 16 14.56 -14.40 -35.77
N LEU D 17 13.60 -15.06 -36.39
CA LEU D 17 13.16 -16.39 -35.96
C LEU D 17 13.60 -17.53 -36.88
N SER D 18 14.49 -17.22 -37.82
CA SER D 18 14.96 -18.19 -38.84
C SER D 18 16.14 -19.02 -38.35
N SER D 19 15.99 -20.34 -38.42
CA SER D 19 17.02 -21.28 -37.96
C SER D 19 18.08 -21.47 -39.05
N LEU D 20 19.19 -22.10 -38.67
CA LEU D 20 20.21 -22.51 -39.62
C LEU D 20 19.71 -23.69 -40.43
N ASP D 21 20.04 -23.66 -41.72
CA ASP D 21 19.81 -24.76 -42.64
C ASP D 21 20.85 -25.83 -42.33
N HIS D 22 20.42 -26.86 -41.58
CA HIS D 22 21.30 -27.93 -41.09
C HIS D 22 21.87 -28.82 -42.19
N THR D 23 21.15 -28.97 -43.30
CA THR D 23 21.67 -29.71 -44.45
C THR D 23 22.78 -28.90 -45.11
N SER D 24 22.66 -27.56 -45.08
CA SER D 24 23.72 -26.65 -45.52
C SER D 24 24.96 -26.74 -44.62
N ILE D 25 24.75 -26.93 -43.31
CA ILE D 25 25.82 -27.17 -42.33
C ILE D 25 26.58 -28.47 -42.65
N ARG D 26 25.84 -29.53 -42.97
CA ARG D 26 26.39 -30.84 -43.32
C ARG D 26 27.33 -30.78 -44.53
N ARG D 27 26.93 -30.02 -45.54
CA ARG D 27 27.73 -29.76 -46.71
C ARG D 27 28.93 -28.90 -46.34
N GLY D 28 28.67 -27.79 -45.64
CA GLY D 28 29.69 -26.86 -45.20
C GLY D 28 30.82 -27.44 -44.38
N PHE D 29 30.48 -28.44 -43.55
CA PHE D 29 31.48 -29.21 -42.79
C PHE D 29 32.46 -29.87 -43.72
N GLN D 30 31.94 -30.51 -44.76
CA GLN D 30 32.74 -31.22 -45.74
C GLN D 30 33.63 -30.26 -46.50
N VAL D 31 33.19 -29.01 -46.66
CA VAL D 31 34.02 -27.97 -47.28
C VAL D 31 35.17 -27.55 -46.37
N TYR D 32 34.96 -27.57 -45.06
CA TYR D 32 36.09 -27.43 -44.13
C TYR D 32 37.03 -28.65 -44.20
N LYS D 33 36.44 -29.85 -44.13
CA LYS D 33 37.16 -31.13 -44.13
C LYS D 33 38.04 -31.31 -45.38
N GLN D 34 37.42 -31.21 -46.55
CA GLN D 34 38.10 -31.50 -47.81
C GLN D 34 39.07 -30.40 -48.24
N VAL D 35 38.76 -29.15 -47.87
CA VAL D 35 39.51 -27.99 -48.39
C VAL D 35 40.37 -27.27 -47.34
N CYS D 36 39.76 -26.86 -46.22
CA CYS D 36 40.45 -26.02 -45.24
C CYS D 36 41.38 -26.74 -44.29
N SER D 37 40.97 -27.93 -43.82
CA SER D 37 41.58 -28.59 -42.65
C SER D 37 43.07 -28.99 -42.79
N SER D 38 43.64 -28.71 -43.96
CA SER D 38 45.08 -28.86 -44.18
C SER D 38 45.84 -27.53 -44.01
N CYS D 39 45.11 -26.46 -43.68
CA CYS D 39 45.68 -25.12 -43.52
C CYS D 39 45.20 -24.44 -42.25
N HIS D 40 43.89 -24.47 -42.02
CA HIS D 40 43.28 -23.87 -40.84
C HIS D 40 42.96 -24.89 -39.78
N SER D 41 43.26 -24.53 -38.54
CA SER D 41 42.79 -25.27 -37.39
C SER D 41 41.36 -24.84 -37.05
N MET D 42 40.66 -25.66 -36.29
CA MET D 42 39.36 -25.30 -35.76
C MET D 42 39.22 -25.98 -34.41
N ASP D 43 39.94 -25.41 -33.44
CA ASP D 43 40.25 -26.08 -32.17
C ASP D 43 39.05 -26.33 -31.26
N TYR D 44 38.01 -25.49 -31.35
CA TYR D 44 36.89 -25.55 -30.42
C TYR D 44 35.73 -26.45 -30.86
N VAL D 45 35.85 -27.02 -32.06
CA VAL D 45 34.83 -27.95 -32.56
C VAL D 45 35.36 -29.38 -32.48
N ALA D 46 34.64 -30.25 -31.75
CA ALA D 46 34.97 -31.66 -31.66
C ALA D 46 34.00 -32.50 -32.49
N TYR D 47 34.35 -33.76 -32.71
CA TYR D 47 33.52 -34.66 -33.53
C TYR D 47 32.17 -34.99 -32.89
N ARG D 48 32.10 -34.90 -31.57
CA ARG D 48 30.84 -35.04 -30.84
C ARG D 48 29.89 -33.87 -31.12
N HIS D 49 30.44 -32.67 -31.38
CA HIS D 49 29.64 -31.46 -31.66
C HIS D 49 28.73 -31.64 -32.86
N LEU D 50 29.14 -32.48 -33.80
CA LEU D 50 28.37 -32.70 -35.02
C LEU D 50 27.06 -33.47 -34.79
N VAL D 51 27.03 -34.31 -33.76
CA VAL D 51 25.89 -35.20 -33.46
C VAL D 51 24.63 -34.40 -33.14
N GLY D 52 23.52 -34.76 -33.80
CA GLY D 52 22.24 -34.08 -33.64
C GLY D 52 22.17 -32.70 -34.26
N VAL D 53 23.10 -32.42 -35.17
CA VAL D 53 23.19 -31.11 -35.81
C VAL D 53 23.26 -31.30 -37.32
N CYS D 54 24.32 -31.96 -37.79
CA CYS D 54 24.47 -32.29 -39.21
C CYS D 54 24.66 -33.78 -39.46
N TYR D 55 25.08 -34.52 -38.44
CA TYR D 55 25.36 -35.96 -38.54
C TYR D 55 24.76 -36.74 -37.38
N THR D 56 24.57 -38.05 -37.55
CA THR D 56 24.14 -38.91 -36.44
C THR D 56 25.34 -39.23 -35.56
N GLU D 57 25.08 -39.92 -34.44
CA GLU D 57 26.14 -40.41 -33.57
C GLU D 57 27.08 -41.35 -34.33
N ASP D 58 26.47 -42.27 -35.08
CA ASP D 58 27.20 -43.28 -35.83
C ASP D 58 28.02 -42.67 -36.99
N GLU D 59 27.46 -41.68 -37.68
CA GLU D 59 28.17 -40.97 -38.76
C GLU D 59 29.37 -40.20 -38.23
N ALA D 60 29.16 -39.50 -37.11
CA ALA D 60 30.21 -38.72 -36.46
C ALA D 60 31.33 -39.58 -35.88
N LYS D 61 30.98 -40.79 -35.43
CA LYS D 61 31.97 -41.79 -35.01
C LYS D 61 32.89 -42.22 -36.17
N ALA D 62 32.30 -42.40 -37.36
CA ALA D 62 33.03 -42.75 -38.57
C ALA D 62 33.99 -41.63 -39.00
N LEU D 63 33.50 -40.38 -38.95
CA LEU D 63 34.30 -39.20 -39.27
C LEU D 63 35.45 -38.99 -38.31
N ALA D 64 35.24 -39.36 -37.05
CA ALA D 64 36.26 -39.27 -36.00
C ALA D 64 37.36 -40.31 -36.18
N GLU D 65 36.93 -41.55 -36.47
CA GLU D 65 37.84 -42.69 -36.68
C GLU D 65 38.79 -42.49 -37.86
N GLU D 66 38.34 -41.71 -38.85
CA GLU D 66 39.10 -41.40 -40.07
C GLU D 66 40.42 -40.64 -39.86
N VAL D 67 40.59 -39.96 -38.72
CA VAL D 67 41.76 -39.10 -38.53
C VAL D 67 42.74 -39.58 -37.44
N GLU D 68 44.01 -39.20 -37.60
CA GLU D 68 45.10 -39.43 -36.64
C GLU D 68 44.99 -38.47 -35.46
N VAL D 69 45.48 -38.91 -34.30
CA VAL D 69 45.70 -38.04 -33.12
C VAL D 69 46.70 -38.69 -32.17
N GLN D 70 47.56 -37.87 -31.58
CA GLN D 70 48.50 -38.33 -30.56
C GLN D 70 47.78 -38.57 -29.23
N ASP D 71 48.26 -39.54 -28.46
CA ASP D 71 47.73 -39.87 -27.13
C ASP D 71 48.81 -40.58 -26.33
N GLY D 72 48.76 -40.46 -25.02
CA GLY D 72 49.72 -41.11 -24.15
C GLY D 72 49.80 -40.47 -22.77
N PRO D 73 50.76 -40.88 -21.94
CA PRO D 73 51.68 -41.97 -22.27
C PRO D 73 51.07 -43.33 -21.96
N ASN D 74 51.56 -44.38 -22.62
CA ASN D 74 51.26 -45.77 -22.23
C ASN D 74 52.19 -46.17 -21.07
N GLU D 75 51.98 -47.36 -20.50
CA GLU D 75 52.74 -47.83 -19.31
C GLU D 75 54.27 -47.87 -19.51
N ASP D 76 54.71 -48.04 -20.77
CA ASP D 76 56.12 -47.98 -21.19
C ASP D 76 56.70 -46.57 -21.08
N GLY D 77 55.84 -45.56 -21.19
CA GLY D 77 56.24 -44.16 -21.12
C GLY D 77 56.43 -43.50 -22.47
N GLU D 78 55.71 -43.99 -23.48
CA GLU D 78 55.83 -43.48 -24.86
C GLU D 78 54.53 -42.84 -25.35
N MET D 79 54.66 -41.90 -26.29
CA MET D 79 53.50 -41.22 -26.88
C MET D 79 53.17 -41.86 -28.22
N PHE D 80 52.03 -42.52 -28.29
CA PHE D 80 51.58 -43.19 -29.54
C PHE D 80 50.57 -42.35 -30.34
N MET D 81 50.22 -42.84 -31.54
CA MET D 81 49.21 -42.24 -32.39
C MET D 81 48.03 -43.20 -32.51
N ARG D 82 46.81 -42.68 -32.37
CA ARG D 82 45.60 -43.53 -32.38
C ARG D 82 44.46 -43.01 -33.26
N PRO D 83 43.53 -43.89 -33.66
CA PRO D 83 42.30 -43.47 -34.35
C PRO D 83 41.42 -42.63 -33.44
N GLY D 84 40.89 -41.53 -33.98
CA GLY D 84 40.08 -40.59 -33.23
C GLY D 84 38.72 -41.12 -32.82
N LYS D 85 38.14 -40.45 -31.83
CA LYS D 85 36.79 -40.76 -31.35
C LYS D 85 36.04 -39.45 -31.12
N LEU D 86 34.82 -39.54 -30.61
CA LEU D 86 33.95 -38.39 -30.47
C LEU D 86 34.52 -37.31 -29.55
N SER D 87 35.22 -37.74 -28.50
CA SER D 87 35.81 -36.83 -27.49
C SER D 87 36.97 -35.96 -28.01
N ASP D 88 37.58 -36.39 -29.12
CA ASP D 88 38.66 -35.64 -29.77
C ASP D 88 38.15 -34.42 -30.53
N TYR D 89 38.92 -33.34 -30.46
CA TYR D 89 38.65 -32.14 -31.24
C TYR D 89 39.21 -32.31 -32.65
N PHE D 90 38.76 -31.45 -33.58
CA PHE D 90 39.25 -31.37 -34.96
C PHE D 90 40.73 -31.04 -34.94
N PRO D 91 41.55 -31.84 -35.64
CA PRO D 91 42.98 -31.71 -35.42
C PRO D 91 43.60 -30.54 -36.16
N LYS D 92 44.54 -29.87 -35.49
CA LYS D 92 45.35 -28.81 -36.09
C LYS D 92 46.23 -29.36 -37.22
N PRO D 93 46.35 -28.64 -38.35
CA PRO D 93 47.26 -29.06 -39.42
C PRO D 93 48.72 -29.14 -38.97
N TYR D 94 49.23 -28.11 -38.30
CA TYR D 94 50.63 -28.03 -37.89
C TYR D 94 50.76 -28.19 -36.36
N PRO D 95 51.98 -28.51 -35.84
CA PRO D 95 52.15 -28.62 -34.39
C PRO D 95 52.07 -27.29 -33.64
N ASN D 96 52.31 -26.17 -34.34
CA ASN D 96 52.33 -24.82 -33.72
C ASN D 96 52.14 -23.70 -34.76
N PRO D 97 51.94 -22.43 -34.30
CA PRO D 97 51.82 -21.30 -35.23
C PRO D 97 53.07 -21.03 -36.08
N GLU D 98 54.26 -21.18 -35.50
CA GLU D 98 55.53 -20.94 -36.21
C GLU D 98 55.75 -21.89 -37.40
N ALA D 99 55.32 -23.14 -37.25
CA ALA D 99 55.31 -24.14 -38.32
C ALA D 99 54.32 -23.75 -39.41
N ALA D 100 53.15 -23.27 -39.01
CA ALA D 100 52.09 -22.82 -39.93
C ALA D 100 52.52 -21.67 -40.84
N ARG D 101 53.27 -20.71 -40.27
CA ARG D 101 53.81 -19.55 -41.02
C ARG D 101 54.73 -20.01 -42.14
N ALA D 102 55.62 -20.94 -41.81
CA ALA D 102 56.59 -21.50 -42.74
C ALA D 102 55.92 -22.15 -43.96
N ALA D 103 54.79 -22.82 -43.72
CA ALA D 103 54.08 -23.54 -44.78
C ALA D 103 53.27 -22.61 -45.70
N ASN D 104 53.04 -21.38 -45.26
CA ASN D 104 52.22 -20.42 -45.99
C ASN D 104 52.92 -19.09 -46.30
N ASN D 105 54.24 -19.13 -46.37
CA ASN D 105 55.11 -17.95 -46.62
C ASN D 105 54.85 -16.78 -45.67
N GLY D 106 55.13 -17.01 -44.40
CA GLY D 106 55.09 -15.96 -43.38
C GLY D 106 53.73 -15.72 -42.75
N ALA D 107 52.68 -15.74 -43.58
CA ALA D 107 51.32 -15.51 -43.13
C ALA D 107 50.81 -16.69 -42.32
N LEU D 108 50.16 -16.38 -41.19
CA LEU D 108 49.52 -17.38 -40.33
C LEU D 108 48.03 -17.52 -40.68
N PRO D 109 47.60 -18.73 -41.14
CA PRO D 109 46.17 -18.97 -41.38
C PRO D 109 45.41 -18.96 -40.05
N PRO D 110 44.42 -18.04 -39.90
CA PRO D 110 43.68 -17.97 -38.64
C PRO D 110 42.83 -19.21 -38.39
N ASP D 111 42.68 -19.57 -37.11
CA ASP D 111 41.76 -20.62 -36.67
C ASP D 111 40.35 -20.21 -37.09
N LEU D 112 39.56 -21.15 -37.58
CA LEU D 112 38.24 -20.83 -38.15
C LEU D 112 37.04 -20.96 -37.21
N SER D 113 37.29 -21.43 -35.98
CA SER D 113 36.24 -21.69 -34.98
C SER D 113 35.27 -20.53 -34.81
N TYR D 114 35.83 -19.32 -34.77
CA TYR D 114 35.08 -18.11 -34.48
C TYR D 114 35.20 -17.05 -35.58
N ILE D 115 35.64 -17.45 -36.76
CA ILE D 115 35.96 -16.47 -37.79
C ILE D 115 34.77 -15.65 -38.27
N VAL D 116 33.58 -16.23 -38.20
CA VAL D 116 32.35 -15.50 -38.51
C VAL D 116 32.13 -14.40 -37.47
N ARG D 117 32.34 -14.74 -36.21
CA ARG D 117 32.17 -13.77 -35.12
C ARG D 117 33.33 -12.80 -34.97
N ALA D 118 34.53 -13.19 -35.44
CA ALA D 118 35.75 -12.39 -35.27
C ALA D 118 36.05 -11.38 -36.41
N ARG D 119 35.20 -11.37 -37.42
CA ARG D 119 35.34 -10.46 -38.55
C ARG D 119 34.03 -9.73 -38.81
N HIS D 120 34.13 -8.40 -38.94
CA HIS D 120 33.00 -7.55 -39.30
C HIS D 120 32.34 -8.01 -40.60
N GLY D 121 31.02 -8.25 -40.54
CA GLY D 121 30.27 -8.72 -41.71
C GLY D 121 29.88 -10.19 -41.59
N GLY D 122 30.70 -10.96 -40.88
CA GLY D 122 30.41 -12.36 -40.57
C GLY D 122 30.39 -13.24 -41.80
N GLU D 123 29.29 -13.96 -41.99
CA GLU D 123 29.12 -14.82 -43.16
C GLU D 123 28.99 -14.04 -44.47
N ASP D 124 28.43 -12.83 -44.40
CA ASP D 124 28.42 -11.91 -45.55
C ASP D 124 29.84 -11.55 -45.99
N TYR D 125 30.72 -11.28 -45.02
CA TYR D 125 32.13 -10.99 -45.28
C TYR D 125 32.88 -12.15 -45.91
N VAL D 126 32.80 -13.31 -45.28
CA VAL D 126 33.53 -14.51 -45.70
C VAL D 126 33.09 -14.94 -47.11
N PHE D 127 31.78 -14.92 -47.35
CA PHE D 127 31.21 -15.27 -48.65
C PHE D 127 31.73 -14.36 -49.76
N SER D 128 31.78 -13.07 -49.49
CA SER D 128 32.34 -12.10 -50.42
C SER D 128 33.82 -12.34 -50.66
N LEU D 129 34.56 -12.67 -49.60
CA LEU D 129 35.99 -12.98 -49.71
C LEU D 129 36.25 -14.21 -50.58
N LEU D 130 35.52 -15.29 -50.33
CA LEU D 130 35.70 -16.56 -51.05
C LEU D 130 35.32 -16.51 -52.53
N THR D 131 34.27 -15.74 -52.83
CA THR D 131 33.78 -15.62 -54.20
C THR D 131 34.34 -14.38 -54.92
N GLY D 132 34.95 -13.47 -54.16
CA GLY D 132 35.35 -12.16 -54.67
C GLY D 132 36.72 -12.02 -55.31
N TYR D 133 37.52 -13.08 -55.24
CA TYR D 133 38.84 -13.13 -55.87
C TYR D 133 38.75 -12.75 -57.35
N CYS D 134 39.51 -11.74 -57.76
CA CYS D 134 39.51 -11.29 -59.17
C CYS D 134 40.89 -10.83 -59.60
N GLU D 135 41.03 -10.55 -60.90
CA GLU D 135 42.27 -10.02 -61.47
C GLU D 135 42.53 -8.59 -60.98
N PRO D 136 43.80 -8.25 -60.66
CA PRO D 136 44.11 -6.93 -60.09
C PRO D 136 43.86 -5.80 -61.08
N PRO D 137 43.56 -4.59 -60.57
CA PRO D 137 43.41 -3.45 -61.48
C PRO D 137 44.77 -2.92 -61.91
N THR D 138 44.79 -2.13 -62.98
CA THR D 138 46.03 -1.56 -63.50
C THR D 138 46.68 -0.59 -62.49
N GLY D 139 48.02 -0.67 -62.40
CA GLY D 139 48.83 0.13 -61.45
C GLY D 139 49.20 -0.61 -60.18
N VAL D 140 48.89 -1.90 -60.15
CA VAL D 140 48.85 -2.72 -58.92
C VAL D 140 49.63 -4.04 -59.11
N SER D 141 50.39 -4.42 -58.09
CA SER D 141 50.80 -5.82 -57.85
C SER D 141 51.43 -5.95 -56.47
N LEU D 142 51.22 -7.10 -55.82
CA LEU D 142 51.82 -7.40 -54.50
C LEU D 142 52.98 -8.40 -54.65
N ARG D 143 53.57 -8.82 -53.52
CA ARG D 143 54.66 -9.82 -53.49
C ARG D 143 54.21 -11.18 -54.06
N GLU D 144 55.13 -11.93 -54.66
CA GLU D 144 54.81 -13.17 -55.40
C GLU D 144 54.25 -14.26 -54.47
N GLY D 145 52.92 -14.30 -54.36
CA GLY D 145 52.24 -15.17 -53.41
C GLY D 145 51.09 -14.49 -52.69
N LEU D 146 51.13 -13.15 -52.64
CA LEU D 146 50.04 -12.35 -52.08
C LEU D 146 49.05 -11.96 -53.19
N TYR D 147 47.86 -12.56 -53.16
CA TYR D 147 46.82 -12.41 -54.20
C TYR D 147 45.95 -11.17 -54.01
N PHE D 148 45.23 -10.79 -55.07
CA PHE D 148 44.30 -9.65 -55.02
C PHE D 148 42.86 -10.05 -54.66
N ASN D 149 42.38 -9.55 -53.52
CA ASN D 149 40.97 -9.65 -53.15
C ASN D 149 40.44 -8.26 -52.75
N PRO D 150 39.35 -7.81 -53.41
CA PRO D 150 38.80 -6.49 -53.14
C PRO D 150 38.10 -6.34 -51.76
N TYR D 151 37.77 -7.45 -51.12
CA TYR D 151 37.10 -7.40 -49.83
C TYR D 151 38.05 -7.46 -48.63
N PHE D 152 39.27 -7.95 -48.84
CA PHE D 152 40.27 -7.98 -47.77
C PHE D 152 40.81 -6.58 -47.51
N PRO D 153 41.06 -6.23 -46.23
CA PRO D 153 41.60 -4.91 -45.87
C PRO D 153 43.02 -4.69 -46.40
N GLY D 154 43.24 -3.54 -47.05
CA GLY D 154 44.48 -3.28 -47.76
C GLY D 154 44.52 -3.90 -49.16
N GLN D 155 43.40 -4.48 -49.59
CA GLN D 155 43.18 -5.01 -50.96
C GLN D 155 44.07 -6.21 -51.40
N ALA D 156 44.97 -6.68 -50.53
CA ALA D 156 45.84 -7.82 -50.87
C ALA D 156 45.92 -8.86 -49.77
N ILE D 157 45.58 -10.11 -50.11
CA ILE D 157 45.55 -11.23 -49.16
C ILE D 157 46.69 -12.21 -49.37
N GLY D 158 46.86 -13.12 -48.42
CA GLY D 158 47.91 -14.14 -48.51
C GLY D 158 47.31 -15.52 -48.60
N MET D 159 46.15 -15.62 -49.24
CA MET D 159 45.49 -16.90 -49.43
C MET D 159 45.15 -17.13 -50.90
N ALA D 160 45.56 -18.28 -51.41
CA ALA D 160 45.17 -18.72 -52.74
C ALA D 160 43.68 -19.01 -52.75
N PRO D 161 42.96 -18.53 -53.81
CA PRO D 161 41.53 -18.79 -53.99
C PRO D 161 41.37 -20.27 -53.61
N PRO D 162 40.55 -20.55 -52.60
CA PRO D 162 40.45 -21.93 -52.15
C PRO D 162 39.27 -22.71 -52.73
N ILE D 163 38.23 -22.00 -53.16
CA ILE D 163 37.03 -22.61 -53.71
C ILE D 163 36.89 -22.32 -55.22
N TYR D 164 36.40 -23.30 -55.97
CA TYR D 164 36.11 -23.18 -57.42
C TYR D 164 35.07 -24.26 -57.76
N ASN D 165 34.62 -24.32 -59.00
CA ASN D 165 33.58 -25.28 -59.38
C ASN D 165 34.09 -26.72 -59.27
N GLU D 166 33.33 -27.56 -58.56
CA GLU D 166 33.63 -28.98 -58.35
C GLU D 166 34.96 -29.30 -57.62
N VAL D 167 35.27 -28.50 -56.58
CA VAL D 167 36.44 -28.76 -55.72
C VAL D 167 36.14 -29.94 -54.79
N LEU D 168 34.87 -30.30 -54.69
CA LEU D 168 34.42 -31.44 -53.90
C LEU D 168 33.15 -32.03 -54.49
N GLU D 169 32.95 -33.34 -54.31
CA GLU D 169 31.66 -33.96 -54.56
C GLU D 169 30.94 -34.02 -53.21
N PHE D 170 29.71 -33.49 -53.14
CA PHE D 170 28.95 -33.48 -51.87
C PHE D 170 28.24 -34.80 -51.65
N ASP D 171 28.08 -35.18 -50.38
CA ASP D 171 27.48 -36.46 -50.00
C ASP D 171 26.03 -36.64 -50.45
N ASP D 172 25.26 -35.54 -50.47
CA ASP D 172 23.85 -35.58 -50.90
C ASP D 172 23.65 -35.30 -52.40
N GLY D 173 24.75 -35.13 -53.13
CA GLY D 173 24.71 -34.92 -54.59
C GLY D 173 24.24 -33.56 -55.06
N THR D 174 24.61 -32.51 -54.34
CA THR D 174 24.26 -31.15 -54.75
C THR D 174 25.32 -30.65 -55.72
N PRO D 175 24.90 -30.02 -56.84
CA PRO D 175 25.85 -29.47 -57.81
C PRO D 175 26.80 -28.45 -57.18
N ALA D 176 28.07 -28.83 -57.06
CA ALA D 176 29.09 -28.05 -56.35
C ALA D 176 29.68 -26.88 -57.15
N THR D 177 28.86 -25.85 -57.37
CA THR D 177 29.31 -24.59 -57.99
C THR D 177 30.11 -23.78 -56.97
N MET D 178 30.92 -22.82 -57.42
CA MET D 178 31.76 -22.01 -56.51
C MET D 178 30.96 -21.30 -55.42
N SER D 179 29.84 -20.71 -55.84
CA SER D 179 28.90 -19.98 -54.98
C SER D 179 28.08 -20.89 -54.04
N GLN D 180 27.82 -22.12 -54.46
CA GLN D 180 27.16 -23.12 -53.60
C GLN D 180 28.13 -23.60 -52.53
N VAL D 181 29.38 -23.86 -52.92
CA VAL D 181 30.45 -24.27 -51.99
C VAL D 181 30.75 -23.20 -50.93
N ALA D 182 30.76 -21.93 -51.34
CA ALA D 182 30.96 -20.82 -50.42
C ALA D 182 29.78 -20.63 -49.46
N LYS D 183 28.56 -20.69 -50.00
CA LYS D 183 27.32 -20.57 -49.22
C LYS D 183 27.26 -21.60 -48.10
N ASP D 184 27.53 -22.86 -48.45
CA ASP D 184 27.51 -23.96 -47.49
C ASP D 184 28.56 -23.80 -46.40
N VAL D 185 29.82 -23.53 -46.77
CA VAL D 185 30.91 -23.39 -45.80
C VAL D 185 30.70 -22.22 -44.83
N CYS D 186 30.11 -21.14 -45.33
CA CYS D 186 29.75 -19.99 -44.50
C CYS D 186 28.71 -20.39 -43.45
N THR D 187 27.66 -21.10 -43.90
CA THR D 187 26.60 -21.63 -43.03
C THR D 187 27.19 -22.53 -41.94
N PHE D 188 28.20 -23.33 -42.27
CA PHE D 188 28.90 -24.14 -41.27
C PHE D 188 29.73 -23.30 -40.31
N LEU D 189 30.45 -22.32 -40.84
CA LEU D 189 31.29 -21.43 -40.03
C LEU D 189 30.49 -20.54 -39.11
N ARG D 190 29.25 -20.25 -39.51
CA ARG D 190 28.28 -19.56 -38.67
C ARG D 190 27.92 -20.41 -37.47
N TRP D 191 27.56 -21.67 -37.72
CA TRP D 191 27.30 -22.65 -36.66
C TRP D 191 28.52 -22.92 -35.80
N ALA D 192 29.71 -22.94 -36.42
CA ALA D 192 30.96 -23.14 -35.67
C ALA D 192 31.05 -22.06 -34.61
N ALA D 193 31.13 -20.81 -35.05
CA ALA D 193 31.19 -19.64 -34.17
C ALA D 193 30.05 -19.50 -33.16
N GLU D 194 28.85 -19.95 -33.53
CA GLU D 194 27.65 -19.77 -32.70
C GLU D 194 26.74 -21.02 -32.73
N PRO D 195 27.13 -22.11 -32.01
CA PRO D 195 26.29 -23.32 -31.99
C PRO D 195 24.90 -23.04 -31.44
N GLU D 196 24.82 -22.11 -30.48
CA GLU D 196 23.58 -21.75 -29.79
C GLU D 196 22.46 -21.19 -30.68
N HIS D 197 22.85 -20.66 -31.86
CA HIS D 197 21.95 -20.01 -32.84
C HIS D 197 20.48 -20.44 -32.82
N ASP D 198 20.24 -21.74 -33.01
CA ASP D 198 18.88 -22.28 -33.11
C ASP D 198 18.12 -22.27 -31.80
N HIS D 199 18.79 -22.66 -30.71
CA HIS D 199 18.21 -22.60 -29.37
C HIS D 199 17.92 -21.15 -28.95
N ARG D 200 18.93 -20.29 -29.14
CA ARG D 200 18.85 -18.83 -28.90
C ARG D 200 17.58 -18.23 -29.47
N LYS D 201 17.30 -18.53 -30.73
CA LYS D 201 16.14 -18.02 -31.46
C LYS D 201 14.83 -18.66 -31.03
N ARG D 202 14.87 -19.95 -30.65
CA ARG D 202 13.71 -20.63 -30.06
C ARG D 202 13.33 -19.90 -28.77
N MET D 203 14.33 -19.59 -27.96
CA MET D 203 14.11 -18.85 -26.72
C MET D 203 13.59 -17.45 -27.00
N GLY D 204 14.15 -16.80 -28.03
CA GLY D 204 13.67 -15.48 -28.47
C GLY D 204 12.18 -15.41 -28.76
N LEU D 205 11.67 -16.40 -29.49
CA LEU D 205 10.24 -16.48 -29.80
C LEU D 205 9.39 -16.63 -28.53
N LYS D 206 9.84 -17.52 -27.64
CA LYS D 206 9.12 -17.79 -26.40
C LYS D 206 9.18 -16.59 -25.44
N MET D 207 10.28 -15.84 -25.49
CA MET D 207 10.43 -14.58 -24.74
C MET D 207 9.48 -13.52 -25.29
N LEU D 208 9.46 -13.35 -26.62
CA LEU D 208 8.61 -12.34 -27.26
C LEU D 208 7.15 -12.57 -26.96
N LEU D 209 6.73 -13.84 -26.97
CA LEU D 209 5.34 -14.21 -26.68
C LEU D 209 4.96 -13.99 -25.22
N MET D 210 5.79 -14.45 -24.29
CA MET D 210 5.56 -14.25 -22.84
C MET D 210 5.52 -12.78 -22.45
N MET D 211 6.40 -11.99 -23.06
CA MET D 211 6.45 -10.53 -22.89
C MET D 211 5.22 -9.89 -23.51
N GLY D 212 4.83 -10.39 -24.69
CA GLY D 212 3.55 -10.04 -25.29
C GLY D 212 2.37 -10.25 -24.34
N LEU D 213 2.44 -11.29 -23.52
CA LEU D 213 1.41 -11.60 -22.52
C LEU D 213 1.59 -10.76 -21.25
N LEU D 214 2.79 -10.81 -20.66
CA LEU D 214 3.02 -10.27 -19.31
C LEU D 214 3.03 -8.74 -19.22
N LEU D 215 3.63 -8.08 -20.22
CA LEU D 215 3.71 -6.61 -20.25
C LEU D 215 2.35 -5.90 -20.18
N PRO D 216 1.40 -6.24 -21.09
CA PRO D 216 0.09 -5.60 -20.92
C PRO D 216 -0.65 -6.05 -19.65
N LEU D 217 -0.42 -7.26 -19.15
CA LEU D 217 -1.02 -7.73 -17.88
C LEU D 217 -0.52 -6.96 -16.66
N VAL D 218 0.81 -6.83 -16.55
CA VAL D 218 1.49 -6.07 -15.48
C VAL D 218 1.16 -4.57 -15.60
N TYR D 219 1.09 -4.08 -16.85
CA TYR D 219 0.64 -2.72 -17.14
C TYR D 219 -0.82 -2.49 -16.70
N ALA D 220 -1.67 -3.51 -16.88
CA ALA D 220 -3.05 -3.45 -16.42
C ALA D 220 -3.14 -3.45 -14.91
N MET D 221 -2.30 -4.27 -14.26
CA MET D 221 -2.19 -4.32 -12.80
C MET D 221 -1.76 -2.97 -12.23
N LYS D 222 -0.82 -2.33 -12.94
CA LYS D 222 -0.32 -1.00 -12.60
C LYS D 222 -1.44 0.04 -12.61
N ARG D 223 -2.17 0.10 -13.71
CA ARG D 223 -3.24 1.08 -13.91
C ARG D 223 -4.37 0.84 -12.93
N HIS D 224 -4.61 -0.44 -12.62
CA HIS D 224 -5.60 -0.86 -11.62
C HIS D 224 -5.27 -0.26 -10.24
N LYS D 225 -4.07 -0.50 -9.73
CA LYS D 225 -3.69 0.01 -8.42
C LYS D 225 -3.68 1.53 -8.41
N TRP D 226 -3.09 2.12 -9.45
CA TRP D 226 -2.98 3.56 -9.59
C TRP D 226 -4.29 4.29 -9.85
N SER D 227 -5.33 3.56 -10.25
CA SER D 227 -6.62 4.16 -10.60
C SER D 227 -7.27 4.92 -9.45
N VAL D 228 -6.89 4.62 -8.21
CA VAL D 228 -7.40 5.35 -7.04
C VAL D 228 -6.94 6.80 -7.13
N LEU D 229 -5.67 6.96 -7.53
CA LEU D 229 -5.05 8.27 -7.65
C LEU D 229 -5.34 9.00 -8.96
N LYS D 230 -5.35 8.29 -10.08
CA LYS D 230 -5.70 8.92 -11.37
C LYS D 230 -7.10 9.57 -11.38
N SER D 231 -8.06 8.92 -10.72
CA SER D 231 -9.45 9.38 -10.64
C SER D 231 -9.65 10.59 -9.71
N ARG D 232 -8.89 10.64 -8.62
CA ARG D 232 -9.12 11.56 -7.49
C ARG D 232 -9.32 13.05 -7.86
N LYS D 233 -10.21 13.72 -7.14
CA LYS D 233 -10.42 15.16 -7.31
C LYS D 233 -10.05 15.85 -6.00
N LEU D 234 -9.51 17.06 -6.10
CA LEU D 234 -9.18 17.85 -4.90
C LEU D 234 -10.10 19.06 -4.73
N ALA D 235 -10.32 19.50 -3.50
CA ALA D 235 -11.09 20.72 -3.27
C ALA D 235 -10.51 21.48 -2.11
N TYR D 236 -10.33 22.78 -2.30
CA TYR D 236 -9.79 23.67 -1.27
C TYR D 236 -10.93 24.46 -0.63
N ARG D 237 -11.17 24.25 0.66
CA ARG D 237 -12.37 24.80 1.32
C ARG D 237 -12.07 25.67 2.56
N PRO D 238 -11.37 26.83 2.37
CA PRO D 238 -11.00 27.71 3.49
C PRO D 238 -12.20 28.45 4.11
N PRO D 239 -12.17 28.75 5.42
CA PRO D 239 -13.34 29.02 6.26
C PRO D 239 -14.22 30.25 5.92
N SER E 1 -22.07 25.41 5.29
CA SER E 1 -22.13 24.12 6.04
C SER E 1 -21.35 23.02 5.33
N HIS E 2 -20.98 21.97 6.07
CA HIS E 2 -20.36 20.79 5.47
C HIS E 2 -21.36 19.97 4.64
N THR E 3 -22.64 20.25 4.81
CA THR E 3 -23.73 19.66 4.03
C THR E 3 -23.71 20.12 2.56
N ASP E 4 -22.99 21.20 2.29
CA ASP E 4 -22.74 21.71 0.94
C ASP E 4 -21.82 20.80 0.11
N ILE E 5 -20.99 19.99 0.78
CA ILE E 5 -20.10 19.03 0.10
C ILE E 5 -20.95 17.89 -0.44
N LYS E 6 -20.92 17.69 -1.75
CA LYS E 6 -21.42 16.45 -2.35
C LYS E 6 -20.39 15.95 -3.35
N VAL E 7 -20.15 14.63 -3.29
CA VAL E 7 -19.15 13.93 -4.09
C VAL E 7 -19.27 14.19 -5.60
N PRO E 8 -18.18 14.62 -6.25
CA PRO E 8 -18.07 14.80 -7.70
C PRO E 8 -18.52 13.59 -8.49
N ASP E 9 -18.92 13.84 -9.73
CA ASP E 9 -19.38 12.82 -10.67
C ASP E 9 -18.20 11.99 -11.19
N PHE E 10 -18.22 10.69 -10.92
CA PHE E 10 -17.13 9.81 -11.36
C PHE E 10 -17.52 8.90 -12.54
N SER E 11 -18.56 9.29 -13.27
CA SER E 11 -19.13 8.46 -14.35
C SER E 11 -18.10 8.08 -15.40
N ASP E 12 -17.25 9.05 -15.75
CA ASP E 12 -16.16 8.88 -16.70
C ASP E 12 -15.25 7.72 -16.32
N TYR E 13 -15.06 7.56 -15.01
CA TYR E 13 -14.09 6.61 -14.48
C TYR E 13 -14.64 5.23 -14.13
N ARG E 14 -15.92 5.20 -13.77
CA ARG E 14 -16.61 3.96 -13.38
C ARG E 14 -16.57 2.86 -14.42
N ARG E 15 -16.64 1.61 -13.97
CA ARG E 15 -16.95 0.49 -14.85
C ARG E 15 -18.41 0.60 -15.28
N PRO E 16 -18.73 0.18 -16.54
CA PRO E 16 -20.12 0.06 -16.97
C PRO E 16 -21.08 -0.58 -15.93
N GLU E 17 -20.66 -1.67 -15.29
CA GLU E 17 -21.47 -2.40 -14.29
C GLU E 17 -21.97 -1.56 -13.12
N VAL E 18 -21.21 -0.54 -12.74
CA VAL E 18 -21.57 0.30 -11.59
C VAL E 18 -21.99 1.73 -11.98
N LEU E 19 -22.38 1.91 -13.25
CA LEU E 19 -22.85 3.21 -13.72
C LEU E 19 -24.25 3.57 -13.22
N ASP E 20 -25.14 2.58 -13.19
CA ASP E 20 -26.56 2.77 -12.86
C ASP E 20 -26.73 3.01 -11.37
N SER E 21 -27.06 4.26 -11.00
CA SER E 21 -27.12 4.65 -9.59
C SER E 21 -28.38 4.14 -8.86
N THR E 22 -29.39 3.72 -9.63
CA THR E 22 -30.62 3.13 -9.09
C THR E 22 -30.54 1.59 -8.89
N LYS E 23 -29.40 0.99 -9.19
CA LYS E 23 -29.20 -0.44 -9.00
C LYS E 23 -28.05 -0.72 -8.04
N SER E 24 -28.08 -1.87 -7.38
CA SER E 24 -27.05 -2.22 -6.40
C SER E 24 -25.78 -2.75 -7.06
N SER E 25 -24.63 -2.26 -6.60
CA SER E 25 -23.30 -2.73 -7.04
C SER E 25 -23.03 -4.21 -6.72
N LYS E 26 -23.77 -4.77 -5.76
CA LYS E 26 -23.51 -6.11 -5.23
C LYS E 26 -23.70 -7.27 -6.23
N GLU E 27 -24.58 -7.08 -7.22
CA GLU E 27 -24.71 -8.02 -8.33
C GLU E 27 -23.36 -8.17 -9.02
N SER E 28 -22.77 -7.03 -9.41
CA SER E 28 -21.52 -6.96 -10.17
C SER E 28 -20.21 -7.19 -9.38
N SER E 29 -20.30 -7.21 -8.05
CA SER E 29 -19.12 -7.35 -7.18
C SER E 29 -18.38 -8.67 -7.40
N GLU E 30 -19.15 -9.76 -7.45
CA GLU E 30 -18.65 -11.10 -7.80
C GLU E 30 -17.83 -11.06 -9.09
N ALA E 31 -18.36 -10.40 -10.11
CA ALA E 31 -17.78 -10.30 -11.45
C ALA E 31 -16.52 -9.42 -11.50
N ARG E 32 -16.64 -8.22 -10.93
CA ARG E 32 -15.61 -7.18 -11.06
C ARG E 32 -14.31 -7.60 -10.43
N LYS E 33 -14.43 -8.28 -9.29
CA LYS E 33 -13.27 -8.82 -8.59
C LYS E 33 -12.66 -9.96 -9.39
N GLY E 34 -13.52 -10.85 -9.89
CA GLY E 34 -13.11 -11.94 -10.77
C GLY E 34 -12.21 -11.51 -11.91
N PHE E 35 -12.62 -10.47 -12.63
CA PHE E 35 -11.84 -9.93 -13.76
C PHE E 35 -10.46 -9.49 -13.30
N SER E 36 -10.40 -8.65 -12.28
CA SER E 36 -9.15 -8.03 -11.87
C SER E 36 -8.20 -9.07 -11.27
N TYR E 37 -8.74 -10.01 -10.48
CA TYR E 37 -7.94 -11.09 -9.89
C TYR E 37 -7.47 -12.13 -10.89
N LEU E 38 -8.23 -12.30 -11.98
CA LEU E 38 -7.83 -13.20 -13.08
C LEU E 38 -6.56 -12.66 -13.74
N VAL E 39 -6.52 -11.35 -13.94
CA VAL E 39 -5.35 -10.67 -14.51
C VAL E 39 -4.12 -10.96 -13.65
N THR E 40 -4.29 -10.78 -12.34
CA THR E 40 -3.24 -11.05 -11.37
C THR E 40 -2.83 -12.53 -11.40
N ALA E 41 -3.83 -13.42 -11.42
CA ALA E 41 -3.58 -14.87 -11.42
C ALA E 41 -2.85 -15.33 -12.68
N THR E 42 -3.32 -14.84 -13.84
CA THR E 42 -2.69 -15.10 -15.14
C THR E 42 -1.21 -14.68 -15.11
N THR E 43 -0.98 -13.45 -14.64
CA THR E 43 0.36 -12.89 -14.49
C THR E 43 1.27 -13.82 -13.68
N THR E 44 0.79 -14.28 -12.53
CA THR E 44 1.54 -15.20 -11.67
C THR E 44 1.90 -16.53 -12.36
N VAL E 45 0.94 -17.08 -13.13
CA VAL E 45 1.18 -18.31 -13.91
C VAL E 45 2.30 -18.10 -14.97
N GLY E 46 2.25 -16.94 -15.62
CA GLY E 46 3.28 -16.54 -16.58
C GLY E 46 4.65 -16.36 -15.98
N VAL E 47 4.71 -15.64 -14.86
CA VAL E 47 5.93 -15.38 -14.10
C VAL E 47 6.50 -16.72 -13.62
N ALA E 48 5.61 -17.61 -13.17
CA ALA E 48 6.00 -18.95 -12.71
C ALA E 48 6.70 -19.71 -13.82
N TYR E 49 6.07 -19.76 -14.99
CA TYR E 49 6.68 -20.39 -16.16
C TYR E 49 8.10 -19.85 -16.43
N ALA E 50 8.25 -18.54 -16.35
CA ALA E 50 9.52 -17.89 -16.63
C ALA E 50 10.56 -18.29 -15.58
N ALA E 51 10.26 -18.01 -14.31
CA ALA E 51 11.20 -18.24 -13.19
C ALA E 51 11.66 -19.69 -13.06
N LYS E 52 10.73 -20.62 -13.33
CA LYS E 52 11.01 -22.05 -13.44
C LYS E 52 12.15 -22.25 -14.44
N ASN E 53 11.97 -21.74 -15.65
CA ASN E 53 12.97 -21.83 -16.70
C ASN E 53 14.31 -21.23 -16.33
N VAL E 54 14.29 -20.01 -15.78
CA VAL E 54 15.53 -19.31 -15.48
C VAL E 54 16.30 -20.08 -14.41
N VAL E 55 15.63 -20.39 -13.30
CA VAL E 55 16.23 -21.15 -12.18
C VAL E 55 16.75 -22.50 -12.68
N SER E 56 15.91 -23.21 -13.44
CA SER E 56 16.24 -24.56 -13.89
C SER E 56 17.49 -24.61 -14.79
N GLN E 57 17.65 -23.57 -15.62
CA GLN E 57 18.87 -23.39 -16.42
C GLN E 57 20.10 -23.15 -15.53
N PHE E 58 19.98 -22.23 -14.57
CA PHE E 58 21.09 -21.95 -13.67
C PHE E 58 21.46 -23.18 -12.88
N VAL E 59 20.48 -23.99 -12.48
CA VAL E 59 20.74 -25.29 -11.81
C VAL E 59 21.52 -26.20 -12.77
N SER E 60 21.08 -26.23 -14.03
CA SER E 60 21.71 -27.03 -15.09
C SER E 60 23.20 -26.69 -15.27
N SER E 61 23.52 -25.38 -15.18
CA SER E 61 24.90 -24.84 -15.24
C SER E 61 25.89 -25.64 -14.43
N MET E 62 25.50 -25.95 -13.19
CA MET E 62 26.39 -26.58 -12.25
C MET E 62 26.59 -28.07 -12.50
N SER E 63 25.61 -28.70 -13.16
CA SER E 63 25.75 -30.10 -13.52
C SER E 63 26.75 -30.27 -14.66
N ALA E 64 27.26 -31.50 -14.82
CA ALA E 64 28.32 -31.83 -15.77
C ALA E 64 28.11 -31.22 -17.16
N SER E 65 29.14 -30.53 -17.65
CA SER E 65 29.16 -29.96 -19.01
C SER E 65 29.31 -31.07 -20.06
N ALA E 66 29.03 -30.75 -21.32
CA ALA E 66 29.07 -31.73 -22.43
C ALA E 66 30.40 -32.46 -22.61
N ASP E 67 31.50 -31.79 -22.27
CA ASP E 67 32.84 -32.37 -22.37
C ASP E 67 33.17 -33.30 -21.19
N VAL E 68 32.49 -33.13 -20.06
CA VAL E 68 32.62 -34.03 -18.90
C VAL E 68 31.74 -35.28 -19.09
N LEU E 69 30.59 -35.10 -19.74
CA LEU E 69 29.73 -36.21 -20.15
C LEU E 69 30.38 -37.02 -21.25
N ALA E 70 31.20 -36.37 -22.07
CA ALA E 70 31.95 -37.03 -23.13
C ALA E 70 32.94 -38.06 -22.58
N MET E 71 33.55 -37.77 -21.42
CA MET E 71 34.50 -38.67 -20.76
C MET E 71 33.84 -39.59 -19.74
N SER E 72 32.53 -39.41 -19.52
CA SER E 72 31.73 -40.29 -18.66
C SER E 72 31.88 -41.78 -19.04
N LYS E 73 31.60 -42.11 -20.30
CA LYS E 73 31.58 -43.51 -20.75
C LYS E 73 32.78 -43.89 -21.65
N ILE E 74 33.08 -45.19 -21.71
CA ILE E 74 34.10 -45.73 -22.62
C ILE E 74 33.56 -47.02 -23.24
N GLU E 75 33.65 -47.11 -24.56
CA GLU E 75 33.22 -48.30 -25.30
C GLU E 75 34.40 -49.25 -25.50
N ILE E 76 34.20 -50.52 -25.16
CA ILE E 76 35.22 -51.55 -25.32
C ILE E 76 34.69 -52.67 -26.24
N LYS E 77 35.52 -53.07 -27.21
CA LYS E 77 35.18 -54.16 -28.15
C LYS E 77 35.66 -55.49 -27.57
N LEU E 78 34.72 -56.41 -27.38
CA LEU E 78 34.95 -57.63 -26.61
C LEU E 78 35.70 -58.72 -27.40
N SER E 79 35.59 -58.67 -28.73
CA SER E 79 36.39 -59.53 -29.62
C SER E 79 37.88 -59.17 -29.69
N ASP E 80 38.24 -57.97 -29.20
CA ASP E 80 39.63 -57.50 -29.11
C ASP E 80 40.41 -57.96 -27.85
N ILE E 81 39.75 -58.68 -26.95
CA ILE E 81 40.41 -59.26 -25.76
C ILE E 81 40.25 -60.81 -25.74
N PRO E 82 41.37 -61.56 -25.86
CA PRO E 82 41.30 -63.03 -25.95
C PRO E 82 41.03 -63.70 -24.59
N GLU E 83 40.58 -64.96 -24.64
CA GLU E 83 40.17 -65.73 -23.45
C GLU E 83 41.32 -66.06 -22.50
N GLY E 84 41.36 -65.36 -21.36
CA GLY E 84 42.41 -65.55 -20.36
C GLY E 84 43.18 -64.29 -20.08
N LYS E 85 43.52 -63.53 -21.13
CA LYS E 85 44.30 -62.31 -21.02
C LYS E 85 43.48 -61.11 -20.51
N ASN E 86 44.13 -60.24 -19.76
CA ASN E 86 43.53 -58.99 -19.30
C ASN E 86 43.93 -57.85 -20.25
N MET E 87 43.06 -56.86 -20.39
CA MET E 87 43.34 -55.64 -21.16
C MET E 87 43.00 -54.39 -20.33
N ALA E 88 44.00 -53.53 -20.11
CA ALA E 88 43.81 -52.27 -19.40
C ALA E 88 43.24 -51.16 -20.30
N PHE E 89 42.55 -50.19 -19.70
CA PHE E 89 42.03 -49.01 -20.41
C PHE E 89 42.14 -47.77 -19.52
N LYS E 90 42.11 -46.56 -20.13
CA LYS E 90 42.05 -45.27 -19.39
C LYS E 90 40.60 -44.76 -19.27
N TRP E 91 40.08 -44.76 -18.04
CA TRP E 91 38.67 -44.40 -17.79
C TRP E 91 38.47 -43.52 -16.56
N ARG E 92 38.01 -42.30 -16.82
CA ARG E 92 37.85 -41.25 -15.78
C ARG E 92 39.18 -41.00 -15.06
N GLY E 93 40.26 -40.93 -15.84
CA GLY E 93 41.64 -40.79 -15.34
C GLY E 93 42.15 -41.93 -14.47
N LYS E 94 41.58 -43.13 -14.66
CA LYS E 94 41.94 -44.34 -13.91
C LYS E 94 42.24 -45.49 -14.90
N PRO E 95 43.00 -46.51 -14.46
CA PRO E 95 42.96 -47.78 -15.21
C PRO E 95 41.60 -48.47 -15.07
N LEU E 96 41.22 -49.22 -16.12
CA LEU E 96 39.99 -50.01 -16.11
C LEU E 96 40.28 -51.39 -16.71
N PHE E 97 40.27 -52.41 -15.84
CA PHE E 97 40.54 -53.78 -16.26
C PHE E 97 39.27 -54.51 -16.71
N VAL E 98 39.26 -54.93 -17.97
CA VAL E 98 38.30 -55.91 -18.50
C VAL E 98 39.05 -57.23 -18.69
N ARG E 99 38.46 -58.34 -18.25
CA ARG E 99 39.13 -59.65 -18.33
C ARG E 99 38.21 -60.73 -18.89
N HIS E 100 38.61 -61.31 -20.02
CA HIS E 100 37.93 -62.48 -20.57
C HIS E 100 38.36 -63.68 -19.71
N ARG E 101 37.37 -64.35 -19.13
CA ARG E 101 37.63 -65.46 -18.21
C ARG E 101 37.34 -66.81 -18.84
N THR E 102 38.22 -67.77 -18.59
CA THR E 102 38.10 -69.12 -19.16
C THR E 102 37.03 -69.94 -18.46
N LYS E 103 36.62 -71.05 -19.10
CA LYS E 103 35.75 -72.04 -18.48
C LYS E 103 36.32 -72.52 -17.14
N LYS E 104 37.65 -72.54 -17.02
CA LYS E 104 38.33 -72.93 -15.77
C LYS E 104 38.24 -71.85 -14.70
N GLU E 105 38.53 -70.61 -15.07
CA GLU E 105 38.43 -69.47 -14.15
C GLU E 105 37.01 -69.21 -13.62
N ILE E 106 35.99 -69.50 -14.44
CA ILE E 106 34.58 -69.41 -14.05
C ILE E 106 34.22 -70.41 -12.95
N ASP E 107 34.54 -71.69 -13.18
CA ASP E 107 34.26 -72.78 -12.23
C ASP E 107 35.10 -72.72 -10.95
N GLN E 108 36.36 -72.26 -11.08
CA GLN E 108 37.28 -72.12 -9.95
C GLN E 108 36.92 -70.96 -9.02
N GLU E 109 36.30 -69.91 -9.56
CA GLU E 109 35.83 -68.78 -8.77
C GLU E 109 34.36 -68.92 -8.34
N ALA E 110 33.69 -69.93 -8.86
CA ALA E 110 32.28 -70.22 -8.51
C ALA E 110 32.14 -70.88 -7.12
N ALA E 111 32.97 -71.89 -6.86
CA ALA E 111 32.84 -72.74 -5.65
C ALA E 111 33.80 -72.37 -4.52
N VAL E 112 34.27 -71.12 -4.54
CA VAL E 112 35.09 -70.52 -3.48
C VAL E 112 34.27 -70.36 -2.19
N GLU E 113 34.95 -70.34 -1.05
CA GLU E 113 34.33 -70.12 0.25
C GLU E 113 33.90 -68.66 0.39
N VAL E 114 32.60 -68.45 0.67
CA VAL E 114 32.01 -67.10 0.74
C VAL E 114 32.39 -66.40 2.06
N SER E 115 32.40 -67.16 3.15
CA SER E 115 32.68 -66.64 4.50
C SER E 115 34.15 -66.25 4.72
N GLN E 116 35.07 -67.10 4.26
CA GLN E 116 36.53 -66.92 4.47
C GLN E 116 37.09 -65.57 3.96
N LEU E 117 36.46 -65.02 2.91
CA LEU E 117 36.80 -63.73 2.31
C LEU E 117 36.63 -62.59 3.30
N ARG E 118 37.49 -61.56 3.16
CA ARG E 118 37.37 -60.33 3.96
C ARG E 118 36.14 -59.52 3.57
N ASP E 119 35.82 -59.52 2.29
CA ASP E 119 34.64 -58.83 1.77
C ASP E 119 33.75 -59.89 1.08
N PRO E 120 32.78 -60.48 1.84
CA PRO E 120 31.93 -61.58 1.33
C PRO E 120 31.00 -61.23 0.15
N GLN E 121 31.43 -61.65 -1.04
CA GLN E 121 30.65 -61.54 -2.27
C GLN E 121 30.85 -62.80 -3.10
N HIS E 122 29.76 -63.38 -3.56
CA HIS E 122 29.80 -64.47 -4.54
C HIS E 122 30.14 -63.89 -5.93
N ASP E 123 30.58 -64.75 -6.83
CA ASP E 123 30.98 -64.32 -8.17
C ASP E 123 29.83 -63.93 -9.10
N LEU E 124 28.73 -64.69 -9.08
CA LEU E 124 27.59 -64.46 -10.00
C LEU E 124 26.80 -63.16 -9.76
N GLU E 125 27.10 -62.49 -8.65
CA GLU E 125 26.56 -61.16 -8.34
C GLU E 125 27.59 -59.99 -8.42
N ARG E 126 28.85 -60.32 -8.72
CA ARG E 126 29.89 -59.33 -9.02
C ARG E 126 29.94 -58.95 -10.50
N VAL E 127 29.38 -59.80 -11.36
CA VAL E 127 29.38 -59.61 -12.82
C VAL E 127 27.99 -59.85 -13.44
N LYS E 128 27.81 -59.34 -14.66
CA LYS E 128 26.55 -59.49 -15.40
C LYS E 128 26.60 -60.69 -16.35
N LYS E 129 27.75 -60.88 -17.00
CA LYS E 129 28.02 -62.11 -17.75
C LYS E 129 29.17 -62.87 -17.08
N PRO E 130 29.02 -64.21 -16.87
CA PRO E 130 30.06 -65.02 -16.19
C PRO E 130 31.48 -65.01 -16.81
N GLU E 131 31.56 -64.88 -18.14
CA GLU E 131 32.85 -64.89 -18.85
C GLU E 131 33.59 -63.53 -18.94
N TRP E 132 32.99 -62.48 -18.37
CA TRP E 132 33.57 -61.13 -18.36
C TRP E 132 33.53 -60.50 -16.98
N VAL E 133 34.70 -60.14 -16.45
CA VAL E 133 34.78 -59.37 -15.20
C VAL E 133 35.43 -58.01 -15.45
N ILE E 134 34.66 -56.96 -15.19
CA ILE E 134 35.10 -55.58 -15.39
C ILE E 134 35.29 -54.90 -14.03
N LEU E 135 36.47 -54.29 -13.88
CA LEU E 135 36.95 -53.75 -12.59
C LEU E 135 37.76 -52.47 -12.79
N ILE E 136 37.76 -51.60 -11.77
CA ILE E 136 38.66 -50.45 -11.73
C ILE E 136 40.01 -50.95 -11.24
N GLY E 137 41.06 -50.58 -11.95
CA GLY E 137 42.41 -51.03 -11.65
C GLY E 137 43.12 -50.16 -10.63
N VAL E 138 42.39 -49.82 -9.56
CA VAL E 138 42.93 -49.09 -8.42
C VAL E 138 42.84 -49.98 -7.17
N CYS E 139 44.01 -50.26 -6.58
CA CYS E 139 44.15 -51.02 -5.34
C CYS E 139 43.50 -50.23 -4.21
N THR E 140 42.56 -50.87 -3.51
CA THR E 140 41.66 -50.17 -2.58
C THR E 140 42.29 -49.62 -1.31
N HIS E 141 43.41 -50.19 -0.88
CA HIS E 141 44.07 -49.75 0.35
C HIS E 141 44.66 -48.33 0.25
N LEU E 142 45.73 -48.16 -0.54
CA LEU E 142 46.42 -46.87 -0.67
C LEU E 142 46.75 -46.46 -2.12
N GLY E 143 46.02 -47.06 -3.07
CA GLY E 143 46.04 -46.63 -4.47
C GLY E 143 47.30 -46.95 -5.24
N CYS E 144 47.29 -48.12 -5.86
CA CYS E 144 48.33 -48.54 -6.79
C CYS E 144 47.64 -49.06 -8.06
N VAL E 145 48.41 -49.64 -8.98
CA VAL E 145 47.84 -50.30 -10.17
C VAL E 145 48.24 -51.78 -10.15
N PRO E 146 47.31 -52.70 -9.80
CA PRO E 146 47.62 -54.13 -9.71
C PRO E 146 48.03 -54.75 -11.06
N ILE E 147 49.05 -55.62 -11.02
CA ILE E 147 49.57 -56.29 -12.22
C ILE E 147 48.83 -57.59 -12.48
N ALA E 148 48.40 -57.77 -13.73
CA ALA E 148 47.56 -58.91 -14.16
C ALA E 148 48.34 -60.24 -14.23
N ASN E 149 47.60 -61.36 -14.13
CA ASN E 149 48.13 -62.74 -14.25
C ASN E 149 49.32 -63.08 -13.31
N ALA E 150 49.16 -62.76 -12.03
CA ALA E 150 50.20 -62.94 -11.00
C ALA E 150 49.60 -62.98 -9.59
N GLY E 151 50.45 -63.09 -8.57
CA GLY E 151 50.02 -63.20 -7.17
C GLY E 151 49.85 -64.64 -6.74
N ASP E 152 49.44 -64.83 -5.48
CA ASP E 152 49.15 -66.15 -4.95
C ASP E 152 47.87 -66.72 -5.51
N PHE E 153 46.80 -65.92 -5.53
CA PHE E 153 45.47 -66.39 -5.91
C PHE E 153 45.21 -66.31 -7.43
N GLY E 154 46.26 -66.03 -8.19
CA GLY E 154 46.26 -66.10 -9.66
C GLY E 154 45.27 -65.17 -10.31
N GLY E 155 45.45 -63.87 -10.09
CA GLY E 155 44.53 -62.87 -10.64
C GLY E 155 45.22 -61.55 -10.78
N TYR E 156 45.22 -60.77 -9.69
CA TYR E 156 45.89 -59.48 -9.64
C TYR E 156 46.72 -59.41 -8.35
N TYR E 157 47.94 -58.88 -8.45
CA TYR E 157 48.85 -58.70 -7.30
C TYR E 157 49.51 -57.33 -7.27
N CYS E 158 49.76 -56.84 -6.06
CA CYS E 158 50.25 -55.49 -5.80
C CYS E 158 51.61 -55.54 -5.11
N PRO E 159 52.66 -54.94 -5.73
CA PRO E 159 53.97 -54.81 -5.06
C PRO E 159 54.15 -53.55 -4.18
N CYS E 160 53.04 -52.99 -3.68
CA CYS E 160 53.08 -51.80 -2.81
C CYS E 160 53.16 -52.16 -1.33
N HIS E 161 52.18 -52.93 -0.85
CA HIS E 161 52.12 -53.36 0.57
C HIS E 161 52.10 -54.89 0.72
N GLY E 162 51.15 -55.55 0.07
CA GLY E 162 51.10 -57.01 0.06
C GLY E 162 49.73 -57.61 -0.14
N SER E 163 49.02 -57.12 -1.15
CA SER E 163 47.66 -57.55 -1.46
C SER E 163 47.60 -58.61 -2.56
N HIS E 164 46.68 -59.57 -2.38
CA HIS E 164 46.43 -60.63 -3.35
C HIS E 164 44.95 -60.71 -3.71
N TYR E 165 44.65 -60.44 -4.99
CA TYR E 165 43.30 -60.57 -5.52
C TYR E 165 43.17 -61.86 -6.32
N ASP E 166 42.00 -62.50 -6.23
CA ASP E 166 41.69 -63.67 -7.04
C ASP E 166 41.28 -63.25 -8.46
N ALA E 167 40.85 -64.24 -9.25
CA ALA E 167 40.41 -64.00 -10.64
C ALA E 167 39.07 -63.24 -10.74
N SER E 168 38.28 -63.26 -9.68
CA SER E 168 37.02 -62.50 -9.61
C SER E 168 37.20 -61.05 -9.10
N GLY E 169 38.44 -60.69 -8.77
CA GLY E 169 38.78 -59.36 -8.25
C GLY E 169 38.60 -59.14 -6.75
N ARG E 170 38.30 -60.22 -6.02
CA ARG E 170 38.08 -60.18 -4.58
C ARG E 170 39.39 -60.33 -3.83
N ILE E 171 39.56 -59.52 -2.78
CA ILE E 171 40.73 -59.60 -1.92
C ILE E 171 40.70 -60.90 -1.11
N ARG E 172 41.83 -61.63 -1.14
CA ARG E 172 41.96 -62.92 -0.46
C ARG E 172 42.94 -62.84 0.71
N LYS E 173 44.19 -62.44 0.42
CA LYS E 173 45.26 -62.32 1.42
C LYS E 173 46.02 -61.00 1.26
N GLY E 174 45.75 -60.05 2.14
CA GLY E 174 46.42 -58.74 2.13
C GLY E 174 45.80 -57.67 3.00
N PRO E 175 46.40 -56.46 3.01
CA PRO E 175 45.90 -55.31 3.80
C PRO E 175 44.66 -54.54 3.26
N ALA E 176 44.23 -54.83 2.02
CA ALA E 176 43.09 -54.12 1.40
C ALA E 176 41.76 -54.39 2.09
N PRO E 177 40.94 -53.34 2.31
CA PRO E 177 39.63 -53.54 2.98
C PRO E 177 38.36 -53.92 2.20
N LEU E 178 38.15 -53.28 1.05
CA LEU E 178 37.19 -53.70 0.02
C LEU E 178 37.93 -54.45 -1.09
N ASN E 179 37.14 -55.20 -1.88
CA ASN E 179 37.60 -55.82 -3.13
C ASN E 179 37.83 -54.73 -4.19
N LEU E 180 38.40 -55.12 -5.33
CA LEU E 180 38.51 -54.20 -6.49
C LEU E 180 37.11 -53.81 -6.96
N GLU E 181 36.96 -52.52 -7.28
CA GLU E 181 35.66 -51.90 -7.46
C GLU E 181 34.98 -52.32 -8.75
N VAL E 182 33.71 -52.73 -8.61
CA VAL E 182 32.87 -53.15 -9.72
C VAL E 182 32.12 -51.91 -10.25
N PRO E 183 32.49 -51.42 -11.46
CA PRO E 183 31.77 -50.28 -12.00
C PRO E 183 30.38 -50.62 -12.53
N SER E 184 29.66 -49.56 -12.87
CA SER E 184 28.35 -49.61 -13.47
C SER E 184 28.55 -49.77 -14.98
N TYR E 185 27.92 -50.80 -15.55
CA TYR E 185 28.02 -51.06 -16.98
C TYR E 185 26.85 -51.90 -17.52
N GLU E 186 26.73 -51.95 -18.84
CA GLU E 186 25.74 -52.78 -19.52
C GLU E 186 26.28 -53.24 -20.89
N PHE E 187 26.05 -54.52 -21.19
CA PHE E 187 26.32 -55.05 -22.54
C PHE E 187 25.20 -54.60 -23.47
N THR E 188 25.57 -54.07 -24.64
CA THR E 188 24.60 -53.61 -25.66
C THR E 188 24.24 -54.66 -26.74
N SER E 189 25.12 -54.80 -27.74
CA SER E 189 25.11 -55.96 -28.59
C SER E 189 26.13 -56.90 -27.97
N ASP E 190 26.02 -58.19 -28.30
CA ASP E 190 26.91 -59.24 -27.78
C ASP E 190 28.41 -59.02 -27.99
N ASP E 191 28.79 -58.17 -28.96
CA ASP E 191 30.19 -57.85 -29.27
C ASP E 191 30.76 -56.65 -28.50
N MET E 192 29.89 -55.78 -27.97
CA MET E 192 30.33 -54.51 -27.38
C MET E 192 29.88 -54.33 -25.93
N VAL E 193 30.69 -53.58 -25.17
CA VAL E 193 30.37 -53.15 -23.80
C VAL E 193 30.63 -51.65 -23.61
N ILE E 194 29.67 -50.97 -22.98
CA ILE E 194 29.81 -49.58 -22.55
C ILE E 194 29.92 -49.58 -21.02
N VAL E 195 31.02 -49.01 -20.53
CA VAL E 195 31.25 -48.85 -19.11
C VAL E 195 30.97 -47.40 -18.77
N GLY E 196 30.07 -47.19 -17.81
CA GLY E 196 29.74 -45.85 -17.31
C GLY E 196 28.25 -45.58 -17.15
N ARG F 1 11.14 47.10 -18.81
CA ARG F 1 10.89 48.29 -19.66
C ARG F 1 10.77 47.91 -21.15
N TRP F 2 11.88 47.43 -21.72
CA TRP F 2 11.96 47.03 -23.13
C TRP F 2 12.06 45.50 -23.21
N LEU F 3 12.67 44.92 -22.18
CA LEU F 3 12.78 43.46 -21.98
C LEU F 3 11.49 42.84 -21.41
N GLU F 4 10.48 43.67 -21.18
CA GLU F 4 9.18 43.22 -20.66
C GLU F 4 8.48 42.30 -21.66
N GLY F 5 8.84 42.44 -22.94
CA GLY F 5 8.35 41.56 -24.00
C GLY F 5 8.87 40.15 -23.80
N ILE F 6 10.16 40.06 -23.49
CA ILE F 6 10.85 38.78 -23.29
C ILE F 6 10.44 38.13 -21.94
N ARG F 7 10.33 38.93 -20.88
CA ARG F 7 9.83 38.48 -19.57
C ARG F 7 8.46 37.79 -19.67
N LYS F 8 7.56 38.39 -20.46
CA LYS F 8 6.22 37.84 -20.68
C LYS F 8 6.26 36.56 -21.50
N TRP F 9 7.17 36.53 -22.48
CA TRP F 9 7.39 35.33 -23.32
C TRP F 9 7.93 34.18 -22.47
N TYR F 10 9.05 34.45 -21.76
CA TYR F 10 9.70 33.48 -20.90
C TYR F 10 8.72 32.88 -19.92
N TYR F 11 7.87 33.73 -19.34
CA TYR F 11 6.85 33.31 -18.36
C TYR F 11 6.01 32.15 -18.88
N ASN F 12 5.47 32.30 -20.08
CA ASN F 12 4.67 31.26 -20.69
C ASN F 12 5.45 30.06 -21.17
N ALA F 13 6.68 30.29 -21.65
CA ALA F 13 7.58 29.23 -22.05
C ALA F 13 7.90 28.31 -20.85
N ALA F 14 8.32 28.93 -19.73
CA ALA F 14 8.60 28.26 -18.45
C ALA F 14 7.43 27.38 -18.02
N GLY F 15 6.22 27.95 -18.07
CA GLY F 15 4.97 27.19 -18.01
C GLY F 15 4.50 26.65 -16.68
N PHE F 16 4.97 27.21 -15.58
CA PHE F 16 4.47 26.76 -14.28
C PHE F 16 3.06 27.24 -14.07
N ASN F 17 2.72 28.34 -14.74
CA ASN F 17 1.36 28.87 -14.79
C ASN F 17 0.31 27.85 -15.27
N LYS F 18 0.73 26.90 -16.10
CA LYS F 18 -0.17 25.87 -16.64
C LYS F 18 -0.63 24.87 -15.56
N LEU F 19 0.09 24.84 -14.44
CA LEU F 19 -0.27 24.00 -13.29
C LEU F 19 -0.96 24.78 -12.19
N GLY F 20 -1.24 26.05 -12.49
CA GLY F 20 -1.80 26.98 -11.52
C GLY F 20 -0.84 27.19 -10.37
N LEU F 21 0.40 27.54 -10.73
CA LEU F 21 1.40 27.91 -9.76
C LEU F 21 1.76 29.38 -9.96
N MET F 22 2.08 30.05 -8.86
CA MET F 22 2.74 31.34 -8.91
C MET F 22 4.24 31.12 -8.77
N ARG F 23 5.01 32.11 -9.22
CA ARG F 23 6.46 32.03 -9.27
C ARG F 23 7.07 31.57 -7.93
N ASP F 24 6.65 32.19 -6.85
CA ASP F 24 7.16 31.85 -5.51
C ASP F 24 6.82 30.44 -4.98
N ASP F 25 5.96 29.70 -5.70
CA ASP F 25 5.74 28.30 -5.37
C ASP F 25 6.87 27.46 -5.91
N THR F 26 7.46 27.94 -7.01
CA THR F 26 8.53 27.21 -7.70
C THR F 26 9.92 27.44 -7.12
N ILE F 27 10.04 28.37 -6.16
CA ILE F 27 11.33 28.63 -5.51
C ILE F 27 11.80 27.37 -4.74
N HIS F 28 13.06 27.02 -4.98
CA HIS F 28 13.70 25.88 -4.35
C HIS F 28 13.91 26.18 -2.87
N GLU F 29 13.42 25.31 -2.01
CA GLU F 29 13.43 25.54 -0.57
C GLU F 29 14.82 25.37 0.03
N ASN F 30 15.54 26.48 0.24
CA ASN F 30 16.76 26.48 1.06
C ASN F 30 16.37 26.88 2.48
N ASP F 31 17.37 27.07 3.36
CA ASP F 31 17.10 27.48 4.75
C ASP F 31 16.37 28.80 4.93
N ASP F 32 16.65 29.79 4.08
CA ASP F 32 15.96 31.07 4.12
C ASP F 32 14.50 30.96 3.71
N VAL F 33 14.26 30.23 2.62
CA VAL F 33 12.92 30.06 2.08
C VAL F 33 12.05 29.31 3.09
N LYS F 34 12.62 28.26 3.71
CA LYS F 34 11.96 27.50 4.78
C LYS F 34 11.44 28.44 5.87
N GLU F 35 12.31 29.34 6.34
CA GLU F 35 11.95 30.34 7.36
C GLU F 35 10.90 31.32 6.87
N ALA F 36 11.03 31.74 5.61
CA ALA F 36 10.06 32.64 5.00
C ALA F 36 8.68 31.99 4.95
N ILE F 37 8.64 30.71 4.53
CA ILE F 37 7.41 29.91 4.45
C ILE F 37 6.80 29.82 5.84
N ARG F 38 7.66 29.48 6.81
CA ARG F 38 7.30 29.34 8.22
C ARG F 38 6.63 30.60 8.79
N ARG F 39 7.01 31.77 8.26
CA ARG F 39 6.47 33.05 8.70
C ARG F 39 5.20 33.52 7.99
N LEU F 40 4.72 32.75 7.02
CA LEU F 40 3.53 33.14 6.23
C LEU F 40 2.27 33.05 7.09
N PRO F 41 1.30 33.98 6.89
CA PRO F 41 0.03 33.91 7.61
C PRO F 41 -0.85 32.77 7.11
N GLU F 42 -1.77 32.28 7.95
CA GLU F 42 -2.59 31.09 7.64
C GLU F 42 -3.11 31.05 6.20
N ASN F 43 -3.77 32.12 5.78
CA ASN F 43 -4.27 32.26 4.39
C ASN F 43 -3.21 32.02 3.30
N LEU F 44 -2.11 32.79 3.32
CA LEU F 44 -1.06 32.67 2.30
C LEU F 44 -0.37 31.31 2.27
N TYR F 45 -0.17 30.74 3.46
CA TYR F 45 0.39 29.40 3.57
C TYR F 45 -0.54 28.32 2.99
N ASN F 46 -1.81 28.28 3.40
CA ASN F 46 -2.74 27.26 2.89
C ASN F 46 -3.02 27.30 1.40
N ASP F 47 -2.95 28.50 0.82
CA ASP F 47 -2.99 28.71 -0.63
C ASP F 47 -1.80 28.06 -1.29
N ARG F 48 -0.61 28.35 -0.77
CA ARG F 48 0.63 27.75 -1.22
C ARG F 48 0.51 26.23 -1.20
N VAL F 49 0.08 25.70 -0.06
CA VAL F 49 -0.11 24.26 0.15
C VAL F 49 -1.02 23.68 -0.93
N PHE F 50 -2.13 24.36 -1.21
CA PHE F 50 -3.07 23.83 -2.17
C PHE F 50 -2.56 23.92 -3.59
N ARG F 51 -2.05 25.09 -3.97
CA ARG F 51 -1.51 25.31 -5.31
C ARG F 51 -0.49 24.24 -5.72
N ILE F 52 0.38 23.89 -4.78
CA ILE F 52 1.40 22.86 -4.96
C ILE F 52 0.73 21.48 -5.07
N LYS F 53 -0.15 21.16 -4.12
CA LYS F 53 -0.92 19.92 -4.13
C LYS F 53 -1.55 19.71 -5.51
N ARG F 54 -2.16 20.78 -6.04
CA ARG F 54 -2.82 20.80 -7.35
C ARG F 54 -1.84 20.56 -8.49
N ALA F 55 -0.69 21.24 -8.42
CA ALA F 55 0.37 21.11 -9.41
C ALA F 55 0.97 19.71 -9.43
N LEU F 56 1.22 19.17 -8.23
CA LEU F 56 1.77 17.84 -8.09
C LEU F 56 0.82 16.79 -8.62
N ASP F 57 -0.47 16.98 -8.35
CA ASP F 57 -1.50 16.09 -8.86
C ASP F 57 -1.60 16.13 -10.38
N LEU F 58 -1.47 17.33 -10.96
CA LEU F 58 -1.45 17.50 -12.40
C LEU F 58 -0.21 16.85 -13.01
N SER F 59 0.95 17.09 -12.39
CA SER F 59 2.21 16.47 -12.80
C SER F 59 2.13 14.95 -12.78
N MET F 60 1.47 14.42 -11.74
CA MET F 60 1.22 12.98 -11.60
C MET F 60 0.45 12.42 -12.80
N ARG F 61 -0.53 13.17 -13.27
CA ARG F 61 -1.33 12.77 -14.44
C ARG F 61 -0.74 13.13 -15.81
N GLN F 62 0.37 13.91 -15.78
CA GLN F 62 1.01 14.48 -16.98
C GLN F 62 0.03 15.34 -17.80
N GLN F 63 -0.73 16.16 -17.08
CA GLN F 63 -1.74 17.04 -17.67
C GLN F 63 -1.56 18.47 -17.18
N ILE F 64 -2.25 19.40 -17.82
CA ILE F 64 -2.23 20.80 -17.42
C ILE F 64 -3.66 21.24 -17.17
N LEU F 65 -3.82 22.44 -16.64
CA LEU F 65 -5.15 23.04 -16.46
C LEU F 65 -5.70 23.53 -17.80
N PRO F 66 -7.01 23.82 -17.86
CA PRO F 66 -7.56 24.65 -18.94
C PRO F 66 -6.91 26.05 -19.00
N LYS F 67 -6.74 26.60 -20.21
CA LYS F 67 -6.06 27.88 -20.44
C LYS F 67 -6.63 29.07 -19.65
N GLU F 68 -7.94 29.04 -19.42
CA GLU F 68 -8.63 30.04 -18.59
C GLU F 68 -8.08 29.98 -17.17
N GLN F 69 -7.78 28.77 -16.69
CA GLN F 69 -7.31 28.54 -15.32
C GLN F 69 -5.83 28.83 -15.11
N TRP F 70 -5.07 29.09 -16.18
CA TRP F 70 -3.63 29.37 -16.07
C TRP F 70 -3.36 30.69 -15.39
N THR F 71 -2.30 30.73 -14.58
CA THR F 71 -1.88 31.94 -13.89
C THR F 71 -1.52 32.98 -14.94
N LYS F 72 -2.25 34.09 -14.92
CA LYS F 72 -1.96 35.23 -15.79
C LYS F 72 -0.66 35.89 -15.33
N TYR F 73 0.16 36.30 -16.29
CA TYR F 73 1.44 36.96 -15.99
C TYR F 73 1.28 38.17 -15.06
N GLU F 74 0.29 39.00 -15.38
CA GLU F 74 0.00 40.25 -14.66
C GLU F 74 -0.52 40.00 -13.25
N GLU F 75 -1.26 38.91 -13.06
CA GLU F 75 -1.87 38.55 -11.76
C GLU F 75 -0.96 37.73 -10.82
N ASP F 76 0.31 37.52 -11.22
CA ASP F 76 1.27 36.77 -10.41
C ASP F 76 1.85 37.67 -9.32
N LYS F 77 1.22 37.66 -8.15
CA LYS F 77 1.71 38.41 -6.98
C LYS F 77 2.97 37.76 -6.43
N SER F 78 3.91 38.59 -6.02
CA SER F 78 5.19 38.11 -5.47
C SER F 78 5.06 37.85 -3.95
N TYR F 79 4.21 36.90 -3.57
CA TYR F 79 3.70 36.74 -2.18
C TYR F 79 4.73 36.48 -1.07
N LEU F 80 5.84 35.87 -1.47
CA LEU F 80 6.88 35.46 -0.54
C LEU F 80 7.97 36.53 -0.32
N GLU F 81 8.07 37.51 -1.24
CA GLU F 81 9.11 38.58 -1.21
C GLU F 81 9.29 39.27 0.16
N PRO F 82 8.21 39.88 0.75
CA PRO F 82 8.41 40.60 2.02
C PRO F 82 8.99 39.77 3.17
N TYR F 83 8.61 38.48 3.23
CA TYR F 83 9.07 37.56 4.27
C TYR F 83 10.50 37.15 4.02
N LEU F 84 10.77 36.68 2.79
CA LEU F 84 12.08 36.24 2.35
C LEU F 84 13.15 37.32 2.39
N LYS F 85 12.79 38.52 1.94
CA LYS F 85 13.68 39.67 1.95
C LYS F 85 14.22 39.92 3.37
N GLU F 86 13.30 39.94 4.34
CA GLU F 86 13.63 40.18 5.74
C GLU F 86 14.40 39.04 6.40
N VAL F 87 14.07 37.79 6.06
CA VAL F 87 14.80 36.62 6.54
C VAL F 87 16.29 36.71 6.17
N ILE F 88 16.52 37.05 4.90
CA ILE F 88 17.85 37.24 4.33
C ILE F 88 18.56 38.43 4.98
N ARG F 89 17.84 39.57 5.04
CA ARG F 89 18.35 40.80 5.64
C ARG F 89 18.78 40.57 7.08
N GLU F 90 18.06 39.71 7.79
CA GLU F 90 18.36 39.36 9.17
C GLU F 90 19.62 38.54 9.29
N ARG F 91 19.74 37.50 8.45
CA ARG F 91 20.89 36.60 8.49
C ARG F 91 22.19 37.33 8.17
N LYS F 92 22.15 38.19 7.16
CA LYS F 92 23.29 39.04 6.78
C LYS F 92 23.75 39.96 7.93
N GLU F 93 22.81 40.40 8.76
CA GLU F 93 23.14 41.14 9.98
C GLU F 93 23.87 40.27 11.02
N ARG F 94 23.44 39.02 11.20
CA ARG F 94 24.10 38.09 12.13
C ARG F 94 25.49 37.70 11.65
N GLU F 95 25.61 37.57 10.32
CA GLU F 95 26.86 37.21 9.65
C GLU F 95 27.88 38.35 9.75
N GLU F 96 27.39 39.57 9.64
CA GLU F 96 28.17 40.78 9.89
C GLU F 96 28.65 40.83 11.34
N TRP F 97 27.72 40.67 12.28
CA TRP F 97 28.02 40.75 13.70
C TRP F 97 29.08 39.73 14.12
N ALA F 98 29.05 38.57 13.48
CA ALA F 98 30.00 37.49 13.72
C ALA F 98 31.44 37.80 13.27
N LYS F 99 31.68 39.00 12.75
CA LYS F 99 33.01 39.39 12.25
C LYS F 99 33.46 40.77 12.78
N ARG G 1 11.18 10.38 7.70
CA ARG G 1 10.03 10.89 8.50
C ARG G 1 8.72 10.12 8.19
N GLN G 2 8.06 9.59 9.23
CA GLN G 2 6.84 8.75 9.09
C GLN G 2 5.65 9.50 8.49
N PHE G 3 4.67 8.79 7.92
CA PHE G 3 3.37 9.39 7.58
C PHE G 3 2.67 9.89 8.85
N GLY G 4 2.27 11.15 8.85
CA GLY G 4 1.74 11.81 10.06
C GLY G 4 2.69 12.81 10.71
N HIS G 5 3.88 12.96 10.13
CA HIS G 5 4.89 13.93 10.57
C HIS G 5 5.53 14.68 9.40
N LEU G 6 4.91 14.59 8.22
CA LEU G 6 5.50 15.16 7.01
C LEU G 6 5.40 16.68 6.97
N THR G 7 4.15 17.20 6.96
CA THR G 7 3.90 18.64 6.87
C THR G 7 2.46 19.02 7.29
N ARG G 8 2.18 20.32 7.35
CA ARG G 8 0.86 20.86 7.76
C ARG G 8 0.00 21.24 6.55
N VAL G 9 -1.22 20.68 6.49
CA VAL G 9 -2.16 20.93 5.39
C VAL G 9 -3.54 21.22 5.97
N ARG G 10 -4.21 22.26 5.47
CA ARG G 10 -5.54 22.58 5.97
C ARG G 10 -6.58 22.83 4.89
N HIS G 11 -7.75 22.24 5.11
CA HIS G 11 -8.97 22.44 4.30
C HIS G 11 -8.85 21.95 2.87
N VAL G 12 -8.35 20.73 2.70
CA VAL G 12 -8.15 20.14 1.39
C VAL G 12 -8.82 18.78 1.39
N ILE G 13 -9.88 18.67 0.59
CA ILE G 13 -10.65 17.43 0.46
C ILE G 13 -10.18 16.61 -0.75
N THR G 14 -10.14 15.28 -0.56
CA THR G 14 -9.74 14.34 -1.60
C THR G 14 -10.78 13.24 -1.69
N TYR G 15 -11.47 13.20 -2.83
CA TYR G 15 -12.42 12.14 -3.14
C TYR G 15 -11.73 11.17 -4.08
N SER G 16 -12.01 9.88 -3.92
CA SER G 16 -11.42 8.82 -4.78
C SER G 16 -12.28 7.56 -4.80
N LEU G 17 -12.08 6.76 -5.85
CA LEU G 17 -12.82 5.52 -6.04
C LEU G 17 -11.96 4.29 -5.82
N SER G 18 -12.61 3.21 -5.39
CA SER G 18 -12.00 1.88 -5.32
C SER G 18 -11.59 1.44 -6.71
N PRO G 19 -10.45 0.74 -6.81
CA PRO G 19 -10.05 0.24 -8.11
C PRO G 19 -11.01 -0.83 -8.66
N PHE G 20 -11.86 -1.40 -7.81
CA PHE G 20 -12.83 -2.38 -8.27
C PHE G 20 -14.08 -1.73 -8.80
N GLU G 21 -14.27 -0.45 -8.45
CA GLU G 21 -15.42 0.31 -8.93
C GLU G 21 -15.16 0.94 -10.30
N GLN G 22 -13.90 1.00 -10.72
CA GLN G 22 -13.52 1.76 -11.91
C GLN G 22 -12.67 1.00 -12.94
N ARG G 23 -12.46 1.64 -14.10
CA ARG G 23 -11.69 1.03 -15.19
C ARG G 23 -10.22 1.38 -15.09
N ALA G 24 -9.40 0.43 -15.52
CA ALA G 24 -7.95 0.62 -15.60
C ALA G 24 -7.55 1.60 -16.71
N PHE G 25 -8.31 1.61 -17.80
CA PHE G 25 -7.97 2.41 -18.98
C PHE G 25 -9.15 3.28 -19.44
N PRO G 26 -9.62 4.22 -18.58
CA PRO G 26 -10.72 5.06 -19.05
C PRO G 26 -10.25 6.04 -20.12
N HIS G 27 -10.94 6.03 -21.26
CA HIS G 27 -10.66 6.92 -22.40
C HIS G 27 -9.17 6.97 -22.80
N TYR G 28 -8.61 5.77 -22.88
CA TYR G 28 -7.18 5.50 -23.11
C TYR G 28 -6.63 6.04 -24.43
N PHE G 29 -7.40 5.84 -25.50
CA PHE G 29 -7.09 6.43 -26.81
C PHE G 29 -7.75 7.80 -26.96
N SER G 30 -9.04 7.90 -26.60
CA SER G 30 -9.85 9.13 -26.69
C SER G 30 -9.17 10.38 -26.14
N LYS G 31 -8.67 10.28 -24.91
CA LYS G 31 -8.01 11.39 -24.23
C LYS G 31 -6.48 11.24 -24.20
N GLY G 32 -6.02 9.99 -24.39
CA GLY G 32 -4.59 9.67 -24.36
C GLY G 32 -3.82 10.23 -25.54
N ILE G 33 -4.27 9.90 -26.74
CA ILE G 33 -3.68 10.40 -27.98
C ILE G 33 -3.51 11.93 -27.97
N PRO G 34 -4.61 12.72 -27.76
CA PRO G 34 -4.41 14.18 -27.77
C PRO G 34 -3.46 14.71 -26.68
N ASN G 35 -3.51 14.12 -25.48
CA ASN G 35 -2.60 14.51 -24.41
C ASN G 35 -1.14 14.22 -24.78
N VAL G 36 -0.89 13.11 -25.48
CA VAL G 36 0.46 12.75 -25.95
C VAL G 36 0.98 13.77 -26.96
N LEU G 37 0.13 14.12 -27.93
CA LEU G 37 0.48 15.10 -28.95
C LEU G 37 0.78 16.47 -28.34
N ARG G 38 0.02 16.84 -27.30
CA ARG G 38 0.23 18.08 -26.54
C ARG G 38 1.57 18.08 -25.83
N ARG G 39 1.88 16.94 -25.18
CA ARG G 39 3.14 16.72 -24.45
C ARG G 39 4.33 16.74 -25.40
N THR G 40 4.15 16.12 -26.56
CA THR G 40 5.20 16.04 -27.59
C THR G 40 5.47 17.42 -28.21
N ARG G 41 4.40 18.14 -28.57
CA ARG G 41 4.52 19.49 -29.13
C ARG G 41 5.20 20.44 -28.15
N ALA G 42 4.90 20.28 -26.85
CA ALA G 42 5.43 21.14 -25.79
C ALA G 42 6.94 21.07 -25.64
N CYS G 43 7.50 19.88 -25.81
CA CYS G 43 8.93 19.68 -25.61
C CYS G 43 9.74 19.53 -26.90
N ILE G 44 9.07 19.42 -28.06
CA ILE G 44 9.75 19.03 -29.31
C ILE G 44 10.92 19.92 -29.72
N LEU G 45 10.73 21.24 -29.69
CA LEU G 45 11.83 22.12 -30.08
C LEU G 45 12.71 22.56 -28.90
N ARG G 46 12.66 21.80 -27.81
CA ARG G 46 13.71 21.78 -26.80
C ARG G 46 14.54 20.51 -26.97
N VAL G 47 13.86 19.38 -27.19
CA VAL G 47 14.47 18.03 -27.27
C VAL G 47 15.13 17.77 -28.63
N ALA G 48 14.38 18.00 -29.71
CA ALA G 48 14.79 17.64 -31.07
C ALA G 48 16.00 18.39 -31.66
N PRO G 49 16.04 19.75 -31.61
CA PRO G 49 17.14 20.50 -32.27
C PRO G 49 18.58 20.00 -32.05
N PRO G 50 18.99 19.63 -30.80
CA PRO G 50 20.33 19.08 -30.67
C PRO G 50 20.55 17.75 -31.39
N PHE G 51 19.54 16.88 -31.41
CA PHE G 51 19.66 15.62 -32.14
C PHE G 51 19.60 15.77 -33.67
N VAL G 52 18.92 16.82 -34.16
CA VAL G 52 19.00 17.27 -35.56
C VAL G 52 20.47 17.59 -35.86
N ALA G 53 21.07 18.42 -35.00
CA ALA G 53 22.45 18.86 -35.11
C ALA G 53 23.43 17.69 -35.09
N PHE G 54 23.20 16.72 -34.19
CA PHE G 54 23.99 15.49 -34.15
C PHE G 54 23.89 14.75 -35.48
N TYR G 55 22.66 14.54 -35.95
CA TYR G 55 22.42 13.82 -37.21
C TYR G 55 23.20 14.46 -38.37
N LEU G 56 23.21 15.80 -38.40
CA LEU G 56 23.87 16.54 -39.47
C LEU G 56 25.38 16.47 -39.36
N VAL G 57 25.93 16.77 -38.17
CA VAL G 57 27.39 16.67 -37.93
C VAL G 57 27.90 15.23 -38.11
N TYR G 58 27.03 14.26 -37.85
CA TYR G 58 27.33 12.84 -38.07
C TYR G 58 27.40 12.49 -39.56
N THR G 59 26.31 12.71 -40.29
CA THR G 59 26.26 12.38 -41.73
C THR G 59 27.20 13.22 -42.59
N TRP G 60 27.51 14.44 -42.14
CA TRP G 60 28.52 15.30 -42.76
C TRP G 60 29.90 14.68 -42.57
N GLY G 61 30.27 14.44 -41.33
CA GLY G 61 31.55 13.85 -40.97
C GLY G 61 31.83 12.47 -41.52
N THR G 62 30.78 11.66 -41.68
CA THR G 62 30.90 10.30 -42.21
C THR G 62 31.35 10.32 -43.67
N GLN G 63 30.59 11.01 -44.52
CA GLN G 63 30.91 11.04 -45.95
C GLN G 63 32.02 12.03 -46.31
N GLU G 64 32.40 12.88 -45.36
CA GLU G 64 33.63 13.68 -45.44
C GLU G 64 34.87 12.78 -45.30
N PHE G 65 34.77 11.80 -44.39
CA PHE G 65 35.81 10.77 -44.20
C PHE G 65 35.97 9.89 -45.44
N GLU G 66 34.86 9.61 -46.13
CA GLU G 66 34.87 8.84 -47.37
C GLU G 66 35.52 9.59 -48.54
N LYS G 67 35.10 10.83 -48.77
CA LYS G 67 35.66 11.69 -49.82
C LYS G 67 37.17 11.90 -49.63
N SER G 68 37.57 12.19 -48.39
CA SER G 68 38.98 12.42 -48.07
C SER G 68 39.87 11.21 -48.38
N LYS G 69 39.34 9.99 -48.26
CA LYS G 69 40.11 8.78 -48.57
C LYS G 69 40.23 8.45 -50.06
N ARG G 70 39.38 9.04 -50.89
CA ARG G 70 39.50 8.95 -52.34
C ARG G 70 40.72 9.74 -52.84
N LYS G 71 41.28 9.32 -53.97
CA LYS G 71 42.34 10.08 -54.64
C LYS G 71 41.76 11.31 -55.34
N ASN G 72 42.55 12.38 -55.37
CA ASN G 72 42.17 13.68 -55.95
C ASN G 72 42.65 13.76 -57.42
N PRO G 73 41.85 14.33 -58.36
CA PRO G 73 42.31 14.37 -59.76
C PRO G 73 43.51 15.33 -60.03
N ALA G 74 44.71 14.87 -59.66
CA ALA G 74 46.01 15.56 -59.84
C ALA G 74 47.18 14.59 -59.68
N VAL H 1 28.93 -23.00 -65.68
CA VAL H 1 27.72 -23.59 -65.06
C VAL H 1 27.27 -22.86 -63.77
N ASP H 2 28.19 -22.13 -63.12
CA ASP H 2 27.92 -21.44 -61.85
C ASP H 2 26.79 -20.42 -62.00
N PRO H 3 25.73 -20.52 -61.15
CA PRO H 3 24.74 -19.44 -61.10
C PRO H 3 25.33 -18.04 -60.82
N LEU H 4 26.46 -17.98 -60.11
CA LEU H 4 27.12 -16.71 -59.76
C LEU H 4 27.54 -15.87 -60.95
N THR H 5 28.36 -16.48 -61.82
CA THR H 5 28.91 -15.79 -62.99
C THR H 5 27.84 -15.47 -64.05
N THR H 6 26.72 -16.21 -64.05
CA THR H 6 25.52 -15.87 -64.85
C THR H 6 24.92 -14.55 -64.35
N VAL H 7 24.69 -14.47 -63.04
CA VAL H 7 24.04 -13.31 -62.40
C VAL H 7 24.95 -12.07 -62.43
N ARG H 8 26.26 -12.28 -62.26
CA ARG H 8 27.24 -11.19 -62.37
C ARG H 8 27.19 -10.48 -63.72
N GLU H 9 26.98 -11.26 -64.79
CA GLU H 9 26.72 -10.74 -66.12
C GLU H 9 25.38 -10.01 -66.20
N GLN H 10 24.33 -10.64 -65.66
CA GLN H 10 22.96 -10.08 -65.68
C GLN H 10 22.90 -8.70 -65.03
N CYS H 11 23.54 -8.58 -63.87
CA CYS H 11 23.61 -7.32 -63.11
C CYS H 11 24.51 -6.28 -63.78
N GLU H 12 25.55 -6.75 -64.48
CA GLU H 12 26.53 -5.89 -65.16
C GLU H 12 25.90 -4.97 -66.22
N GLN H 13 24.78 -5.43 -66.78
CA GLN H 13 24.06 -4.69 -67.82
C GLN H 13 22.91 -3.86 -67.25
N LEU H 14 23.20 -3.15 -66.15
CA LEU H 14 22.32 -2.12 -65.60
C LEU H 14 23.00 -0.75 -65.65
N GLU H 15 22.20 0.31 -65.67
CA GLU H 15 22.68 1.69 -65.89
C GLU H 15 23.75 2.13 -64.88
N LYS H 16 23.56 1.77 -63.62
CA LYS H 16 24.47 2.11 -62.53
C LYS H 16 25.79 1.34 -62.65
N CYS H 17 25.72 0.10 -63.14
CA CYS H 17 26.90 -0.74 -63.39
C CYS H 17 27.71 -0.26 -64.59
N VAL H 18 27.05 -0.14 -65.75
CA VAL H 18 27.69 0.25 -67.02
C VAL H 18 28.31 1.67 -66.98
N LYS H 19 27.69 2.59 -66.24
CA LYS H 19 28.28 3.92 -65.98
C LYS H 19 29.52 3.84 -65.09
N ALA H 20 29.51 2.95 -64.10
CA ALA H 20 30.67 2.70 -63.22
C ALA H 20 31.77 1.89 -63.92
N ARG H 21 31.36 1.05 -64.88
CA ARG H 21 32.29 0.26 -65.71
C ARG H 21 33.05 1.14 -66.69
N GLU H 22 32.39 2.21 -67.16
CA GLU H 22 33.01 3.22 -68.01
C GLU H 22 34.01 4.08 -67.23
N ARG H 23 33.68 4.39 -65.97
CA ARG H 23 34.59 5.07 -65.04
C ARG H 23 35.88 4.24 -64.83
N LEU H 24 35.70 2.92 -64.71
CA LEU H 24 36.78 1.95 -64.60
C LEU H 24 37.67 1.94 -65.86
N GLU H 25 37.03 1.93 -67.02
CA GLU H 25 37.74 1.87 -68.30
C GLU H 25 38.44 3.18 -68.67
N LEU H 26 37.93 4.31 -68.18
CA LEU H 26 38.57 5.63 -68.33
C LEU H 26 40.00 5.62 -67.78
N CYS H 27 40.15 5.25 -66.51
CA CYS H 27 41.45 5.22 -65.86
C CYS H 27 42.29 4.01 -66.27
N ASP H 28 41.64 2.95 -66.78
CA ASP H 28 42.35 1.80 -67.35
C ASP H 28 43.29 2.29 -68.45
N GLU H 29 42.72 2.93 -69.48
CA GLU H 29 43.50 3.54 -70.54
C GLU H 29 43.75 5.04 -70.31
N ARG H 30 44.09 5.36 -69.07
CA ARG H 30 44.71 6.63 -68.69
C ARG H 30 46.06 6.32 -68.03
N VAL H 31 46.05 5.37 -67.09
CA VAL H 31 47.29 4.91 -66.43
C VAL H 31 48.12 3.93 -67.29
N SER H 32 47.45 3.05 -68.03
CA SER H 32 48.14 2.11 -68.92
C SER H 32 48.57 2.78 -70.22
N SER H 33 48.06 3.97 -70.50
CA SER H 33 48.54 4.80 -71.61
C SER H 33 49.70 5.74 -71.23
N ARG H 34 49.58 6.43 -70.09
CA ARG H 34 50.64 7.31 -69.59
C ARG H 34 51.81 6.54 -68.97
N SER H 35 52.99 7.16 -68.96
CA SER H 35 54.20 6.52 -68.47
C SER H 35 54.61 7.07 -67.11
N GLN H 36 55.08 6.15 -66.26
CA GLN H 36 55.55 6.43 -64.88
C GLN H 36 54.77 7.47 -64.04
N THR H 37 53.57 7.10 -63.61
CA THR H 37 52.85 7.76 -62.52
C THR H 37 52.34 6.68 -61.57
N GLU H 38 52.67 6.84 -60.29
CA GLU H 38 52.41 5.84 -59.25
C GLU H 38 50.91 5.65 -58.89
N GLU H 39 50.03 6.42 -59.57
CA GLU H 39 48.57 6.34 -59.38
C GLU H 39 48.04 5.03 -60.00
N ASP H 40 47.10 4.40 -59.30
CA ASP H 40 46.48 3.14 -59.77
C ASP H 40 44.95 3.28 -59.90
N CYS H 41 44.27 2.15 -60.05
CA CYS H 41 42.82 2.12 -60.31
C CYS H 41 42.01 1.18 -59.40
N THR H 42 42.44 1.01 -58.15
CA THR H 42 41.68 0.20 -57.17
C THR H 42 40.31 0.82 -56.90
N GLU H 43 40.31 2.12 -56.62
CA GLU H 43 39.12 2.94 -56.36
C GLU H 43 37.97 2.68 -57.33
N GLU H 44 38.26 2.77 -58.63
CA GLU H 44 37.25 2.65 -59.70
C GLU H 44 36.67 1.24 -59.79
N LEU H 45 37.52 0.24 -59.54
CA LEU H 45 37.10 -1.17 -59.50
C LEU H 45 36.11 -1.41 -58.37
N LEU H 46 36.42 -0.86 -57.20
CA LEU H 46 35.61 -1.03 -56.00
C LEU H 46 34.25 -0.34 -56.12
N ASP H 47 34.21 0.80 -56.81
CA ASP H 47 32.96 1.51 -57.18
C ASP H 47 32.09 0.61 -58.03
N PHE H 48 32.71 -0.06 -59.00
CA PHE H 48 32.02 -0.98 -59.89
C PHE H 48 31.51 -2.23 -59.15
N LEU H 49 32.38 -2.85 -58.37
CA LEU H 49 32.03 -4.07 -57.62
C LEU H 49 30.93 -3.83 -56.58
N HIS H 50 30.97 -2.66 -55.92
CA HIS H 50 29.95 -2.22 -54.94
C HIS H 50 28.55 -2.25 -55.54
N ALA H 51 28.42 -1.64 -56.71
CA ALA H 51 27.17 -1.61 -57.46
C ALA H 51 26.79 -2.98 -58.00
N ARG H 52 27.78 -3.73 -58.50
CA ARG H 52 27.55 -5.05 -59.08
C ARG H 52 27.10 -6.05 -58.02
N ASP H 53 27.95 -6.25 -57.01
CA ASP H 53 27.73 -7.29 -55.98
C ASP H 53 26.55 -6.99 -55.05
N HIS H 54 26.12 -5.72 -54.99
CA HIS H 54 24.87 -5.36 -54.32
C HIS H 54 23.69 -6.02 -55.03
N CYS H 55 23.65 -5.88 -56.35
CA CYS H 55 22.63 -6.52 -57.21
C CYS H 55 22.71 -8.04 -57.18
N VAL H 56 23.93 -8.58 -57.20
CA VAL H 56 24.19 -10.02 -57.19
C VAL H 56 23.56 -10.65 -55.94
N ALA H 57 23.81 -10.03 -54.80
CA ALA H 57 23.24 -10.43 -53.51
C ALA H 57 21.73 -10.61 -53.56
N HIS H 58 21.06 -9.63 -54.20
CA HIS H 58 19.60 -9.57 -54.25
C HIS H 58 18.91 -10.75 -54.95
N LYS H 59 19.64 -11.48 -55.80
CA LYS H 59 19.05 -12.66 -56.49
C LYS H 59 19.94 -13.90 -56.71
N LEU H 60 21.17 -13.89 -56.20
CA LEU H 60 22.07 -15.05 -56.28
C LEU H 60 21.51 -16.26 -55.53
N PHE H 61 20.98 -15.99 -54.35
CA PHE H 61 20.56 -17.03 -53.43
C PHE H 61 19.32 -17.81 -53.83
N ASN H 62 18.64 -17.33 -54.87
CA ASN H 62 17.50 -18.04 -55.46
C ASN H 62 17.91 -19.36 -56.11
N SER H 63 19.10 -19.40 -56.71
CA SER H 63 19.59 -20.58 -57.44
C SER H 63 20.37 -21.57 -56.58
N LEU H 64 20.14 -21.56 -55.26
CA LEU H 64 20.92 -22.38 -54.34
C LEU H 64 20.06 -23.09 -53.32
N ALA I 1 -23.90 -2.90 28.93
CA ALA I 1 -23.97 -3.54 27.58
C ALA I 1 -24.07 -2.54 26.42
N VAL I 2 -24.98 -1.57 26.53
CA VAL I 2 -25.25 -0.57 25.49
C VAL I 2 -24.31 0.68 25.57
N PRO I 3 -23.77 1.15 24.40
CA PRO I 3 -22.88 2.34 24.37
C PRO I 3 -23.63 3.64 24.69
N ALA I 4 -22.97 4.62 25.30
CA ALA I 4 -23.67 5.84 25.75
C ALA I 4 -24.06 6.81 24.65
N THR I 5 -24.84 7.79 25.08
CA THR I 5 -25.37 8.86 24.24
C THR I 5 -24.27 9.68 23.57
N SER I 6 -23.06 9.64 24.14
CA SER I 6 -21.93 10.42 23.64
C SER I 6 -20.59 9.76 23.91
N GLU I 7 -19.77 9.67 22.85
CA GLU I 7 -18.40 9.17 22.97
C GLU I 7 -17.50 10.30 23.43
N SER I 8 -16.75 10.04 24.50
CA SER I 8 -15.90 11.06 25.14
C SER I 8 -14.42 10.98 24.76
N PRO I 9 -13.87 12.05 24.16
CA PRO I 9 -12.43 12.23 24.01
C PRO I 9 -11.86 13.38 24.88
N VAL I 10 -10.66 13.20 25.42
CA VAL I 10 -9.87 14.26 26.06
C VAL I 10 -8.95 14.88 24.98
N LEU I 11 -8.68 16.17 25.11
CA LEU I 11 -7.92 16.98 24.13
C LEU I 11 -8.68 17.27 22.82
N ASP I 12 -10.00 17.04 22.80
CA ASP I 12 -10.84 17.30 21.60
C ASP I 12 -11.68 18.58 21.74
N LEU I 13 -11.50 19.51 20.80
CA LEU I 13 -12.26 20.76 20.80
C LEU I 13 -13.74 20.46 20.89
N LYS I 14 -14.49 21.33 21.57
CA LYS I 14 -15.91 21.12 21.91
C LYS I 14 -16.88 21.69 20.89
N ARG I 15 -18.10 21.13 20.86
CA ARG I 15 -19.16 21.51 19.92
C ARG I 15 -19.73 22.91 20.23
N SER I 16 -19.92 23.73 19.20
CA SER I 16 -20.44 25.10 19.37
C SER I 16 -21.95 25.21 19.56
N VAL I 17 -22.35 26.33 20.14
CA VAL I 17 -23.75 26.77 20.23
C VAL I 17 -23.90 28.19 19.68
N LEU I 18 -24.83 28.38 18.72
CA LEU I 18 -25.09 29.67 18.06
C LEU I 18 -26.54 30.18 18.09
N CYS I 19 -27.44 29.46 18.78
CA CYS I 19 -28.86 29.86 18.88
C CYS I 19 -29.53 29.49 20.23
N ARG I 20 -30.67 30.14 20.50
CA ARG I 20 -31.55 29.84 21.64
C ARG I 20 -32.04 28.38 21.70
N GLU I 21 -32.48 27.87 20.54
CA GLU I 21 -33.13 26.55 20.44
C GLU I 21 -32.21 25.37 20.80
N SER I 22 -30.90 25.53 20.57
CA SER I 22 -29.90 24.53 20.93
C SER I 22 -29.31 24.75 22.33
N LEU I 23 -29.37 25.99 22.81
CA LEU I 23 -28.87 26.35 24.15
C LEU I 23 -29.81 26.01 25.32
N ARG I 24 -31.13 25.93 25.06
CA ARG I 24 -32.13 25.52 26.08
C ARG I 24 -32.02 24.02 26.41
N GLY I 25 -32.21 23.70 27.69
CA GLY I 25 -31.96 22.36 28.24
C GLY I 25 -30.71 22.33 29.11
N GLN I 26 -29.78 23.25 28.80
CA GLN I 26 -28.43 23.31 29.36
C GLN I 26 -28.32 23.90 30.78
N ALA I 27 -29.16 24.90 31.08
CA ALA I 27 -29.16 25.53 32.41
C ALA I 27 -29.49 24.49 33.47
N ALA I 28 -28.54 24.25 34.38
CA ALA I 28 -28.62 23.19 35.41
C ALA I 28 -29.70 23.46 36.43
N GLY I 29 -30.46 22.42 36.75
CA GLY I 29 -31.66 22.57 37.58
C GLY I 29 -31.66 21.73 38.84
N ARG I 30 -30.73 20.77 38.90
CA ARG I 30 -30.57 19.84 40.04
C ARG I 30 -29.04 19.50 40.21
N PRO I 31 -28.62 18.98 41.40
CA PRO I 31 -27.17 18.80 41.71
C PRO I 31 -26.47 17.74 40.87
N LEU I 32 -25.13 17.77 40.82
CA LEU I 32 -24.40 16.84 39.96
C LEU I 32 -24.47 15.38 40.40
N VAL I 33 -24.46 14.50 39.41
CA VAL I 33 -24.32 13.05 39.60
C VAL I 33 -23.17 12.61 38.70
N ALA I 34 -22.40 11.62 39.14
CA ALA I 34 -21.28 11.12 38.35
C ALA I 34 -21.32 9.60 38.28
N SER I 35 -21.32 9.06 37.07
CA SER I 35 -21.24 7.61 36.84
C SER I 35 -19.98 7.23 36.11
N VAL I 36 -19.34 6.13 36.52
CA VAL I 36 -18.24 5.49 35.76
C VAL I 36 -18.63 4.02 35.67
N SER I 37 -18.14 3.32 34.65
CA SER I 37 -18.58 1.96 34.41
C SER I 37 -17.49 1.01 33.92
N LEU I 38 -17.92 -0.19 33.56
CA LEU I 38 -17.14 -1.12 32.73
C LEU I 38 -17.51 -1.02 31.24
N ASN I 39 -18.81 -0.93 30.95
CA ASN I 39 -19.30 -0.94 29.57
C ASN I 39 -19.71 0.42 29.01
N VAL I 40 -20.33 1.27 29.84
CA VAL I 40 -20.92 2.56 29.40
C VAL I 40 -19.93 3.72 29.64
N PRO I 41 -19.81 4.66 28.67
CA PRO I 41 -18.93 5.83 28.78
C PRO I 41 -19.29 6.72 29.96
N ALA I 42 -18.28 7.21 30.68
CA ALA I 42 -18.48 8.09 31.82
C ALA I 42 -19.18 9.39 31.42
N SER I 43 -20.13 9.80 32.24
CA SER I 43 -20.90 11.02 31.99
C SER I 43 -21.42 11.60 33.29
N VAL I 44 -21.46 12.93 33.35
CA VAL I 44 -21.98 13.64 34.52
C VAL I 44 -23.38 14.19 34.25
N ARG I 45 -24.18 14.36 35.30
CA ARG I 45 -25.58 14.82 35.15
C ARG I 45 -25.84 16.10 35.92
N TYR I 46 -26.86 16.85 35.49
CA TYR I 46 -27.60 17.73 36.40
C TYR I 46 -28.66 16.86 37.10
N ALA J 1 -27.89 -17.83 -13.75
CA ALA J 1 -26.42 -18.00 -13.52
C ALA J 1 -25.67 -16.66 -13.53
N PRO J 2 -24.78 -16.41 -12.52
CA PRO J 2 -23.91 -15.23 -12.56
C PRO J 2 -22.81 -15.41 -13.60
N THR J 3 -22.17 -14.30 -14.01
CA THR J 3 -21.17 -14.29 -15.10
C THR J 3 -19.95 -15.21 -14.89
N LEU J 4 -19.18 -15.47 -15.96
CA LEU J 4 -18.07 -16.42 -15.90
C LEU J 4 -16.93 -15.97 -14.98
N THR J 5 -16.54 -14.70 -15.07
CA THR J 5 -15.56 -14.09 -14.17
C THR J 5 -15.98 -14.26 -12.70
N ALA J 6 -17.28 -14.07 -12.43
CA ALA J 6 -17.86 -14.28 -11.09
C ALA J 6 -17.78 -15.72 -10.59
N ARG J 7 -18.08 -16.69 -11.46
CA ARG J 7 -17.93 -18.12 -11.14
C ARG J 7 -16.48 -18.46 -10.79
N LEU J 8 -15.56 -17.89 -11.56
CA LEU J 8 -14.12 -18.03 -11.33
C LEU J 8 -13.69 -17.50 -9.97
N TYR J 9 -14.27 -16.37 -9.58
CA TYR J 9 -14.00 -15.74 -8.28
C TYR J 9 -14.46 -16.62 -7.13
N SER J 10 -15.74 -16.96 -7.12
CA SER J 10 -16.34 -17.77 -6.04
C SER J 10 -15.72 -19.17 -5.88
N LEU J 11 -15.37 -19.81 -7.00
CA LEU J 11 -14.79 -21.15 -6.97
C LEU J 11 -13.28 -21.15 -6.71
N LEU J 12 -12.55 -20.24 -7.35
CA LEU J 12 -11.09 -20.28 -7.33
C LEU J 12 -10.36 -19.15 -6.61
N PHE J 13 -10.84 -17.90 -6.75
CA PHE J 13 -10.09 -16.69 -6.34
C PHE J 13 -10.45 -16.06 -4.99
N ARG J 14 -11.44 -16.60 -4.29
CA ARG J 14 -11.89 -15.94 -3.06
C ARG J 14 -11.01 -16.32 -1.86
N ARG J 15 -10.94 -17.62 -1.54
CA ARG J 15 -9.98 -18.15 -0.56
C ARG J 15 -8.59 -18.07 -1.16
N THR J 16 -7.64 -17.49 -0.43
CA THR J 16 -6.26 -17.33 -0.94
C THR J 16 -5.56 -18.68 -1.08
N SER J 17 -6.01 -19.66 -0.29
CA SER J 17 -5.58 -21.05 -0.42
C SER J 17 -5.92 -21.66 -1.78
N THR J 18 -7.16 -21.48 -2.23
CA THR J 18 -7.58 -21.97 -3.55
C THR J 18 -6.94 -21.15 -4.67
N PHE J 19 -6.77 -19.86 -4.44
CA PHE J 19 -6.11 -18.93 -5.37
C PHE J 19 -4.70 -19.38 -5.74
N ALA J 20 -3.97 -19.85 -4.73
CA ALA J 20 -2.60 -20.33 -4.91
C ALA J 20 -2.54 -21.71 -5.59
N LEU J 21 -3.42 -22.62 -5.17
CA LEU J 21 -3.51 -23.94 -5.78
C LEU J 21 -3.90 -23.84 -7.24
N THR J 22 -4.81 -22.92 -7.55
CA THR J 22 -5.20 -22.55 -8.92
C THR J 22 -3.98 -22.18 -9.74
N ILE J 23 -3.14 -21.31 -9.17
CA ILE J 23 -1.94 -20.82 -9.87
C ILE J 23 -0.98 -21.97 -10.19
N VAL J 24 -0.76 -22.84 -9.22
CA VAL J 24 0.14 -23.99 -9.38
C VAL J 24 -0.39 -25.00 -10.42
N VAL J 25 -1.69 -25.32 -10.38
CA VAL J 25 -2.33 -26.17 -11.42
C VAL J 25 -2.21 -25.50 -12.81
N GLY J 26 -2.69 -24.26 -12.89
CA GLY J 26 -2.63 -23.44 -14.10
C GLY J 26 -1.25 -23.31 -14.71
N ALA J 27 -0.22 -23.16 -13.86
CA ALA J 27 1.18 -23.06 -14.29
C ALA J 27 1.64 -24.33 -14.99
N LEU J 28 1.24 -25.49 -14.48
CA LEU J 28 1.55 -26.76 -15.12
C LEU J 28 0.93 -26.86 -16.50
N PHE J 29 -0.38 -26.64 -16.56
CA PHE J 29 -1.15 -26.70 -17.80
C PHE J 29 -0.76 -25.63 -18.80
N PHE J 30 -0.34 -24.46 -18.31
CA PHE J 30 0.17 -23.41 -19.19
C PHE J 30 1.53 -23.78 -19.75
N GLU J 31 2.43 -24.27 -18.89
CA GLU J 31 3.78 -24.59 -19.29
C GLU J 31 3.80 -25.56 -20.48
N ARG J 32 3.14 -26.71 -20.32
CA ARG J 32 3.03 -27.74 -21.37
C ARG J 32 2.38 -27.20 -22.63
N ALA J 33 1.27 -26.47 -22.45
CA ALA J 33 0.53 -25.86 -23.56
C ALA J 33 1.37 -24.84 -24.32
N PHE J 34 1.97 -23.89 -23.59
CA PHE J 34 2.79 -22.84 -24.17
C PHE J 34 4.01 -23.39 -24.90
N ASP J 35 4.74 -24.30 -24.25
CA ASP J 35 5.92 -24.92 -24.83
C ASP J 35 5.58 -25.65 -26.11
N GLN J 36 4.60 -26.55 -26.04
CA GLN J 36 4.20 -27.34 -27.21
C GLN J 36 3.73 -26.42 -28.35
N GLY J 37 2.91 -25.43 -27.99
CA GLY J 37 2.39 -24.45 -28.94
C GLY J 37 3.42 -23.55 -29.60
N ALA J 38 4.40 -23.11 -28.81
CA ALA J 38 5.43 -22.21 -29.32
C ALA J 38 6.45 -22.95 -30.16
N ASP J 39 6.73 -24.20 -29.78
CA ASP J 39 7.64 -25.07 -30.54
C ASP J 39 7.12 -25.34 -31.94
N ALA J 40 5.82 -25.58 -32.03
CA ALA J 40 5.10 -25.77 -33.28
C ALA J 40 5.29 -24.56 -34.19
N ILE J 41 5.10 -23.37 -33.62
CA ILE J 41 5.26 -22.10 -34.34
C ILE J 41 6.70 -21.93 -34.87
N TYR J 42 7.69 -22.29 -34.03
CA TYR J 42 9.11 -22.22 -34.40
C TYR J 42 9.47 -23.18 -35.52
N GLU J 43 9.07 -24.43 -35.35
CA GLU J 43 9.46 -25.49 -36.26
C GLU J 43 8.74 -25.40 -37.61
N HIS J 44 7.53 -24.81 -37.63
CA HIS J 44 6.83 -24.48 -38.88
C HIS J 44 7.55 -23.34 -39.62
N ILE J 45 7.96 -22.30 -38.88
CA ILE J 45 8.75 -21.18 -39.39
C ILE J 45 10.08 -21.65 -40.02
N ASN J 46 10.63 -22.74 -39.47
CA ASN J 46 11.88 -23.33 -39.93
C ASN J 46 11.71 -24.75 -40.47
N GLU J 47 10.68 -24.93 -41.29
CA GLU J 47 10.36 -26.22 -41.89
C GLU J 47 11.53 -26.71 -42.74
N GLY J 48 11.94 -27.95 -42.51
CA GLY J 48 12.99 -28.58 -43.29
C GLY J 48 14.42 -28.12 -43.04
N LYS J 49 14.60 -27.10 -42.20
CA LYS J 49 15.92 -26.58 -41.86
C LYS J 49 16.58 -27.31 -40.70
N LEU J 50 15.77 -27.80 -39.77
CA LEU J 50 16.24 -28.38 -38.52
C LEU J 50 16.64 -29.84 -38.64
N TRP J 51 17.59 -30.27 -37.78
CA TRP J 51 17.97 -31.68 -37.62
C TRP J 51 16.75 -32.59 -37.37
N LYS J 52 15.80 -32.10 -36.58
CA LYS J 52 14.53 -32.79 -36.31
C LYS J 52 13.74 -33.12 -37.59
N HIS J 53 13.79 -32.23 -38.58
CA HIS J 53 13.12 -32.43 -39.87
C HIS J 53 13.88 -33.29 -40.87
N ILE J 54 15.21 -33.26 -40.80
CA ILE J 54 16.08 -34.02 -41.72
C ILE J 54 16.68 -35.29 -41.09
N LYS J 55 16.29 -35.58 -39.85
CA LYS J 55 16.74 -36.78 -39.11
C LYS J 55 16.48 -38.07 -39.87
N HIS J 56 15.27 -38.19 -40.43
CA HIS J 56 14.79 -39.41 -41.11
C HIS J 56 15.67 -39.90 -42.26
N LYS J 57 16.42 -38.98 -42.86
CA LYS J 57 17.27 -39.25 -44.02
C LYS J 57 18.48 -40.15 -43.72
N TYR J 58 18.86 -40.25 -42.44
CA TYR J 58 20.05 -40.99 -42.03
C TYR J 58 19.79 -42.07 -40.96
N GLU J 59 18.57 -42.62 -40.94
CA GLU J 59 18.14 -43.60 -39.93
C GLU J 59 17.47 -44.83 -40.54
O1 PG4 K . -38.82 -9.30 8.73
C1 PG4 K . -39.10 -9.27 7.33
C2 PG4 K . -40.60 -9.05 7.17
O2 PG4 K . -41.22 -10.23 6.67
C3 PG4 K . -42.06 -10.86 7.63
C4 PG4 K . -42.67 -12.13 7.05
O3 PG4 K . -43.14 -12.97 8.11
C5 PG4 K . -44.44 -13.52 7.83
C6 PG4 K . -44.81 -14.62 8.82
O4 PG4 K . -44.71 -14.11 10.15
C7 PG4 K . -44.05 -14.99 11.06
C8 PG4 K . -42.68 -14.44 11.45
O5 PG4 K . -41.79 -15.56 11.59
O1 6PE L . -0.12 -5.81 0.06
O2 6PE L . -1.92 -6.55 -1.67
P1 6PE L . -1.04 -6.88 -0.49
O3 6PE L . -0.12 -8.17 -0.84
C1 6PE L . 0.26 -8.43 -2.19
C2 6PE L . 1.57 -7.74 -2.59
C3 6PE L . 2.77 -8.19 -1.75
O4 6PE L . 2.61 -9.50 -1.17
C4 6PE L . 3.01 -10.71 -1.89
O5 6PE L . 2.92 -10.76 -3.11
C5 6PE L . 3.54 -11.92 -1.13
C6 6PE L . 2.57 -13.11 -1.21
C7 6PE L . 2.42 -13.83 0.12
O6 6PE L . 1.81 -7.99 -4.00
C10 6PE L . 1.68 -6.82 -4.90
O7 6PE L . 2.68 -6.19 -5.18
C11 6PE L . 0.32 -6.45 -5.51
C12 6PE L . 0.38 -5.13 -6.28
C13 6PE L . -0.57 -5.19 -7.47
O8 6PE L . -1.97 -7.39 0.72
C16 6PE L . -1.45 -7.68 2.03
C17 6PE L . -2.46 -7.32 3.11
N1 6PE L . -3.23 -8.51 3.43
P PO4 M . -0.11 4.88 5.02
O1 PO4 M . -0.78 4.01 6.06
O2 PO4 M . -0.59 4.48 3.65
O3 PO4 M . 1.38 4.70 5.13
O4 PO4 M . -0.46 6.34 5.25
C1 CDL N . 0.92 -9.80 8.40
O1 CDL N . 0.28 -9.23 9.56
CA2 CDL N . 0.09 -10.99 7.84
OA2 CDL N . -0.99 -10.70 6.93
PA1 CDL N . -1.42 -11.72 5.74
OA3 CDL N . -2.40 -11.04 4.81
OA4 CDL N . -1.82 -13.06 6.32
OA5 CDL N . -0.01 -11.84 4.93
CA3 CDL N . 0.50 -13.06 4.36
CA4 CDL N . 1.69 -13.58 5.15
OA6 CDL N . 2.72 -13.99 4.25
CA6 CDL N . 1.23 -14.79 5.97
OA8 CDL N . 2.25 -15.14 6.90
CB2 CDL N . 1.27 -8.72 7.37
OB2 CDL N . 0.20 -7.79 7.11
PB2 CDL N . 0.44 -6.34 6.40
OB3 CDL N . 1.10 -5.47 7.43
OB4 CDL N . -0.85 -5.88 5.74
OB5 CDL N . 1.59 -6.58 5.27
CB3 CDL N . 1.29 -6.75 3.89
CB4 CDL N . 2.45 -7.45 3.19
OB6 CDL N . 2.84 -6.61 2.09
CB5 CDL N . 4.26 -6.33 2.01
OB7 CDL N . 4.74 -5.56 2.81
C51 CDL N . 5.13 -6.98 0.95
C52 CDL N . 5.53 -5.96 -0.12
C53 CDL N . 6.95 -6.22 -0.57
C54 CDL N . 7.70 -4.92 -0.78
CB6 CDL N . 2.01 -8.84 2.70
OB8 CDL N . 3.10 -9.64 2.21
CB7 CDL N . 3.69 -10.76 2.95
OB9 CDL N . 3.36 -10.94 4.11
C71 CDL N . 4.70 -11.69 2.31
C72 CDL N . 5.86 -10.94 1.64
P PO4 O . -8.65 -13.19 24.94
O1 PO4 O . -8.42 -14.28 25.96
O2 PO4 O . -10.10 -12.75 24.96
O3 PO4 O . -8.30 -13.69 23.56
O4 PO4 O . -7.79 -11.99 25.28
CHA HEM P . 33.18 -10.77 -17.38
CHB HEM P . 31.13 -6.61 -16.09
CHC HEM P . 30.17 -8.50 -11.72
CHD HEM P . 32.52 -12.52 -12.96
C1A HEM P . 32.67 -9.50 -17.40
C2A HEM P . 32.65 -8.67 -18.54
C3A HEM P . 32.07 -7.49 -18.20
C4A HEM P . 31.74 -7.60 -16.83
CMA HEM P . 31.83 -6.30 -19.10
CAA HEM P . 33.16 -9.05 -19.91
CBA HEM P . 31.97 -9.77 -20.57
CGA HEM P . 32.40 -10.35 -21.88
O1A HEM P . 32.76 -9.60 -22.82
O2A HEM P . 32.37 -11.58 -22.00
C1B HEM P . 30.68 -6.80 -14.78
C2B HEM P . 29.98 -5.76 -14.08
C3B HEM P . 29.70 -6.25 -12.83
C4B HEM P . 30.26 -7.65 -12.82
CMB HEM P . 29.64 -4.39 -14.63
CAB HEM P . 28.99 -5.57 -11.72
CBB HEM P . 28.88 -4.25 -11.62
C1C HEM P . 30.74 -9.77 -11.64
C2C HEM P . 30.76 -10.62 -10.51
C3C HEM P . 31.46 -11.78 -10.90
C4C HEM P . 31.82 -11.59 -12.26
CMC HEM P . 30.16 -10.33 -9.15
CAC HEM P . 31.80 -13.01 -10.15
CBC HEM P . 31.46 -13.25 -8.90
C1D HEM P . 32.86 -12.36 -14.29
C2D HEM P . 33.57 -13.43 -15.02
C3D HEM P . 33.76 -12.95 -16.25
C4D HEM P . 33.17 -11.58 -16.25
CMD HEM P . 34.00 -14.78 -14.52
CAD HEM P . 34.43 -13.69 -17.38
CBD HEM P . 33.36 -14.46 -18.17
CGD HEM P . 32.81 -13.62 -19.31
O1D HEM P . 33.60 -13.06 -20.12
O2D HEM P . 31.57 -13.46 -19.46
NA HEM P . 32.13 -8.81 -16.35
NB HEM P . 30.82 -7.89 -14.01
NC HEM P . 31.41 -10.36 -12.67
ND HEM P . 32.64 -11.28 -15.05
FE HEM P . 31.79 -9.66 -14.60
CHA HEM Q . 18.39 7.69 -6.19
CHB HEM Q . 20.46 3.33 -6.57
CHC HEM Q . 24.19 5.35 -8.91
CHD HEM Q . 22.53 9.72 -7.70
C1A HEM Q . 18.60 6.33 -6.22
C2A HEM Q . 17.61 5.36 -5.92
C3A HEM Q . 18.19 4.13 -6.02
C4A HEM Q . 19.53 4.34 -6.38
CMA HEM Q . 17.54 2.79 -5.79
CAA HEM Q . 16.17 5.65 -5.57
CBA HEM Q . 15.28 5.48 -6.80
CGA HEM Q . 15.54 6.53 -7.85
O1A HEM Q . 16.11 6.20 -8.90
O2A HEM Q . 15.17 7.71 -7.68
C1B HEM Q . 21.65 3.52 -7.27
C2B HEM Q . 22.49 2.43 -7.64
C3B HEM Q . 23.54 2.99 -8.30
C4B HEM Q . 23.31 4.45 -8.30
CMB HEM Q . 22.19 0.96 -7.34
CAB HEM Q . 24.73 2.37 -8.94
CBB HEM Q . 25.08 1.11 -8.75
C1C HEM Q . 24.06 6.74 -8.84
C2C HEM Q . 24.88 7.67 -9.50
C3C HEM Q . 24.40 8.94 -9.14
C4C HEM Q . 23.28 8.73 -8.28
CMC HEM Q . 26.05 7.32 -10.39
CAC HEM Q . 24.89 10.30 -9.54
CBC HEM Q . 26.08 10.57 -10.07
C1D HEM Q . 21.24 9.50 -7.20
C2D HEM Q . 20.36 10.62 -6.80
C3D HEM Q . 19.20 10.07 -6.39
C4D HEM Q . 19.39 8.61 -6.52
CMD HEM Q . 20.68 12.09 -6.85
CAD HEM Q . 18.00 10.83 -5.88
CBD HEM Q . 16.94 10.95 -6.98
CGD HEM Q . 15.69 11.73 -6.57
O1D HEM Q . 15.11 12.42 -7.44
O2D HEM Q . 15.20 11.69 -5.41
NA HEM Q . 19.78 5.68 -6.50
NB HEM Q . 22.16 4.70 -7.66
NC HEM Q . 23.09 7.39 -8.13
ND HEM Q . 20.63 8.31 -7.01
FE HEM Q . 21.32 6.60 -7.34
C1B LMT R . 45.67 18.59 -36.91
C2B LMT R . 46.58 17.56 -36.20
C3B LMT R . 46.45 17.54 -34.68
C4B LMT R . 46.39 18.93 -34.06
C5B LMT R . 45.29 19.77 -34.71
C6B LMT R . 45.27 21.20 -34.19
O1B LMT R . 44.44 18.00 -37.37
O2B LMT R . 46.35 16.23 -36.70
O3B LMT R . 47.57 16.82 -34.14
O4' LMT R . 46.13 18.81 -32.65
O5B LMT R . 45.46 19.82 -36.14
O6B LMT R . 44.91 21.21 -32.81
C1' LMT R . 41.86 19.91 -40.31
C2' LMT R . 43.24 19.33 -40.73
C3' LMT R . 43.74 18.24 -39.77
C4' LMT R . 43.76 18.80 -38.35
C5' LMT R . 42.28 19.08 -37.98
C6' LMT R . 42.05 19.45 -36.50
O1' LMT R . 41.68 21.20 -40.95
O2' LMT R . 43.20 18.85 -42.08
O3' LMT R . 45.03 17.77 -40.17
O5' LMT R . 41.73 20.08 -38.86
O6' LMT R . 42.60 20.73 -36.16
C1 LMT R . 40.76 21.24 -42.05
C2 LMT R . 41.54 21.53 -43.35
C3 LMT R . 40.64 21.92 -44.52
C4 LMT R . 39.82 20.73 -45.03
C5 LMT R . 38.46 21.17 -45.56
C6 LMT R . 37.35 21.18 -44.51
C7 LMT R . 36.88 22.58 -44.13
C8 LMT R . 35.94 23.22 -45.17
C9 LMT R . 36.14 24.74 -45.35
C10 LMT R . 37.42 25.14 -46.09
C11 LMT R . 37.19 25.85 -47.42
C12 LMT R . 38.50 25.96 -48.19
O1 PG4 S . 37.75 4.20 -7.40
C1 PG4 S . 38.47 4.91 -8.43
C2 PG4 S . 38.82 4.01 -9.61
O2 PG4 S . 38.63 4.73 -10.82
C3 PG4 S . 39.01 4.01 -12.00
C4 PG4 S . 37.86 3.96 -13.01
O3 PG4 S . 38.20 4.63 -14.23
C5 PG4 S . 38.23 3.75 -15.36
C6 PG4 S . 37.86 4.56 -16.61
O4 PG4 S . 38.43 4.02 -17.80
C7 PG4 S . 38.37 4.98 -18.87
C8 PG4 S . 38.42 4.28 -20.21
O5 PG4 S . 38.61 5.27 -21.22
O1 PG4 T . 44.62 -0.97 -6.72
C1 PG4 T . 44.82 -0.49 -8.07
C2 PG4 T . 44.70 -1.69 -9.01
O2 PG4 T . 43.34 -1.81 -9.39
C3 PG4 T . 43.17 -1.84 -10.80
C4 PG4 T . 42.04 -0.89 -11.17
O3 PG4 T . 42.46 -0.13 -12.30
C5 PG4 T . 41.53 -0.15 -13.37
C6 PG4 T . 41.18 1.28 -13.80
O4 PG4 T . 42.23 1.87 -14.57
C7 PG4 T . 42.09 3.29 -14.68
C8 PG4 T . 43.05 3.82 -15.75
O5 PG4 T . 42.92 5.25 -15.90
C1 CDL U . 8.83 12.62 -18.85
O1 CDL U . 9.71 12.27 -19.92
CA2 CDL U . 7.56 13.23 -19.42
OA2 CDL U . 7.82 14.32 -20.28
PA1 CDL U . 6.78 14.62 -21.46
OA3 CDL U . 7.10 16.00 -21.99
OA4 CDL U . 5.38 14.29 -20.96
OA5 CDL U . 7.21 13.47 -22.52
CA3 CDL U . 7.14 13.62 -23.94
CA4 CDL U . 6.65 12.34 -24.59
OA6 CDL U . 6.52 12.61 -25.99
CA5 CDL U . 7.57 12.09 -26.87
OA7 CDL U . 8.74 12.36 -26.67
C11 CDL U . 7.18 11.22 -28.06
CA6 CDL U . 5.31 11.91 -23.99
OA8 CDL U . 4.64 10.94 -24.78
CA7 CDL U . 4.69 9.49 -24.53
OA9 CDL U . 4.14 9.06 -23.54
C31 CDL U . 5.37 8.53 -25.49
CB2 CDL U . 8.45 11.38 -18.04
OB2 CDL U . 7.88 10.39 -18.89
PB2 CDL U . 6.68 9.42 -18.42
OB3 CDL U . 5.40 10.22 -18.40
OB4 CDL U . 7.08 8.77 -17.12
OB5 CDL U . 6.61 8.35 -19.65
CB3 CDL U . 7.66 7.48 -20.13
CB4 CDL U . 8.55 8.08 -21.21
OB6 CDL U . 8.44 7.37 -22.47
CB5 CDL U . 9.10 7.91 -23.69
OB7 CDL U . 9.10 9.13 -23.91
C51 CDL U . 9.75 6.97 -24.69
C52 CDL U . 11.10 7.45 -25.23
CB6 CDL U . 10.00 8.09 -20.69
OB8 CDL U . 10.53 6.75 -20.62
CB7 CDL U . 11.96 6.50 -20.49
OB9 CDL U . 12.58 7.13 -19.65
C71 CDL U . 12.66 5.47 -21.37
C72 CDL U . 13.65 6.15 -22.33
C73 CDL U . 14.19 5.13 -23.33
C74 CDL U . 15.02 5.77 -24.46
C75 CDL U . 16.00 4.77 -25.07
C76 CDL U . 17.19 5.45 -25.76
C77 CDL U . 18.41 4.54 -25.94
C78 CDL U . 19.62 5.37 -26.38
C25 PEE V . 27.75 12.53 -17.76
C24 PEE V . 26.46 11.77 -18.08
C23 PEE V . 25.18 12.58 -18.37
C22 PEE V . 24.13 11.58 -18.87
C21 PEE V . 22.88 12.06 -19.62
C20 PEE V . 22.35 10.87 -20.43
C19 PEE V . 21.13 11.15 -21.31
C18 PEE V . 19.99 10.15 -21.17
C17 PEE V . 19.00 10.54 -20.06
C16 PEE V . 17.99 11.65 -20.34
C15 PEE V . 17.74 12.50 -19.08
C14 PEE V . 16.31 12.51 -18.59
C13 PEE V . 15.67 13.89 -18.63
C12 PEE V . 14.20 13.82 -18.18
C11 PEE V . 13.30 13.71 -19.39
C10 PEE V . 12.75 15.03 -19.85
O4 PEE V . 13.41 16.06 -19.81
O2 PEE V . 11.39 15.04 -20.37
C2 PEE V . 11.11 16.18 -21.19
C1 PEE V . 10.06 16.99 -20.46
O3P PEE V . 10.22 16.83 -19.05
P PEE V . 9.53 17.81 -17.97
O2P PEE V . 9.83 19.25 -18.29
O1P PEE V . 9.94 17.29 -16.63
O4P PEE V . 7.97 17.54 -18.16
C4 PEE V . 7.06 18.60 -18.51
C5 PEE V . 5.61 18.14 -18.49
N PEE V . 5.46 16.85 -19.24
C3 PEE V . 10.56 15.67 -22.52
O3 PEE V . 11.58 15.02 -23.29
C30 PEE V . 11.80 13.56 -23.30
O5 PEE V . 12.50 13.08 -22.43
C31 PEE V . 11.22 12.64 -24.35
C32 PEE V . 12.32 12.11 -25.27
C33 PEE V . 12.97 10.81 -24.77
C34 PEE V . 14.42 11.05 -24.31
C35 PEE V . 15.38 9.94 -24.77
C36 PEE V . 16.85 10.35 -24.64
C37 PEE V . 17.79 9.50 -25.51
C38 PEE V . 19.28 9.65 -25.21
F2 JAG W . 22.02 -3.68 -3.87
C22 JAG W . 20.86 -3.37 -3.33
F JAG W . 21.03 -3.18 -2.03
F1 JAG W . 20.45 -2.21 -3.86
O2 JAG W . 19.93 -4.43 -3.58
C19 JAG W . 18.69 -4.14 -4.09
C18 JAG W . 18.50 -4.10 -5.47
C17 JAG W . 17.24 -3.77 -6.00
C20 JAG W . 17.65 -3.83 -3.22
C21 JAG W . 16.40 -3.52 -3.74
C16 JAG W . 16.17 -3.48 -5.13
O1 JAG W . 14.93 -3.10 -5.60
C13 JAG W . 14.51 -1.82 -5.25
C12 JAG W . 15.47 -0.81 -5.03
C11 JAG W . 15.13 0.48 -4.65
C14 JAG W . 13.15 -1.46 -5.07
C15 JAG W . 12.79 -0.14 -4.69
C10 JAG W . 13.78 0.83 -4.48
C7 JAG W . 13.48 2.23 -4.07
C8 JAG W . 12.79 3.17 -5.01
O JAG W . 12.40 2.80 -6.15
C5 JAG W . 12.54 4.56 -4.52
C JAG W . 11.83 5.60 -5.38
C6 JAG W . 13.90 2.76 -2.72
C9 JAG W . 14.62 1.91 -1.70
N JAG W . 13.64 4.03 -2.36
C4 JAG W . 13.01 4.93 -3.15
C3 JAG W . 12.77 6.35 -2.64
C2 JAG W . 11.44 6.96 -3.14
C1 JAG W . 10.94 6.53 -4.53
P PO4 X . 57.47 -9.30 -18.62
O1 PO4 X . 56.60 -10.48 -19.01
O2 PO4 X . 57.45 -8.27 -19.73
O3 PO4 X . 58.90 -9.79 -18.42
O4 PO4 X . 56.96 -8.70 -17.35
FE HEC Y . 42.21 -19.55 -45.60
CHA HEC Y . 43.02 -16.46 -44.21
CHB HEC Y . 38.89 -19.02 -44.77
CHC HEC Y . 41.32 -22.28 -47.48
CHD HEC Y . 45.55 -20.11 -46.22
NA HEC Y . 41.13 -18.00 -44.65
C1A HEC Y . 41.60 -16.84 -44.14
C2A HEC Y . 40.59 -15.93 -43.53
C3A HEC Y . 39.35 -16.70 -43.69
C4A HEC Y . 39.81 -17.94 -44.39
CMA HEC Y . 37.94 -16.32 -43.27
CAA HEC Y . 40.81 -14.58 -42.88
CBA HEC Y . 40.49 -13.39 -43.77
CGA HEC Y . 40.63 -12.12 -42.94
O1A HEC Y . 41.72 -11.88 -42.37
O2A HEC Y . 39.66 -11.36 -42.85
NB HEC Y . 40.40 -20.51 -46.05
C1B HEC Y . 39.15 -20.17 -45.65
C2B HEC Y . 38.03 -21.02 -46.14
C3B HEC Y . 38.77 -21.98 -46.96
C4B HEC Y . 40.20 -21.59 -46.82
CMB HEC Y . 36.56 -20.87 -45.84
CAB HEC Y . 38.26 -23.14 -47.75
CBB HEC Y . 36.79 -23.54 -47.86
NC HEC Y . 43.28 -20.98 -46.68
C1C HEC Y . 42.77 -22.01 -47.40
C2C HEC Y . 43.80 -22.84 -48.11
C3C HEC Y . 45.06 -22.16 -47.71
C4C HEC Y . 44.60 -21.05 -46.85
CMC HEC Y . 43.54 -24.05 -48.97
CAC HEC Y . 46.50 -22.44 -48.03
CBC HEC Y . 47.00 -23.56 -48.91
ND HEC Y . 43.98 -18.47 -45.27
C1D HEC Y . 45.25 -18.82 -45.58
C2D HEC Y . 46.31 -17.84 -45.22
C3D HEC Y . 45.55 -16.74 -44.60
C4D HEC Y . 44.15 -17.25 -44.70
CMD HEC Y . 47.80 -17.94 -45.41
CAD HEC Y . 46.07 -15.43 -44.03
CBD HEC Y . 45.94 -14.34 -45.10
CGD HEC Y . 46.55 -12.99 -44.73
O1D HEC Y . 46.88 -12.23 -45.67
O2D HEC Y . 46.70 -12.66 -43.54
P PO4 Z . 24.13 -11.55 -39.72
O1 PO4 Z . 23.97 -12.08 -38.32
O2 PO4 Z . 25.49 -10.90 -39.90
O3 PO4 Z . 23.97 -12.67 -40.72
O4 PO4 Z . 23.07 -10.50 -39.92
C1 CDL AA . 0.48 9.01 -17.88
O1 CDL AA . -0.48 9.15 -16.83
CA2 CDL AA . 0.49 7.58 -18.44
OA2 CDL AA . 1.01 6.71 -17.44
PA1 CDL AA . 1.11 5.11 -17.66
OA3 CDL AA . 1.15 4.48 -16.29
OA4 CDL AA . 0.01 4.69 -18.59
OA5 CDL AA . 2.58 4.93 -18.32
CA3 CDL AA . 3.77 5.28 -17.59
CA4 CDL AA . 4.88 4.24 -17.74
OA6 CDL AA . 4.56 3.35 -18.81
CA5 CDL AA . 5.38 3.38 -20.01
OA7 CDL AA . 6.33 4.17 -20.13
C11 CDL AA . 5.03 2.41 -21.12
C12 CDL AA . 5.02 0.98 -20.56
C13 CDL AA . 3.75 0.23 -20.94
C14 CDL AA . 4.07 -1.10 -21.63
C15 CDL AA . 2.84 -1.62 -22.38
C16 CDL AA . 3.19 -2.81 -23.28
C17 CDL AA . 1.93 -3.32 -23.97
CA6 CDL AA . 5.08 3.45 -16.45
OA8 CDL AA . 6.42 3.58 -15.96
CA7 CDL AA . 7.48 2.55 -16.05
OA9 CDL AA . 7.43 1.65 -15.24
C31 CDL AA . 8.58 2.60 -17.13
C32 CDL AA . 9.97 2.05 -16.73
C33 CDL AA . 11.04 2.15 -17.85
C34 CDL AA . 11.99 0.93 -17.97
C35 CDL AA . 13.25 1.17 -18.81
C36 CDL AA . 14.08 -0.08 -19.16
C37 CDL AA . 15.34 0.20 -19.99
CB2 CDL AA . 0.15 9.98 -19.02
OB2 CDL AA . -1.13 9.63 -19.57
PB2 CDL AA . -1.69 10.20 -20.96
OB3 CDL AA . -0.75 11.25 -21.50
OB4 CDL AA . -3.14 10.56 -20.71
OB5 CDL AA . -1.65 8.91 -21.97
CB3 CDL AA . -0.42 8.31 -22.40
CB4 CDL AA . -0.66 6.88 -22.91
OB6 CDL AA . -0.06 5.92 -22.00
CB5 CDL AA . 1.35 5.49 -22.15
OB7 CDL AA . 2.26 6.31 -22.06
C51 CDL AA . 1.67 4.02 -22.38
C52 CDL AA . 2.31 3.74 -23.73
C53 CDL AA . 2.21 2.24 -24.06
C54 CDL AA . 1.37 1.97 -25.30
C55 CDL AA . 1.28 0.49 -25.62
C56 CDL AA . -0.16 0.02 -25.79
C57 CDL AA . -0.62 -0.81 -24.60
CB6 CDL AA . -0.13 6.73 -24.33
OB8 CDL AA . -1.06 7.26 -25.26
CB7 CDL AA . -1.45 6.45 -26.40
OB9 CDL AA . -2.59 6.03 -26.43
C71 CDL AA . -0.48 6.13 -27.53
FE1 FES BA . 48.57 -51.85 -2.52
FE2 FES BA . 48.33 -51.35 0.55
S1 FES BA . 47.56 -52.91 -0.84
S2 FES BA . 48.98 -50.11 -1.17
O1 PX4 CA . -3.17 -8.78 -4.21
O2 PX4 CA . -4.49 -9.83 -6.18
P1 PX4 CA . -3.60 -10.02 -4.98
O3 PX4 CA . -4.27 -11.05 -3.92
C1 PX4 CA . -5.40 -11.89 -4.19
C2 PX4 CA . -6.29 -11.89 -2.94
N1 PX4 CA . -7.41 -12.85 -2.86
C3 PX4 CA . -7.77 -13.07 -1.45
C4 PX4 CA . -8.61 -12.32 -3.49
C5 PX4 CA . -7.07 -14.15 -3.44
O4 PX4 CA . -2.25 -10.81 -5.40
C6 PX4 CA . -0.95 -10.67 -4.78
C7 PX4 CA . 0.20 -11.41 -5.52
C8 PX4 CA . 0.06 -12.94 -5.42
O5 PX4 CA . 0.07 -13.46 -4.09
C9 PX4 CA . -0.74 -14.63 -3.71
O6 PX4 CA . -1.89 -14.44 -3.35
C10 PX4 CA . -0.13 -16.03 -3.70
C11 PX4 CA . -0.09 -16.75 -5.06
C12 PX4 CA . 1.29 -17.36 -5.32
C13 PX4 CA . 1.27 -18.88 -5.52
C14 PX4 CA . 2.58 -19.41 -6.11
C15 PX4 CA . 3.43 -20.11 -5.04
C16 PX4 CA . 4.94 -19.92 -5.26
C17 PX4 CA . 5.79 -20.15 -3.99
C18 PX4 CA . 7.30 -20.21 -4.29
C19 PX4 CA . 7.98 -21.47 -3.74
C20 PX4 CA . 8.97 -22.13 -4.72
C21 PX4 CA . 8.95 -23.66 -4.68
C22 PX4 CA . 10.31 -24.28 -4.97
O7 PX4 CA . 0.22 -11.09 -6.93
C23 PX4 CA . 1.46 -10.56 -7.52
O8 PX4 CA . 1.65 -9.35 -7.44
C24 PX4 CA . 2.46 -11.49 -8.21
C25 PX4 CA . 2.63 -11.25 -9.71
C26 PX4 CA . 3.48 -10.02 -10.06
C27 PX4 CA . 4.77 -10.34 -10.80
P PO4 DA . -15.12 -3.04 -17.98
O1 PO4 DA . -15.34 -4.29 -18.81
O2 PO4 DA . -16.15 -3.03 -16.87
O3 PO4 DA . -13.76 -3.05 -17.35
O4 PO4 DA . -15.28 -1.84 -18.88
C15 PEE EA . 10.24 -14.28 -8.92
C13 PEE EA . 10.46 -15.00 -20.57
C12 PEE EA . 10.31 -16.24 -21.45
C11 PEE EA . 10.65 -17.47 -20.62
C10 PEE EA . 11.05 -18.66 -21.45
O4 PEE EA . 10.56 -19.73 -21.17
O2 PEE EA . 12.06 -18.57 -22.52
C2 PEE EA . 13.06 -19.61 -22.69
C1 PEE EA . 12.51 -20.86 -23.40
O3P PEE EA . 12.81 -22.13 -22.81
P PEE EA . 13.19 -23.40 -23.74
O2P PEE EA . 14.52 -23.12 -24.38
O1P PEE EA . 12.02 -23.75 -24.63
O4P PEE EA . 13.45 -24.66 -22.76
C4 PEE EA . 12.66 -24.99 -21.63
C5 PEE EA . 11.43 -25.79 -22.03
N PEE EA . 10.27 -25.33 -21.23
C3 PEE EA . 13.81 -19.97 -21.40
O3 PEE EA . 13.86 -18.86 -20.50
C30 PEE EA . 14.76 -17.73 -20.67
O5 PEE EA . 15.97 -17.96 -20.65
C31 PEE EA . 14.19 -16.34 -20.89
C32 PEE EA . 14.51 -15.34 -19.79
C1 CDL FA . 16.78 -28.80 -17.64
O1 CDL FA . 16.63 -30.18 -18.02
CA2 CDL FA . 15.40 -28.12 -17.64
OA2 CDL FA . 14.59 -28.46 -16.52
PA1 CDL FA . 13.40 -29.56 -16.53
OA3 CDL FA . 12.21 -29.03 -17.28
OA4 CDL FA . 14.04 -30.86 -16.95
OA5 CDL FA . 12.97 -29.71 -14.97
CA3 CDL FA . 12.21 -28.70 -14.28
CA4 CDL FA . 11.02 -29.27 -13.49
OA6 CDL FA . 11.42 -29.60 -12.14
CA5 CDL FA . 10.42 -29.49 -11.07
OA7 CDL FA . 9.75 -28.49 -10.92
C11 CDL FA . 10.22 -30.65 -10.10
C12 CDL FA . 9.51 -31.82 -10.78
C13 CDL FA . 10.52 -32.85 -11.31
C14 CDL FA . 9.93 -33.90 -12.26
C15 CDL FA . 9.46 -35.16 -11.54
C16 CDL FA . 10.57 -36.16 -11.17
C17 CDL FA . 11.31 -35.93 -9.84
C18 CDL FA . 10.44 -35.88 -8.59
C19 CDL FA . 10.93 -34.87 -7.56
C20 CDL FA . 9.93 -34.71 -6.43
CA6 CDL FA . 10.32 -30.43 -14.23
OA8 CDL FA . 8.90 -30.32 -14.05
CA7 CDL FA . 7.89 -30.86 -14.96
OA9 CDL FA . 7.95 -30.58 -16.15
C31 CDL FA . 6.76 -31.74 -14.43
C32 CDL FA . 6.89 -33.18 -14.92
C33 CDL FA . 5.88 -33.47 -16.03
C34 CDL FA . 5.79 -34.94 -16.44
C35 CDL FA . 4.67 -35.16 -17.46
C36 CDL FA . 4.19 -36.60 -17.63
C37 CDL FA . 2.67 -36.76 -17.41
C38 CDL FA . 1.85 -36.49 -18.68
C39 CDL FA . 0.36 -36.39 -18.36
CB2 CDL FA . 17.53 -28.71 -16.29
OB2 CDL FA . 17.21 -29.76 -15.36
PB2 CDL FA . 18.39 -30.45 -14.45
OB3 CDL FA . 19.22 -31.30 -15.39
OB4 CDL FA . 19.07 -29.40 -13.60
OB5 CDL FA . 17.62 -31.42 -13.40
CB3 CDL FA . 17.66 -32.86 -13.42
CB4 CDL FA . 18.96 -33.51 -12.93
OB6 CDL FA . 18.71 -34.88 -12.59
CB5 CDL FA . 18.85 -35.84 -13.68
OB7 CDL FA . 19.96 -36.12 -14.10
C51 CDL FA . 17.60 -36.50 -14.25
C52 CDL FA . 17.02 -37.53 -13.29
C53 CDL FA . 16.04 -36.92 -12.30
C54 CDL FA . 16.48 -37.19 -10.86
C55 CDL FA . 15.30 -37.18 -9.89
C56 CDL FA . 15.46 -38.19 -8.75
C57 CDL FA . 14.15 -38.92 -8.46
C58 CDL FA . 14.22 -39.70 -7.16
CB6 CDL FA . 19.54 -32.79 -11.70
OB8 CDL FA . 20.63 -33.53 -11.13
CB7 CDL FA . 21.81 -33.94 -11.89
OB9 CDL FA . 22.32 -33.15 -12.66
C71 CDL FA . 22.39 -35.34 -11.75
P PO4 GA . 1.49 39.45 8.76
O1 PO4 GA . 0.49 38.83 9.71
O2 PO4 GA . 0.77 40.48 7.94
O3 PO4 GA . 2.04 38.38 7.84
O4 PO4 GA . 2.61 40.10 9.55
P PO4 HA . -10.82 -1.57 -18.54
O1 PO4 HA . -10.96 -1.91 -17.07
O2 PO4 HA . -12.16 -1.20 -19.13
O3 PO4 HA . -10.23 -2.73 -19.31
O4 PO4 HA . -9.91 -0.38 -18.68
P PO4 IA . -11.39 4.23 -25.16
O1 PO4 IA . -11.07 3.09 -24.23
O2 PO4 IA . -12.60 4.98 -24.64
O3 PO4 IA . -11.68 3.70 -26.54
O4 PO4 IA . -10.21 5.17 -25.26
P PO4 JA . 8.47 26.10 -27.04
O1 PO4 JA . 8.48 24.74 -27.68
O2 PO4 JA . 7.82 27.10 -27.98
O3 PO4 JA . 7.60 26.11 -25.80
O4 PO4 JA . 9.90 26.48 -26.73
#